data_3BJX
#
_entry.id   3BJX
#
_cell.length_a   68.323
_cell.length_b   111.864
_cell.length_c   75.181
_cell.angle_alpha   90.000
_cell.angle_beta   93.710
_cell.angle_gamma   90.000
#
_symmetry.space_group_name_H-M   'P 1 21 1'
#
loop_
_entity.id
_entity.type
_entity.pdbx_description
1 polymer 'Halocarboxylic acid dehalogenase DehI'
2 non-polymer 'SULFATE ION'
3 water water
#
_entity_poly.entity_id   1
_entity_poly.type   'polypeptide(L)'
_entity_poly.pdbx_seq_one_letter_code
;HHHHHSSGLVPRGSH(MSE)TNPAYFPQLSQLDVSGE(MSE)ESTYEDIRLTLRVPWVAFGCRVLATFPGYLPLAWRRSA
EALITRYAEQAADELRERSLLNIGPLPNLKERLYAAGFDDGEIEKVRRVLYAFNYGNPKYLLLITALSES(MSE)Q
(MSE)RPVGGAEVSSELRASIPKGHPKG(MSE)DPLLPLVDATKASTEVQGLLKRVADLHYHHGPASDFQALANWPKVLQ
IVTDEVLAPVARTEQYDAKSRELVTRARELVRGLPGSAGVQRSEL(MSE)S(MSE)LTPNELAGLTGVLF(MSE)YQRFI
ADITISIIHITECLDGAEAASKSPFPI
;
_entity_poly.pdbx_strand_id   A,B,C,D
#
loop_
_chem_comp.id
_chem_comp.type
_chem_comp.name
_chem_comp.formula
SO4 non-polymer 'SULFATE ION' 'O4 S -2'
#
# COMPACT_ATOMS: atom_id res chain seq x y z
N HIS A 1 -15.88 3.07 41.97
CA HIS A 1 -17.02 3.14 41.00
C HIS A 1 -16.56 2.76 39.61
N HIS A 2 -17.40 2.00 38.91
CA HIS A 2 -17.22 1.68 37.48
C HIS A 2 -18.28 2.43 36.67
N HIS A 3 -17.91 2.86 35.46
CA HIS A 3 -18.84 3.51 34.54
C HIS A 3 -19.50 2.52 33.59
N HIS A 4 -18.84 1.39 33.37
CA HIS A 4 -19.38 0.36 32.48
C HIS A 4 -20.14 -0.74 33.21
N HIS A 5 -21.46 -0.67 33.04
CA HIS A 5 -22.42 -1.53 33.73
C HIS A 5 -23.10 -2.49 32.75
N SER A 6 -22.31 -3.45 32.26
CA SER A 6 -22.82 -4.53 31.44
C SER A 6 -23.66 -5.49 32.31
N SER A 7 -24.50 -6.30 31.68
CA SER A 7 -25.36 -7.23 32.42
C SER A 7 -24.59 -8.45 32.94
N GLY A 8 -25.31 -9.35 33.61
CA GLY A 8 -24.78 -10.63 34.06
C GLY A 8 -24.49 -11.61 32.94
N LEU A 9 -24.84 -11.23 31.70
CA LEU A 9 -24.60 -12.10 30.54
C LEU A 9 -23.13 -12.07 30.08
N VAL A 10 -22.38 -11.03 30.48
CA VAL A 10 -20.92 -11.01 30.29
C VAL A 10 -20.21 -10.87 31.65
N PRO A 11 -18.93 -11.29 31.74
CA PRO A 11 -18.13 -10.90 32.92
C PRO A 11 -17.96 -9.38 33.07
N ARG A 12 -17.86 -8.93 34.31
CA ARG A 12 -17.46 -7.56 34.63
C ARG A 12 -16.04 -7.28 34.10
N GLY A 13 -15.94 -6.25 33.26
CA GLY A 13 -14.67 -5.84 32.65
C GLY A 13 -14.52 -6.21 31.19
N SER A 14 -15.46 -6.99 30.68
CA SER A 14 -15.42 -7.53 29.33
C SER A 14 -15.14 -6.52 28.24
N HIS A 15 -15.73 -5.33 28.38
CA HIS A 15 -15.65 -4.24 27.39
C HIS A 15 -14.20 -3.79 27.09
N MSE A 16 -13.32 -3.98 28.06
CA MSE A 16 -11.92 -3.63 27.93
C MSE A 16 -11.14 -4.62 27.04
O MSE A 16 -10.06 -4.30 26.57
CB MSE A 16 -11.29 -3.54 29.33
CG MSE A 16 -10.08 -2.63 29.42
SE MSE A 16 -10.56 -0.75 29.05
CE MSE A 16 -11.50 -0.35 30.75
N THR A 17 -11.70 -5.82 26.83
CA THR A 17 -11.18 -6.77 25.83
C THR A 17 -11.60 -6.42 24.39
N ASN A 18 -12.50 -5.44 24.26
CA ASN A 18 -13.04 -5.00 22.99
C ASN A 18 -11.97 -4.12 22.32
N PRO A 19 -11.42 -4.56 21.18
CA PRO A 19 -10.33 -3.83 20.50
C PRO A 19 -10.80 -2.51 19.86
N ALA A 20 -12.12 -2.34 19.73
CA ALA A 20 -12.70 -1.15 19.13
C ALA A 20 -13.12 -0.18 20.23
N TYR A 21 -12.95 -0.61 21.48
CA TYR A 21 -13.13 0.29 22.61
C TYR A 21 -11.78 0.85 23.07
N PHE A 22 -11.74 2.15 23.36
CA PHE A 22 -10.58 2.72 24.02
C PHE A 22 -11.05 3.48 25.25
N PRO A 23 -10.30 3.36 26.38
CA PRO A 23 -10.63 4.05 27.65
C PRO A 23 -10.94 5.54 27.48
N GLN A 24 -12.16 5.93 27.85
CA GLN A 24 -12.63 7.30 27.69
C GLN A 24 -13.85 7.52 28.62
N LEU A 25 -14.21 8.78 28.85
CA LEU A 25 -15.47 9.11 29.54
C LEU A 25 -16.49 9.57 28.49
N SER A 26 -17.60 8.84 28.38
CA SER A 26 -18.52 9.07 27.29
C SER A 26 -19.43 10.27 27.57
N GLN A 27 -20.04 10.80 26.51
CA GLN A 27 -20.90 11.99 26.59
C GLN A 27 -22.14 11.72 27.45
N LEU A 28 -22.55 10.46 27.46
CA LEU A 28 -23.68 10.00 28.27
C LEU A 28 -23.28 9.82 29.73
N ASP A 29 -22.15 9.17 29.96
CA ASP A 29 -21.67 8.84 31.31
C ASP A 29 -21.25 10.02 32.17
N VAL A 30 -20.81 11.09 31.53
CA VAL A 30 -20.25 12.27 32.18
C VAL A 30 -21.31 12.98 33.04
N SER A 31 -20.90 13.48 34.21
CA SER A 31 -21.80 14.23 35.13
C SER A 31 -21.07 15.40 35.80
N GLY A 32 -21.77 16.24 36.54
CA GLY A 32 -21.15 17.33 37.32
C GLY A 32 -20.49 18.42 36.47
N GLU A 33 -19.34 18.92 36.91
CA GLU A 33 -18.61 19.95 36.15
C GLU A 33 -18.11 19.43 34.78
N MSE A 34 -17.74 18.15 34.73
CA MSE A 34 -17.34 17.49 33.49
C MSE A 34 -18.46 17.51 32.43
O MSE A 34 -18.23 17.75 31.23
CB MSE A 34 -16.88 16.07 33.79
CG MSE A 34 -16.13 15.41 32.65
SE MSE A 34 -14.49 16.40 32.20
CE MSE A 34 -13.32 15.65 33.59
N GLU A 35 -19.68 17.25 32.87
CA GLU A 35 -20.83 17.29 32.00
C GLU A 35 -21.06 18.71 31.49
N SER A 36 -20.82 19.70 32.35
CA SER A 36 -20.96 21.11 32.00
C SER A 36 -19.94 21.52 30.96
N THR A 37 -18.68 21.16 31.23
CA THR A 37 -17.54 21.28 30.29
C THR A 37 -17.84 20.72 28.90
N TYR A 38 -18.25 19.45 28.82
CA TYR A 38 -18.67 18.79 27.58
C TYR A 38 -19.65 19.62 26.77
N GLU A 39 -20.74 20.03 27.40
CA GLU A 39 -21.77 20.87 26.78
C GLU A 39 -21.18 22.19 26.33
N ASP A 40 -20.36 22.80 27.18
CA ASP A 40 -19.71 24.06 26.85
C ASP A 40 -18.74 23.95 25.68
N ILE A 41 -17.97 22.85 25.63
CA ILE A 41 -17.10 22.57 24.47
C ILE A 41 -17.92 22.57 23.18
N ARG A 42 -19.04 21.86 23.16
CA ARG A 42 -19.92 21.76 21.98
C ARG A 42 -20.57 23.08 21.55
N LEU A 43 -21.00 23.91 22.50
CA LEU A 43 -21.65 25.19 22.20
C LEU A 43 -20.63 26.21 21.77
N THR A 44 -19.44 26.14 22.35
CA THR A 44 -18.36 27.11 22.06
C THR A 44 -17.70 26.81 20.72
N LEU A 45 -17.46 25.53 20.45
CA LEU A 45 -16.94 25.11 19.14
C LEU A 45 -18.01 24.93 18.04
N ARG A 46 -19.30 25.01 18.38
CA ARG A 46 -20.43 24.81 17.41
C ARG A 46 -20.29 23.44 16.74
N VAL A 47 -20.23 22.41 17.58
CA VAL A 47 -20.07 21.02 17.16
C VAL A 47 -21.01 20.13 17.95
N PRO A 48 -21.49 19.04 17.34
CA PRO A 48 -22.42 18.14 18.00
C PRO A 48 -21.77 16.90 18.67
N TRP A 49 -20.47 16.95 18.91
CA TRP A 49 -19.79 15.88 19.64
C TRP A 49 -18.63 16.46 20.46
N VAL A 50 -18.25 15.73 21.49
CA VAL A 50 -17.02 15.97 22.23
C VAL A 50 -15.96 15.03 21.67
N ALA A 51 -14.83 15.60 21.23
CA ALA A 51 -13.78 14.85 20.56
C ALA A 51 -13.35 13.67 21.42
N PHE A 52 -13.14 12.53 20.77
CA PHE A 52 -12.52 11.35 21.38
C PHE A 52 -11.33 11.77 22.27
N GLY A 53 -10.47 12.66 21.77
CA GLY A 53 -9.30 13.12 22.51
C GLY A 53 -9.65 13.79 23.82
N CYS A 54 -10.72 14.59 23.80
CA CYS A 54 -11.21 15.22 25.04
C CYS A 54 -11.77 14.20 26.02
N ARG A 55 -12.50 13.22 25.51
CA ARG A 55 -13.10 12.17 26.34
C ARG A 55 -12.06 11.31 27.04
N VAL A 56 -10.91 11.12 26.40
CA VAL A 56 -9.76 10.48 27.03
C VAL A 56 -9.11 11.37 28.10
N LEU A 57 -9.05 12.68 27.82
CA LEU A 57 -8.47 13.68 28.72
C LEU A 57 -9.32 13.86 29.95
N ALA A 58 -10.63 13.69 29.74
CA ALA A 58 -11.61 13.65 30.81
C ALA A 58 -11.33 12.58 31.87
N THR A 59 -10.50 11.58 31.55
CA THR A 59 -10.14 10.53 32.52
C THR A 59 -8.94 10.90 33.43
N PHE A 60 -8.34 12.06 33.19
CA PHE A 60 -7.25 12.61 34.02
C PHE A 60 -7.83 13.57 35.07
N PRO A 61 -7.61 13.29 36.37
CA PRO A 61 -8.29 14.11 37.39
C PRO A 61 -8.02 15.61 37.25
N GLY A 62 -9.09 16.39 37.16
CA GLY A 62 -9.09 17.84 37.18
C GLY A 62 -8.73 18.54 35.87
N TYR A 63 -8.10 17.81 34.96
CA TYR A 63 -7.42 18.46 33.84
C TYR A 63 -8.32 19.24 32.91
N LEU A 64 -9.28 18.55 32.31
CA LEU A 64 -10.04 19.07 31.17
C LEU A 64 -10.92 20.26 31.53
N PRO A 65 -11.63 20.22 32.68
CA PRO A 65 -12.39 21.41 33.04
C PRO A 65 -11.53 22.68 33.11
N LEU A 66 -10.33 22.54 33.70
CA LEU A 66 -9.39 23.65 33.82
C LEU A 66 -8.81 24.01 32.46
N ALA A 67 -8.22 23.03 31.77
CA ALA A 67 -7.71 23.21 30.40
C ALA A 67 -8.71 23.89 29.46
N TRP A 68 -9.96 23.43 29.46
CA TRP A 68 -10.97 24.09 28.62
C TRP A 68 -11.27 25.55 29.02
N ARG A 69 -11.35 25.79 30.34
CA ARG A 69 -11.65 27.12 30.89
C ARG A 69 -10.61 28.16 30.45
N ARG A 70 -9.39 27.72 30.24
CA ARG A 70 -8.29 28.61 29.90
C ARG A 70 -8.12 28.82 28.37
N SER A 71 -8.77 27.96 27.58
CA SER A 71 -8.67 27.98 26.13
C SER A 71 -9.95 28.46 25.44
N ALA A 72 -11.06 28.45 26.17
CA ALA A 72 -12.39 28.69 25.59
C ALA A 72 -12.54 30.04 24.88
N GLU A 73 -12.05 31.11 25.51
CA GLU A 73 -12.16 32.46 24.96
C GLU A 73 -11.40 32.61 23.66
N ALA A 74 -10.27 31.91 23.56
CA ALA A 74 -9.37 32.02 22.45
C ALA A 74 -9.94 31.25 21.27
N LEU A 75 -10.71 30.20 21.57
CA LEU A 75 -11.22 29.36 20.53
C LEU A 75 -12.55 29.85 19.95
N ILE A 76 -13.06 30.96 20.47
CA ILE A 76 -14.23 31.59 19.83
C ILE A 76 -13.90 32.86 19.06
N THR A 77 -12.61 33.14 18.93
CA THR A 77 -12.16 34.28 18.18
C THR A 77 -12.32 33.99 16.70
N ARG A 78 -12.57 35.04 15.90
CA ARG A 78 -12.49 34.98 14.47
C ARG A 78 -11.14 34.38 14.03
N TYR A 79 -10.06 34.75 14.72
CA TYR A 79 -8.75 34.16 14.49
C TYR A 79 -8.83 32.63 14.50
N ALA A 80 -9.35 32.05 15.57
CA ALA A 80 -9.44 30.60 15.68
C ALA A 80 -10.30 29.98 14.56
N GLU A 81 -11.35 30.67 14.16
CA GLU A 81 -12.24 30.20 13.08
C GLU A 81 -11.52 30.22 11.72
N GLN A 82 -10.81 31.30 11.46
CA GLN A 82 -10.01 31.45 10.25
C GLN A 82 -8.87 30.42 10.20
N ALA A 83 -8.24 30.19 11.35
CA ALA A 83 -7.21 29.18 11.56
C ALA A 83 -7.74 27.77 11.26
N ALA A 84 -8.92 27.43 11.75
CA ALA A 84 -9.56 26.15 11.43
C ALA A 84 -10.00 26.09 9.98
N ASP A 85 -10.46 27.21 9.42
CA ASP A 85 -10.78 27.33 8.00
C ASP A 85 -9.58 26.97 7.11
N GLU A 86 -8.40 27.54 7.43
CA GLU A 86 -7.16 27.29 6.67
C GLU A 86 -6.78 25.80 6.71
N LEU A 87 -6.68 25.25 7.93
CA LEU A 87 -6.38 23.83 8.14
C LEU A 87 -7.35 22.93 7.40
N ARG A 88 -8.65 23.24 7.45
CA ARG A 88 -9.65 22.51 6.65
C ARG A 88 -9.36 22.51 5.16
N GLU A 89 -9.00 23.66 4.62
CA GLU A 89 -8.66 23.82 3.22
C GLU A 89 -7.38 23.04 2.82
N ARG A 90 -6.32 23.16 3.63
CA ARG A 90 -5.08 22.42 3.44
C ARG A 90 -5.19 20.90 3.48
N SER A 91 -6.24 20.36 4.12
CA SER A 91 -6.47 18.90 4.26
C SER A 91 -6.63 18.15 2.94
N LEU A 92 -6.89 18.85 1.85
CA LEU A 92 -7.14 18.15 0.60
C LEU A 92 -5.87 17.45 0.07
N LEU A 93 -6.03 16.20 -0.33
CA LEU A 93 -4.96 15.46 -0.99
C LEU A 93 -5.03 15.64 -2.50
N ASN A 94 -3.88 15.94 -3.09
CA ASN A 94 -3.80 16.10 -4.53
C ASN A 94 -3.62 14.73 -5.16
N ILE A 95 -4.72 14.00 -5.31
CA ILE A 95 -4.65 12.60 -5.72
C ILE A 95 -5.15 12.36 -7.14
N GLY A 96 -6.45 12.54 -7.39
CA GLY A 96 -7.07 12.43 -8.73
C GLY A 96 -6.80 11.17 -9.59
N PRO A 97 -7.76 10.79 -10.48
CA PRO A 97 -9.18 11.15 -10.38
C PRO A 97 -9.72 10.36 -9.21
N LEU A 98 -10.91 10.67 -8.73
CA LEU A 98 -11.41 10.02 -7.51
C LEU A 98 -12.53 9.03 -7.77
N PRO A 99 -12.69 8.02 -6.89
CA PRO A 99 -13.91 7.21 -6.93
C PRO A 99 -15.15 8.10 -6.87
N ASN A 100 -16.12 7.91 -7.75
CA ASN A 100 -17.40 8.60 -7.59
C ASN A 100 -18.21 7.90 -6.49
N LEU A 101 -18.06 8.39 -5.25
CA LEU A 101 -18.65 7.75 -4.06
C LEU A 101 -20.18 7.74 -4.00
N LYS A 102 -20.82 8.76 -4.55
CA LYS A 102 -22.27 8.83 -4.62
C LYS A 102 -22.86 7.69 -5.46
N GLU A 103 -22.40 7.55 -6.72
CA GLU A 103 -22.79 6.41 -7.59
C GLU A 103 -22.49 5.05 -6.95
N ARG A 104 -21.39 4.97 -6.21
CA ARG A 104 -21.02 3.78 -5.43
C ARG A 104 -22.04 3.44 -4.36
N LEU A 105 -22.54 4.46 -3.67
CA LEU A 105 -23.52 4.27 -2.62
C LEU A 105 -24.88 3.95 -3.22
N TYR A 106 -25.20 4.52 -4.38
CA TYR A 106 -26.34 4.06 -5.18
C TYR A 106 -26.26 2.56 -5.40
N ALA A 107 -25.11 2.10 -5.92
CA ALA A 107 -24.87 0.70 -6.21
C ALA A 107 -25.00 -0.17 -4.98
N ALA A 108 -24.71 0.39 -3.82
CA ALA A 108 -24.98 -0.29 -2.55
C ALA A 108 -26.43 -0.03 -2.12
N GLY A 109 -27.12 0.78 -2.93
CA GLY A 109 -28.32 1.63 -2.60
C GLY A 109 -28.99 1.55 -1.26
N PHE A 110 -28.93 2.56 -0.39
CA PHE A 110 -28.70 4.03 -0.57
C PHE A 110 -29.33 4.88 -1.69
N ASP A 111 -30.34 5.63 -1.27
CA ASP A 111 -31.01 6.64 -2.10
C ASP A 111 -30.48 8.02 -1.70
N ASP A 112 -30.95 9.07 -2.38
CA ASP A 112 -30.51 10.45 -2.10
C ASP A 112 -30.74 10.86 -0.63
N GLY A 113 -31.87 10.47 -0.07
CA GLY A 113 -32.20 10.80 1.31
C GLY A 113 -31.25 10.19 2.33
N GLU A 114 -30.71 9.01 2.01
CA GLU A 114 -29.78 8.33 2.91
C GLU A 114 -28.35 8.86 2.77
N ILE A 115 -27.90 9.05 1.54
CA ILE A 115 -26.64 9.72 1.26
C ILE A 115 -26.57 11.14 1.91
N GLU A 116 -27.72 11.83 2.01
CA GLU A 116 -27.82 13.13 2.70
C GLU A 116 -27.56 13.02 4.20
N LYS A 117 -27.99 11.91 4.78
CA LYS A 117 -27.72 11.63 6.17
C LYS A 117 -26.25 11.39 6.44
N VAL A 118 -25.58 10.66 5.52
CA VAL A 118 -24.12 10.43 5.59
C VAL A 118 -23.41 11.79 5.47
N ARG A 119 -23.68 12.51 4.39
CA ARG A 119 -23.23 13.90 4.16
C ARG A 119 -23.35 14.86 5.37
N ARG A 120 -24.49 14.81 6.08
CA ARG A 120 -24.73 15.69 7.23
C ARG A 120 -23.70 15.44 8.31
N VAL A 121 -23.43 14.16 8.54
CA VAL A 121 -22.42 13.65 9.47
C VAL A 121 -21.02 14.03 9.00
N LEU A 122 -20.70 13.74 7.74
CA LEU A 122 -19.41 14.09 7.20
C LEU A 122 -19.12 15.59 7.40
N TYR A 123 -20.12 16.43 7.15
CA TYR A 123 -19.97 17.91 7.26
C TYR A 123 -19.77 18.43 8.67
N ALA A 124 -20.48 17.85 9.64
CA ALA A 124 -20.33 18.25 11.03
C ALA A 124 -18.90 17.99 11.49
N PHE A 125 -18.31 16.92 11.00
CA PHE A 125 -16.98 16.51 11.37
C PHE A 125 -15.93 17.32 10.65
N ASN A 126 -16.11 17.51 9.34
CA ASN A 126 -15.28 18.44 8.55
C ASN A 126 -15.16 19.81 9.20
N TYR A 127 -16.26 20.28 9.79
CA TYR A 127 -16.27 21.56 10.49
C TYR A 127 -15.52 21.56 11.83
N GLY A 128 -15.76 20.55 12.67
CA GLY A 128 -15.15 20.56 13.99
C GLY A 128 -13.76 19.98 14.08
N ASN A 129 -13.40 19.14 13.11
CA ASN A 129 -12.16 18.34 13.18
C ASN A 129 -10.93 19.24 13.26
N PRO A 130 -10.79 20.20 12.31
CA PRO A 130 -9.72 21.22 12.38
C PRO A 130 -9.79 22.09 13.65
N LYS A 131 -11.00 22.39 14.13
CA LYS A 131 -11.12 23.18 15.38
C LYS A 131 -10.51 22.42 16.56
N TYR A 132 -10.84 21.13 16.66
CA TYR A 132 -10.25 20.27 17.68
C TYR A 132 -8.75 20.10 17.54
N LEU A 133 -8.24 20.07 16.32
CA LEU A 133 -6.80 20.05 16.10
C LEU A 133 -6.08 21.27 16.73
N LEU A 134 -6.76 22.42 16.78
CA LEU A 134 -6.20 23.62 17.41
C LEU A 134 -6.23 23.52 18.92
N LEU A 135 -7.40 23.18 19.47
CA LEU A 135 -7.54 22.93 20.91
C LEU A 135 -6.44 21.98 21.42
N ILE A 136 -6.40 20.76 20.89
CA ILE A 136 -5.43 19.73 21.26
C ILE A 136 -3.98 20.21 21.09
N THR A 137 -3.72 20.96 20.02
CA THR A 137 -2.42 21.65 19.82
C THR A 137 -2.15 22.74 20.86
N ALA A 138 -3.13 23.60 21.20
CA ALA A 138 -2.91 24.61 22.27
C ALA A 138 -2.58 23.93 23.59
N LEU A 139 -3.34 22.88 23.90
CA LEU A 139 -3.10 22.03 25.06
C LEU A 139 -1.76 21.29 25.04
N SER A 140 -1.35 20.72 23.90
CA SER A 140 -0.15 19.90 23.87
C SER A 140 1.07 20.77 23.98
N GLU A 141 1.04 21.88 23.26
CA GLU A 141 2.16 22.81 23.21
C GLU A 141 2.49 23.42 24.58
N SER A 142 1.47 23.85 25.32
CA SER A 142 1.65 24.41 26.65
C SER A 142 2.01 23.34 27.70
N MSE A 143 1.38 22.17 27.58
CA MSE A 143 1.78 20.98 28.33
C MSE A 143 3.28 20.76 28.25
O MSE A 143 3.92 20.38 29.22
CB MSE A 143 1.06 19.75 27.79
CG MSE A 143 1.37 18.46 28.51
SE MSE A 143 1.04 18.60 30.45
CE MSE A 143 -0.78 19.32 30.41
N GLN A 144 3.85 21.00 27.07
CA GLN A 144 5.29 20.87 26.86
C GLN A 144 6.13 22.17 27.04
N MSE A 145 5.60 23.16 27.77
CA MSE A 145 6.34 24.39 28.12
C MSE A 145 6.83 25.23 26.91
O MSE A 145 7.96 25.78 26.90
CB MSE A 145 7.53 24.05 29.02
CG MSE A 145 7.25 23.03 30.09
SE MSE A 145 6.36 23.85 31.58
CE MSE A 145 7.78 25.06 32.20
N ARG A 146 6.00 25.30 25.89
CA ARG A 146 6.24 26.18 24.76
C ARG A 146 5.10 27.17 24.67
N PRO A 147 5.36 28.38 24.16
CA PRO A 147 4.36 29.45 24.25
C PRO A 147 3.10 29.26 23.37
N VAL A 148 1.97 29.65 23.93
CA VAL A 148 0.71 29.52 23.25
C VAL A 148 0.02 30.89 23.33
N GLY A 149 -0.14 31.53 22.17
CA GLY A 149 -0.78 32.83 22.10
C GLY A 149 0.05 34.00 22.62
N GLY A 150 -0.64 35.08 22.98
CA GLY A 150 0.00 36.32 23.43
C GLY A 150 0.37 37.17 22.24
N ALA A 151 -0.14 36.79 21.07
CA ALA A 151 0.23 37.45 19.85
C ALA A 151 -0.50 38.79 19.70
N GLU A 152 0.05 39.65 18.85
CA GLU A 152 -0.53 40.94 18.49
C GLU A 152 -1.45 40.79 17.29
N VAL A 153 -2.76 40.92 17.54
CA VAL A 153 -3.81 40.58 16.58
C VAL A 153 -4.81 41.76 16.47
N SER A 154 -5.28 42.03 15.26
CA SER A 154 -6.18 43.15 15.02
C SER A 154 -7.49 42.92 15.76
N SER A 155 -8.27 43.97 15.99
CA SER A 155 -9.57 43.83 16.68
C SER A 155 -10.53 42.83 15.99
N GLU A 156 -10.48 42.81 14.65
CA GLU A 156 -11.36 41.99 13.81
C GLU A 156 -11.16 40.49 14.03
N LEU A 157 -9.94 40.08 14.34
CA LEU A 157 -9.64 38.67 14.58
C LEU A 157 -9.77 38.30 16.06
N ARG A 158 -9.78 39.31 16.91
CA ARG A 158 -10.04 39.16 18.33
C ARG A 158 -11.53 39.06 18.62
N ALA A 159 -12.34 39.62 17.72
CA ALA A 159 -13.79 39.58 17.85
C ALA A 159 -14.21 38.13 18.01
N SER A 160 -15.27 37.88 18.74
CA SER A 160 -15.74 36.52 18.87
C SER A 160 -16.90 36.21 17.95
N ILE A 161 -17.07 34.93 17.69
CA ILE A 161 -18.21 34.39 16.97
C ILE A 161 -19.27 33.91 18.01
N PRO A 162 -20.57 33.85 17.62
CA PRO A 162 -21.60 33.33 18.52
C PRO A 162 -21.49 31.84 18.93
N LYS A 163 -21.72 31.57 20.21
CA LYS A 163 -21.92 30.21 20.74
C LYS A 163 -23.28 29.66 20.29
N GLY A 164 -23.34 28.34 20.13
CA GLY A 164 -24.57 27.63 19.75
C GLY A 164 -24.31 26.78 18.53
N HIS A 165 -25.36 26.20 17.96
CA HIS A 165 -25.20 25.37 16.76
C HIS A 165 -25.92 25.97 15.55
N PRO A 166 -25.28 25.95 14.37
CA PRO A 166 -25.90 26.45 13.12
C PRO A 166 -27.10 25.61 12.67
N LYS A 167 -28.00 26.24 11.90
CA LYS A 167 -29.29 25.69 11.45
C LYS A 167 -29.24 24.28 10.86
N GLY A 168 -28.26 24.00 10.02
CA GLY A 168 -28.18 22.69 9.36
C GLY A 168 -27.57 21.57 10.20
N MSE A 169 -27.56 21.74 11.52
CA MSE A 169 -26.84 20.85 12.40
C MSE A 169 -27.61 20.50 13.67
O MSE A 169 -28.05 21.37 14.43
CB MSE A 169 -25.48 21.46 12.74
CG MSE A 169 -24.54 20.53 13.43
SE MSE A 169 -23.17 21.58 14.29
CE MSE A 169 -21.74 21.48 12.96
N ASP A 170 -27.77 19.20 13.88
CA ASP A 170 -28.42 18.65 15.07
C ASP A 170 -27.45 18.82 16.22
N PRO A 171 -27.94 19.23 17.40
CA PRO A 171 -27.11 19.56 18.57
C PRO A 171 -26.20 18.43 19.08
N LEU A 172 -26.61 17.18 18.87
CA LEU A 172 -25.87 16.02 19.38
C LEU A 172 -25.95 14.82 18.43
N LEU A 173 -24.85 14.53 17.76
CA LEU A 173 -24.71 13.44 16.79
C LEU A 173 -24.60 12.07 17.48
N PRO A 174 -25.42 11.07 17.08
CA PRO A 174 -25.33 9.72 17.68
C PRO A 174 -24.12 8.88 17.25
N LEU A 175 -23.31 8.48 18.20
CA LEU A 175 -22.15 7.67 17.92
C LEU A 175 -22.41 6.26 18.42
N VAL A 176 -22.03 5.27 17.61
CA VAL A 176 -22.10 3.86 18.00
C VAL A 176 -21.15 3.58 19.17
N ASP A 177 -21.70 3.02 20.24
CA ASP A 177 -20.89 2.50 21.33
C ASP A 177 -20.26 1.16 20.92
N ALA A 178 -18.93 1.09 20.88
CA ALA A 178 -18.25 -0.13 20.46
C ALA A 178 -18.53 -1.29 21.43
N THR A 179 -18.83 -0.97 22.70
CA THR A 179 -19.16 -1.96 23.74
C THR A 179 -20.62 -2.47 23.71
N LYS A 180 -21.55 -1.75 23.09
CA LYS A 180 -22.91 -2.27 22.92
C LYS A 180 -23.11 -2.81 21.50
N ALA A 181 -22.01 -2.94 20.76
CA ALA A 181 -22.07 -3.19 19.29
C ALA A 181 -21.78 -4.63 18.90
N SER A 182 -22.29 -5.03 17.73
CA SER A 182 -22.10 -6.35 17.20
C SER A 182 -20.63 -6.60 16.85
N THR A 183 -20.29 -7.89 16.78
CA THR A 183 -19.05 -8.39 16.18
C THR A 183 -18.69 -7.71 14.85
N GLU A 184 -19.65 -7.62 13.93
CA GLU A 184 -19.41 -7.00 12.61
C GLU A 184 -18.89 -5.59 12.78
N VAL A 185 -19.61 -4.78 13.56
CA VAL A 185 -19.29 -3.36 13.82
C VAL A 185 -17.98 -3.16 14.63
N GLN A 186 -17.73 -4.04 15.61
CA GLN A 186 -16.49 -3.98 16.38
C GLN A 186 -15.34 -4.22 15.43
N GLY A 187 -15.51 -5.24 14.59
CA GLY A 187 -14.60 -5.52 13.49
C GLY A 187 -14.36 -4.34 12.58
N LEU A 188 -15.43 -3.64 12.20
CA LEU A 188 -15.33 -2.50 11.26
C LEU A 188 -14.54 -1.35 11.86
N LEU A 189 -14.81 -1.06 13.13
CA LEU A 189 -14.18 0.06 13.84
C LEU A 189 -12.71 -0.22 14.10
N LYS A 190 -12.42 -1.47 14.44
CA LYS A 190 -11.06 -1.88 14.70
C LYS A 190 -10.22 -1.89 13.43
N ARG A 191 -10.82 -2.31 12.31
CA ARG A 191 -10.15 -2.31 10.98
C ARG A 191 -9.76 -0.90 10.48
N VAL A 192 -10.63 0.08 10.69
CA VAL A 192 -10.34 1.43 10.20
C VAL A 192 -9.32 2.13 11.09
N ALA A 193 -9.38 1.84 12.40
CA ALA A 193 -8.39 2.28 13.35
C ALA A 193 -7.00 1.70 13.03
N ASP A 194 -6.90 0.36 12.91
CA ASP A 194 -5.66 -0.28 12.47
C ASP A 194 -5.17 0.25 11.12
N LEU A 195 -6.07 0.45 10.17
CA LEU A 195 -5.70 1.03 8.86
C LEU A 195 -4.85 2.31 8.96
N HIS A 196 -5.16 3.16 9.93
CA HIS A 196 -4.49 4.43 10.13
C HIS A 196 -3.34 4.30 11.14
N TYR A 197 -3.13 3.06 11.61
CA TYR A 197 -2.27 2.75 12.76
C TYR A 197 -2.62 3.63 13.95
N HIS A 198 -3.89 3.61 14.30
CA HIS A 198 -4.44 4.39 15.41
C HIS A 198 -4.73 3.49 16.62
N HIS A 199 -4.84 4.09 17.80
CA HIS A 199 -5.08 3.36 19.07
C HIS A 199 -6.56 2.96 19.20
N GLY A 200 -7.41 3.63 18.44
CA GLY A 200 -8.84 3.39 18.46
C GLY A 200 -9.55 4.11 17.32
N PRO A 201 -10.87 3.85 17.19
CA PRO A 201 -11.67 4.49 16.17
C PRO A 201 -12.11 5.93 16.54
N ALA A 202 -12.00 6.87 15.59
CA ALA A 202 -12.41 8.27 15.81
C ALA A 202 -13.91 8.34 15.92
N SER A 203 -14.42 9.37 16.60
CA SER A 203 -15.87 9.60 16.69
C SER A 203 -16.49 9.55 15.31
N ASP A 204 -15.69 9.95 14.32
CA ASP A 204 -16.11 10.02 12.92
C ASP A 204 -16.60 8.68 12.44
N PHE A 205 -15.83 7.65 12.80
CA PHE A 205 -16.09 6.26 12.44
C PHE A 205 -17.20 5.65 13.29
N GLN A 206 -17.28 6.03 14.57
CA GLN A 206 -18.47 5.69 15.39
C GLN A 206 -19.80 6.16 14.79
N ALA A 207 -19.75 7.29 14.10
CA ALA A 207 -20.94 7.93 13.62
C ALA A 207 -21.40 7.34 12.31
N LEU A 208 -20.45 6.91 11.49
CA LEU A 208 -20.74 6.35 10.17
C LEU A 208 -21.13 4.89 10.36
N ALA A 209 -20.61 4.28 11.43
CA ALA A 209 -21.00 2.92 11.86
C ALA A 209 -22.52 2.78 12.08
N ASN A 210 -23.25 3.90 12.13
CA ASN A 210 -24.71 3.88 12.06
C ASN A 210 -25.17 3.23 10.76
N TRP A 211 -24.39 3.41 9.72
CA TRP A 211 -24.64 2.72 8.46
C TRP A 211 -23.42 1.85 8.22
N PRO A 212 -23.38 0.66 8.86
CA PRO A 212 -22.22 -0.23 8.78
C PRO A 212 -21.66 -0.45 7.39
N LYS A 213 -22.50 -0.49 6.37
CA LYS A 213 -22.03 -0.74 4.99
C LYS A 213 -21.37 0.50 4.38
N VAL A 214 -21.80 1.69 4.79
CA VAL A 214 -21.15 2.95 4.41
C VAL A 214 -19.72 2.97 4.96
N LEU A 215 -19.60 2.59 6.24
CA LEU A 215 -18.32 2.55 6.92
C LEU A 215 -17.40 1.54 6.25
N GLN A 216 -17.94 0.38 5.89
CA GLN A 216 -17.17 -0.62 5.18
C GLN A 216 -16.60 -0.12 3.85
N ILE A 217 -17.47 0.42 3.00
CA ILE A 217 -17.12 0.97 1.69
C ILE A 217 -16.09 2.08 1.78
N VAL A 218 -16.31 3.04 2.68
CA VAL A 218 -15.37 4.16 2.83
C VAL A 218 -14.02 3.70 3.42
N THR A 219 -14.05 2.67 4.26
CA THR A 219 -12.83 2.10 4.83
C THR A 219 -12.03 1.36 3.76
N ASP A 220 -12.66 0.35 3.14
CA ASP A 220 -11.94 -0.62 2.27
C ASP A 220 -11.70 -0.12 0.85
N GLU A 221 -12.54 0.80 0.41
CA GLU A 221 -12.55 1.21 -0.98
C GLU A 221 -12.11 2.67 -1.16
N VAL A 222 -12.37 3.49 -0.15
CA VAL A 222 -12.00 4.91 -0.22
C VAL A 222 -10.69 5.15 0.56
N LEU A 223 -10.61 4.73 1.82
CA LEU A 223 -9.46 5.08 2.64
C LEU A 223 -8.27 4.13 2.51
N ALA A 224 -8.54 2.86 2.16
CA ALA A 224 -7.44 1.88 2.10
C ALA A 224 -6.30 2.26 1.14
N PRO A 225 -6.63 2.76 -0.09
CA PRO A 225 -5.52 3.15 -0.95
C PRO A 225 -4.81 4.44 -0.59
N VAL A 226 -5.36 5.24 0.33
CA VAL A 226 -4.79 6.55 0.64
C VAL A 226 -4.16 6.69 2.02
N ALA A 227 -4.81 6.13 3.03
CA ALA A 227 -4.34 6.23 4.40
C ALA A 227 -2.92 5.68 4.54
N ARG A 228 -2.11 6.34 5.37
CA ARG A 228 -0.71 5.97 5.62
C ARG A 228 0.22 5.86 4.39
N THR A 229 -0.18 6.43 3.26
CA THR A 229 0.71 6.56 2.11
C THR A 229 1.64 7.75 2.37
N GLU A 230 2.75 7.83 1.63
CA GLU A 230 3.71 8.92 1.74
C GLU A 230 3.04 10.29 1.69
N GLN A 231 2.23 10.49 0.65
CA GLN A 231 1.51 11.74 0.42
C GLN A 231 0.54 12.08 1.57
N TYR A 232 -0.09 11.03 2.12
CA TYR A 232 -0.98 11.16 3.28
C TYR A 232 -0.22 11.52 4.57
N ASP A 233 0.89 10.84 4.80
CA ASP A 233 1.73 11.12 5.95
C ASP A 233 2.26 12.55 5.86
N ALA A 234 2.71 12.93 4.67
CA ALA A 234 3.23 14.28 4.43
C ALA A 234 2.19 15.38 4.70
N LYS A 235 0.95 15.11 4.32
CA LYS A 235 -0.15 16.04 4.54
C LYS A 235 -0.49 16.18 6.03
N SER A 236 -0.49 15.05 6.75
CA SER A 236 -0.65 15.05 8.21
C SER A 236 0.46 15.86 8.93
N ARG A 237 1.73 15.61 8.59
CA ARG A 237 2.84 16.41 9.11
C ARG A 237 2.61 17.92 8.87
N GLU A 238 2.11 18.29 7.69
CA GLU A 238 1.81 19.69 7.36
C GLU A 238 0.72 20.32 8.23
N LEU A 239 -0.35 19.57 8.50
CA LEU A 239 -1.40 20.01 9.41
C LEU A 239 -0.91 20.14 10.82
N VAL A 240 -0.21 19.12 11.33
CA VAL A 240 0.38 19.15 12.68
C VAL A 240 1.23 20.42 12.88
N THR A 241 2.15 20.66 11.94
CA THR A 241 3.04 21.82 11.94
C THR A 241 2.27 23.13 11.83
N ARG A 242 1.42 23.25 10.82
CA ARG A 242 0.63 24.46 10.61
C ARG A 242 -0.23 24.85 11.83
N ALA A 243 -0.98 23.88 12.37
CA ALA A 243 -1.73 24.05 13.61
C ALA A 243 -0.87 24.52 14.79
N ARG A 244 0.37 24.05 14.85
CA ARG A 244 1.39 24.45 15.85
C ARG A 244 1.67 25.94 15.73
N GLU A 245 1.88 26.43 14.51
CA GLU A 245 2.12 27.85 14.26
C GLU A 245 0.87 28.66 14.56
N LEU A 246 -0.28 28.16 14.12
CA LEU A 246 -1.53 28.84 14.35
C LEU A 246 -1.77 29.04 15.85
N VAL A 247 -1.44 28.07 16.69
CA VAL A 247 -1.66 28.31 18.15
C VAL A 247 -0.69 29.31 18.78
N ARG A 248 0.51 29.44 18.22
CA ARG A 248 1.49 30.46 18.65
C ARG A 248 0.97 31.87 18.45
N GLY A 249 0.27 32.06 17.33
CA GLY A 249 -0.25 33.37 16.90
C GLY A 249 -1.60 33.67 17.49
N LEU A 250 -2.11 32.80 18.34
CA LEU A 250 -3.40 33.04 18.95
C LEU A 250 -3.37 34.37 19.73
N PRO A 251 -4.51 35.11 19.72
CA PRO A 251 -4.63 36.22 20.67
C PRO A 251 -4.98 35.66 22.05
N GLY A 252 -4.53 36.33 23.11
CA GLY A 252 -4.79 35.87 24.45
C GLY A 252 -3.99 34.64 24.80
N SER A 253 -4.55 33.80 25.65
CA SER A 253 -3.90 32.58 26.13
C SER A 253 -4.81 31.38 25.92
N ALA A 254 -4.19 30.22 25.83
CA ALA A 254 -4.88 28.97 25.70
C ALA A 254 -4.02 27.93 26.39
N GLY A 255 -4.59 26.77 26.65
CA GLY A 255 -3.85 25.68 27.28
C GLY A 255 -3.51 25.95 28.73
N VAL A 256 -2.71 25.06 29.31
CA VAL A 256 -2.20 25.21 30.69
C VAL A 256 -0.82 24.53 30.78
N GLN A 257 0.16 25.29 31.28
CA GLN A 257 1.56 24.85 31.31
C GLN A 257 1.72 23.73 32.32
N ARG A 258 2.65 22.81 32.07
CA ARG A 258 2.85 21.63 32.92
C ARG A 258 3.30 21.97 34.34
N SER A 259 4.02 23.08 34.48
CA SER A 259 4.42 23.57 35.79
C SER A 259 3.21 23.87 36.68
N GLU A 260 2.13 24.35 36.08
CA GLU A 260 0.94 24.72 36.85
C GLU A 260 0.06 23.55 37.27
N LEU A 261 0.42 22.34 36.86
CA LEU A 261 -0.41 21.17 37.13
C LEU A 261 0.26 20.24 38.12
N MSE A 262 1.41 20.68 38.66
CA MSE A 262 2.16 19.94 39.68
C MSE A 262 1.34 19.66 40.94
O MSE A 262 1.36 18.55 41.45
CB MSE A 262 3.45 20.69 40.02
CG MSE A 262 4.76 20.01 39.55
SE MSE A 262 5.02 19.79 37.60
CE MSE A 262 6.95 19.49 37.53
N SER A 263 0.60 20.68 41.40
CA SER A 263 -0.35 20.53 42.52
C SER A 263 -1.56 19.63 42.19
N MSE A 264 -1.88 19.53 40.91
CA MSE A 264 -3.09 18.87 40.43
C MSE A 264 -2.95 17.38 40.09
O MSE A 264 -3.82 16.57 40.43
CB MSE A 264 -3.62 19.61 39.20
CG MSE A 264 -4.84 20.46 39.43
SE MSE A 264 -5.95 20.50 37.80
CE MSE A 264 -5.58 18.67 37.19
N LEU A 265 -1.87 17.03 39.39
CA LEU A 265 -1.70 15.68 38.83
C LEU A 265 -0.41 15.06 39.32
N THR A 266 -0.36 13.73 39.36
CA THR A 266 0.87 12.99 39.69
C THR A 266 1.85 13.00 38.51
N PRO A 267 3.15 12.77 38.79
CA PRO A 267 4.14 12.70 37.70
C PRO A 267 3.71 11.80 36.55
N ASN A 268 3.31 10.59 36.92
CA ASN A 268 2.77 9.59 36.02
C ASN A 268 1.65 10.13 35.16
N GLU A 269 0.69 10.81 35.78
CA GLU A 269 -0.44 11.41 35.05
C GLU A 269 0.01 12.48 34.06
N LEU A 270 1.01 13.25 34.46
CA LEU A 270 1.54 14.35 33.65
C LEU A 270 2.32 13.84 32.45
N ALA A 271 2.96 12.69 32.62
CA ALA A 271 3.63 11.96 31.56
C ALA A 271 2.63 11.36 30.58
N GLY A 272 1.51 10.85 31.11
CA GLY A 272 0.47 10.17 30.30
C GLY A 272 -0.32 11.21 29.53
N LEU A 273 -0.66 12.27 30.23
CA LEU A 273 -1.26 13.44 29.64
C LEU A 273 -0.41 14.06 28.47
N THR A 274 0.89 14.17 28.69
CA THR A 274 1.81 14.67 27.66
C THR A 274 1.77 13.78 26.44
N GLY A 275 1.84 12.46 26.67
CA GLY A 275 1.83 11.44 25.60
C GLY A 275 0.49 11.38 24.89
N VAL A 276 -0.57 11.60 25.63
CA VAL A 276 -1.93 11.58 25.08
C VAL A 276 -2.17 12.77 24.13
N LEU A 277 -1.72 13.95 24.56
CA LEU A 277 -1.80 15.18 23.74
C LEU A 277 -0.97 15.09 22.46
N PHE A 278 0.26 14.63 22.58
CA PHE A 278 1.12 14.32 21.43
C PHE A 278 0.38 13.44 20.42
N MSE A 279 -0.04 12.27 20.87
CA MSE A 279 -0.81 11.35 20.04
C MSE A 279 -2.04 11.96 19.35
O MSE A 279 -2.33 11.64 18.20
CB MSE A 279 -1.24 10.17 20.89
CG MSE A 279 -1.91 9.08 20.12
SE MSE A 279 -2.07 7.50 21.19
CE MSE A 279 -3.42 8.11 22.52
N TYR A 280 -2.79 12.77 20.07
CA TYR A 280 -4.01 13.34 19.49
C TYR A 280 -3.78 14.47 18.48
N GLN A 281 -2.66 15.18 18.55
CA GLN A 281 -2.26 16.07 17.43
C GLN A 281 -2.26 15.33 16.10
N ARG A 282 -1.63 14.15 16.09
CA ARG A 282 -1.47 13.36 14.86
C ARG A 282 -2.76 12.64 14.49
N PHE A 283 -3.51 12.22 15.51
CA PHE A 283 -4.75 11.48 15.33
C PHE A 283 -5.78 12.34 14.63
N ILE A 284 -6.00 13.54 15.20
CA ILE A 284 -6.93 14.53 14.65
C ILE A 284 -6.50 14.97 13.26
N ALA A 285 -5.24 15.35 13.09
CA ALA A 285 -4.70 15.63 11.74
C ALA A 285 -5.08 14.49 10.78
N ASP A 286 -4.77 13.24 11.13
CA ASP A 286 -5.06 12.09 10.24
C ASP A 286 -6.53 12.03 9.91
N ILE A 287 -7.37 12.16 10.95
CA ILE A 287 -8.81 12.04 10.78
C ILE A 287 -9.35 13.21 10.01
N THR A 288 -8.85 14.42 10.29
CA THR A 288 -9.21 15.60 9.51
C THR A 288 -9.03 15.32 8.00
N ILE A 289 -7.90 14.73 7.63
CA ILE A 289 -7.64 14.38 6.23
C ILE A 289 -8.55 13.28 5.67
N SER A 290 -8.74 12.19 6.44
CA SER A 290 -9.43 11.01 5.93
C SER A 290 -10.89 11.32 5.55
N ILE A 291 -11.53 12.12 6.41
CA ILE A 291 -12.96 12.45 6.30
C ILE A 291 -13.20 13.50 5.24
N ILE A 292 -12.31 14.48 5.14
CA ILE A 292 -12.36 15.41 4.03
C ILE A 292 -12.13 14.67 2.72
N HIS A 293 -11.22 13.68 2.72
CA HIS A 293 -11.07 12.82 1.55
C HIS A 293 -12.33 12.10 1.13
N ILE A 294 -13.00 11.45 2.07
CA ILE A 294 -14.28 10.80 1.78
C ILE A 294 -15.30 11.82 1.25
N THR A 295 -15.41 12.97 1.91
CA THR A 295 -16.28 14.06 1.47
C THR A 295 -16.01 14.49 0.04
N GLU A 296 -14.74 14.57 -0.32
CA GLU A 296 -14.32 14.98 -1.65
C GLU A 296 -14.74 13.95 -2.72
N CYS A 297 -14.65 12.68 -2.37
CA CYS A 297 -15.06 11.61 -3.27
C CYS A 297 -16.55 11.64 -3.47
N LEU A 298 -17.26 12.23 -2.51
CA LEU A 298 -18.72 12.34 -2.59
C LEU A 298 -19.18 13.59 -3.33
N ASP A 299 -18.68 14.76 -2.92
CA ASP A 299 -19.18 16.06 -3.37
C ASP A 299 -18.18 16.92 -4.15
N GLY A 300 -16.90 16.53 -4.16
CA GLY A 300 -15.87 17.34 -4.80
C GLY A 300 -15.08 18.24 -3.87
N ALA A 301 -14.10 18.94 -4.44
CA ALA A 301 -13.07 19.61 -3.67
C ALA A 301 -13.51 20.88 -3.00
N GLU A 302 -14.48 21.58 -3.60
CA GLU A 302 -14.93 22.85 -3.05
C GLU A 302 -15.88 22.61 -1.89
N ALA A 303 -16.81 21.68 -2.10
CA ALA A 303 -17.74 21.26 -1.06
C ALA A 303 -16.99 20.67 0.13
N ALA A 304 -15.90 19.96 -0.15
CA ALA A 304 -15.10 19.30 0.88
C ALA A 304 -14.33 20.27 1.76
N SER A 305 -13.77 21.30 1.13
CA SER A 305 -12.79 22.18 1.77
C SER A 305 -13.29 23.54 2.30
N LYS A 306 -14.46 23.97 1.81
CA LYS A 306 -15.09 25.17 2.31
C LYS A 306 -15.82 24.87 3.64
N SER A 307 -16.00 25.88 4.48
CA SER A 307 -16.60 25.69 5.81
C SER A 307 -18.03 25.28 5.60
N PRO A 308 -18.40 24.07 6.08
CA PRO A 308 -19.76 23.59 5.83
C PRO A 308 -20.80 24.46 6.53
N PHE A 309 -20.38 25.16 7.58
CA PHE A 309 -21.25 26.00 8.41
C PHE A 309 -20.62 27.39 8.64
N PRO A 310 -20.65 28.25 7.59
CA PRO A 310 -20.08 29.61 7.59
C PRO A 310 -20.58 30.48 8.75
N ILE A 311 -19.63 31.17 9.39
CA ILE A 311 -19.94 32.03 10.52
N THR B 17 9.85 21.23 37.60
CA THR B 17 9.02 22.47 37.39
C THR B 17 9.71 23.39 36.38
N ASN B 18 11.03 23.30 36.32
CA ASN B 18 11.84 23.89 35.26
C ASN B 18 11.64 23.09 33.96
N PRO B 19 11.69 23.76 32.80
CA PRO B 19 11.22 23.09 31.59
C PRO B 19 12.15 21.99 31.00
N ALA B 20 13.41 21.97 31.43
CA ALA B 20 14.35 20.93 30.95
C ALA B 20 14.10 19.54 31.60
N TYR B 21 13.32 19.53 32.69
CA TYR B 21 12.93 18.29 33.36
C TYR B 21 11.55 17.72 32.96
N PHE B 22 11.52 16.43 32.65
CA PHE B 22 10.28 15.69 32.49
C PHE B 22 10.17 14.50 33.48
N PRO B 23 9.00 14.32 34.14
CA PRO B 23 8.71 13.17 35.00
C PRO B 23 9.27 11.81 34.52
N GLN B 24 10.04 11.16 35.40
CA GLN B 24 10.71 9.89 35.12
C GLN B 24 11.28 9.34 36.42
N LEU B 25 11.76 8.11 36.36
CA LEU B 25 12.38 7.48 37.49
C LEU B 25 13.83 7.20 37.09
N SER B 26 14.75 7.85 37.77
CA SER B 26 16.14 7.83 37.34
C SER B 26 16.87 6.51 37.61
N GLN B 27 17.99 6.30 36.91
CA GLN B 27 18.82 5.12 37.07
C GLN B 27 19.38 5.04 38.49
N LEU B 28 19.55 6.22 39.08
CA LEU B 28 20.00 6.36 40.47
C LEU B 28 18.94 6.03 41.53
N ASP B 29 17.70 6.48 41.32
CA ASP B 29 16.67 6.34 42.34
C ASP B 29 16.02 4.97 42.35
N VAL B 30 16.07 4.31 41.21
CA VAL B 30 15.42 3.01 41.00
C VAL B 30 15.81 2.00 42.09
N SER B 31 14.84 1.18 42.51
CA SER B 31 15.01 0.20 43.59
C SER B 31 13.99 -0.91 43.50
N GLY B 32 14.38 -2.09 43.97
CA GLY B 32 13.48 -3.26 43.98
C GLY B 32 13.61 -4.03 42.68
N GLU B 33 12.47 -4.53 42.19
CA GLU B 33 12.39 -5.22 40.90
C GLU B 33 12.73 -4.27 39.76
N MSE B 34 12.33 -3.00 39.89
CA MSE B 34 12.58 -1.98 38.89
C MSE B 34 14.09 -1.77 38.62
O MSE B 34 14.47 -1.61 37.47
CB MSE B 34 11.88 -0.66 39.30
CG MSE B 34 11.65 0.34 38.17
SE MSE B 34 10.40 -0.24 36.75
CE MSE B 34 8.67 -0.07 37.65
N GLU B 35 14.92 -1.78 39.67
CA GLU B 35 16.38 -1.67 39.55
C GLU B 35 16.97 -2.87 38.81
N SER B 36 16.42 -4.05 39.11
CA SER B 36 16.79 -5.28 38.45
C SER B 36 16.37 -5.29 36.98
N THR B 37 15.22 -4.66 36.70
CA THR B 37 14.74 -4.51 35.33
C THR B 37 15.71 -3.62 34.52
N TYR B 38 16.00 -2.43 35.03
CA TYR B 38 16.99 -1.51 34.46
C TYR B 38 18.36 -2.16 34.15
N GLU B 39 18.89 -2.96 35.08
CA GLU B 39 20.23 -3.58 34.91
C GLU B 39 20.18 -4.63 33.79
N ASP B 40 19.13 -5.46 33.81
CA ASP B 40 18.89 -6.46 32.76
C ASP B 40 18.63 -5.86 31.38
N ILE B 41 17.98 -4.70 31.31
CA ILE B 41 17.81 -3.97 30.05
C ILE B 41 19.19 -3.59 29.51
N ARG B 42 19.99 -2.92 30.35
CA ARG B 42 21.39 -2.59 30.03
C ARG B 42 22.23 -3.80 29.62
N LEU B 43 22.18 -4.87 30.42
CA LEU B 43 22.90 -6.09 30.05
C LEU B 43 22.36 -6.75 28.78
N THR B 44 21.05 -6.77 28.60
CA THR B 44 20.46 -7.50 27.46
C THR B 44 20.63 -6.79 26.12
N LEU B 45 20.39 -5.48 26.10
CA LEU B 45 20.61 -4.69 24.89
C LEU B 45 22.11 -4.36 24.65
N ARG B 46 22.93 -4.41 25.71
CA ARG B 46 24.36 -4.11 25.67
C ARG B 46 24.54 -2.62 25.48
N VAL B 47 23.92 -1.84 26.36
CA VAL B 47 23.88 -0.37 26.25
C VAL B 47 24.22 0.27 27.60
N PRO B 48 24.92 1.41 27.60
CA PRO B 48 25.28 2.13 28.84
C PRO B 48 24.24 3.07 29.49
N TRP B 49 22.96 2.97 29.10
CA TRP B 49 21.92 3.79 29.71
C TRP B 49 20.60 3.06 29.49
N VAL B 50 19.69 3.26 30.43
CA VAL B 50 18.29 2.88 30.30
C VAL B 50 17.57 4.09 29.71
N ALA B 51 16.90 3.87 28.57
CA ALA B 51 16.27 4.94 27.82
C ALA B 51 15.28 5.75 28.63
N PHE B 52 15.35 7.06 28.44
CA PHE B 52 14.35 8.06 28.86
C PHE B 52 12.91 7.53 28.72
N GLY B 53 12.53 7.09 27.51
CA GLY B 53 11.27 6.34 27.28
C GLY B 53 10.94 5.32 28.36
N CYS B 54 11.87 4.38 28.60
CA CYS B 54 11.76 3.38 29.67
C CYS B 54 11.67 3.95 31.10
N ARG B 55 12.45 5.00 31.38
CA ARG B 55 12.49 5.67 32.71
C ARG B 55 11.17 6.31 33.07
N VAL B 56 10.44 6.71 32.04
CA VAL B 56 9.11 7.31 32.13
C VAL B 56 8.07 6.20 32.19
N LEU B 57 8.28 5.16 31.39
CA LEU B 57 7.44 3.97 31.46
C LEU B 57 7.47 3.29 32.82
N ALA B 58 8.52 3.56 33.59
CA ALA B 58 8.72 2.96 34.89
C ALA B 58 7.91 3.68 35.99
N THR B 59 7.21 4.75 35.61
CA THR B 59 6.40 5.53 36.57
C THR B 59 4.99 4.95 36.69
N PHE B 60 4.60 4.10 35.73
CA PHE B 60 3.32 3.39 35.72
C PHE B 60 3.52 2.07 36.51
N PRO B 61 2.65 1.78 37.49
CA PRO B 61 2.82 0.60 38.37
C PRO B 61 2.87 -0.76 37.64
N GLY B 62 3.94 -1.52 37.86
CA GLY B 62 4.11 -2.89 37.33
C GLY B 62 4.39 -3.07 35.85
N TYR B 63 4.21 -2.00 35.07
CA TYR B 63 4.27 -2.16 33.62
C TYR B 63 5.63 -2.56 33.09
N LEU B 64 6.67 -1.79 33.43
CA LEU B 64 7.95 -1.99 32.75
C LEU B 64 8.63 -3.35 33.02
N PRO B 65 8.70 -3.78 34.30
CA PRO B 65 9.20 -5.12 34.63
C PRO B 65 8.51 -6.20 33.81
N LEU B 66 7.18 -6.13 33.73
CA LEU B 66 6.40 -7.13 32.99
C LEU B 66 6.68 -7.08 31.50
N ALA B 67 6.56 -5.88 30.94
CA ALA B 67 6.80 -5.61 29.54
C ALA B 67 8.20 -6.04 29.09
N TRP B 68 9.22 -5.74 29.89
CA TRP B 68 10.59 -6.20 29.60
C TRP B 68 10.76 -7.74 29.61
N ARG B 69 10.40 -8.38 30.73
CA ARG B 69 10.30 -9.85 30.85
C ARG B 69 9.80 -10.50 29.56
N ARG B 70 8.65 -10.03 29.06
CA ARG B 70 8.00 -10.68 27.92
C ARG B 70 8.56 -10.22 26.57
N SER B 71 9.58 -9.36 26.60
CA SER B 71 10.26 -8.92 25.37
C SER B 71 11.77 -9.22 25.28
N ALA B 72 12.40 -9.58 26.40
CA ALA B 72 13.87 -9.69 26.47
C ALA B 72 14.48 -10.74 25.53
N GLU B 73 13.80 -11.87 25.42
CA GLU B 73 14.29 -12.98 24.59
C GLU B 73 14.12 -12.72 23.09
N ALA B 74 13.07 -12.00 22.73
CA ALA B 74 12.90 -11.53 21.36
C ALA B 74 14.03 -10.56 21.03
N LEU B 75 14.36 -9.72 22.01
CA LEU B 75 15.30 -8.62 21.83
C LEU B 75 16.77 -8.97 22.00
N ILE B 76 17.07 -10.21 22.34
CA ILE B 76 18.47 -10.67 22.37
C ILE B 76 18.82 -11.60 21.20
N THR B 77 17.85 -11.82 20.30
CA THR B 77 18.04 -12.66 19.13
C THR B 77 18.86 -11.94 18.09
N ARG B 78 19.47 -12.72 17.21
CA ARG B 78 20.25 -12.21 16.10
C ARG B 78 19.38 -11.46 15.09
N TYR B 79 18.11 -11.86 14.96
CA TYR B 79 17.15 -11.14 14.15
C TYR B 79 17.08 -9.68 14.62
N ALA B 80 16.86 -9.49 15.93
CA ALA B 80 16.73 -8.16 16.56
C ALA B 80 17.99 -7.31 16.40
N GLU B 81 19.14 -7.96 16.51
CA GLU B 81 20.43 -7.29 16.36
C GLU B 81 20.56 -6.80 14.92
N GLN B 82 20.20 -7.67 13.99
CA GLN B 82 20.27 -7.38 12.56
C GLN B 82 19.20 -6.37 12.12
N ALA B 83 18.04 -6.42 12.79
CA ALA B 83 17.00 -5.39 12.64
C ALA B 83 17.50 -3.99 13.07
N ALA B 84 18.00 -3.86 14.29
CA ALA B 84 18.66 -2.62 14.75
C ALA B 84 19.78 -2.13 13.82
N ASP B 85 20.57 -3.08 13.31
CA ASP B 85 21.63 -2.81 12.32
C ASP B 85 21.11 -2.11 11.07
N GLU B 86 19.97 -2.61 10.56
CA GLU B 86 19.29 -2.05 9.40
C GLU B 86 18.80 -0.63 9.66
N LEU B 87 18.18 -0.44 10.82
CA LEU B 87 17.55 0.84 11.16
C LEU B 87 18.59 1.92 11.32
N ARG B 88 19.76 1.53 11.82
CA ARG B 88 20.92 2.39 11.97
C ARG B 88 21.46 2.84 10.60
N GLU B 89 21.58 1.89 9.65
CA GLU B 89 22.05 2.17 8.29
C GLU B 89 21.09 3.07 7.51
N ARG B 90 19.78 2.84 7.71
CA ARG B 90 18.75 3.66 7.08
C ARG B 90 18.73 5.12 7.56
N SER B 91 19.51 5.45 8.59
CA SER B 91 19.37 6.73 9.34
C SER B 91 20.04 7.96 8.75
N LEU B 92 20.98 7.74 7.84
CA LEU B 92 21.68 8.82 7.16
C LEU B 92 20.72 9.65 6.34
N LEU B 93 20.83 10.96 6.53
CA LEU B 93 20.20 11.94 5.69
C LEU B 93 21.18 12.26 4.57
N ASN B 94 20.65 12.43 3.38
CA ASN B 94 21.47 12.83 2.28
C ASN B 94 21.21 14.32 2.10
N ILE B 95 21.96 15.11 2.86
CA ILE B 95 21.74 16.56 2.97
C ILE B 95 22.77 17.39 2.16
N GLY B 96 23.86 16.76 1.73
CA GLY B 96 24.91 17.45 0.99
C GLY B 96 26.22 17.46 1.75
N PRO B 97 27.10 18.44 1.47
CA PRO B 97 28.41 18.52 2.17
C PRO B 97 28.26 18.95 3.64
N LEU B 98 29.09 18.38 4.52
CA LEU B 98 28.88 18.53 5.96
C LEU B 98 29.92 19.42 6.67
N PRO B 99 29.50 20.10 7.76
CA PRO B 99 30.48 20.69 8.67
C PRO B 99 31.49 19.62 9.11
N ASN B 100 32.77 19.95 9.03
CA ASN B 100 33.81 19.10 9.57
C ASN B 100 33.85 19.32 11.08
N LEU B 101 33.22 18.40 11.81
CA LEU B 101 33.03 18.55 13.25
C LEU B 101 34.31 18.27 14.03
N LYS B 102 35.19 17.44 13.47
CA LYS B 102 36.50 17.20 14.07
C LYS B 102 37.28 18.52 14.15
N GLU B 103 37.41 19.21 13.02
CA GLU B 103 38.17 20.46 12.91
C GLU B 103 37.45 21.63 13.59
N ARG B 104 36.14 21.51 13.73
CA ARG B 104 35.36 22.50 14.49
C ARG B 104 35.59 22.37 15.98
N LEU B 105 35.76 21.14 16.45
CA LEU B 105 35.97 20.90 17.87
C LEU B 105 37.39 21.30 18.29
N TYR B 106 38.38 21.01 17.44
CA TYR B 106 39.73 21.55 17.58
C TYR B 106 39.70 23.08 17.71
N ALA B 107 39.00 23.72 16.77
CA ALA B 107 38.81 25.18 16.82
C ALA B 107 38.19 25.67 18.13
N ALA B 108 37.44 24.80 18.81
CA ALA B 108 36.71 25.20 20.02
C ALA B 108 37.46 24.87 21.31
N GLY B 109 38.67 24.33 21.16
CA GLY B 109 39.53 24.08 22.31
C GLY B 109 39.53 22.65 22.82
N PHE B 110 39.03 21.71 22.02
CA PHE B 110 39.10 20.28 22.35
C PHE B 110 40.31 19.61 21.71
N ASP B 111 40.95 18.70 22.47
CA ASP B 111 42.04 17.86 21.92
C ASP B 111 41.55 16.46 21.50
N ASP B 112 42.48 15.61 21.05
CA ASP B 112 42.15 14.25 20.61
C ASP B 112 41.53 13.36 21.68
N GLY B 113 42.01 13.49 22.92
CA GLY B 113 41.51 12.68 24.03
C GLY B 113 40.05 12.99 24.34
N GLU B 114 39.69 14.26 24.22
CA GLU B 114 38.35 14.72 24.56
C GLU B 114 37.35 14.43 23.45
N ILE B 115 37.82 14.49 22.21
CA ILE B 115 37.01 14.10 21.06
C ILE B 115 36.75 12.59 21.09
N GLU B 116 37.75 11.84 21.56
CA GLU B 116 37.61 10.40 21.81
C GLU B 116 36.60 10.07 22.90
N LYS B 117 36.53 10.91 23.94
CA LYS B 117 35.50 10.78 24.96
C LYS B 117 34.10 11.04 24.39
N VAL B 118 33.96 12.10 23.59
CA VAL B 118 32.71 12.41 22.87
C VAL B 118 32.32 11.30 21.87
N ARG B 119 33.27 10.88 21.02
CA ARG B 119 33.09 9.70 20.15
C ARG B 119 32.48 8.50 20.85
N ARG B 120 33.17 7.98 21.88
CA ARG B 120 32.69 6.91 22.75
C ARG B 120 31.22 7.02 23.17
N VAL B 121 30.76 8.25 23.43
CA VAL B 121 29.37 8.53 23.83
C VAL B 121 28.45 8.48 22.60
N LEU B 122 28.85 9.13 21.51
CA LEU B 122 28.11 9.06 20.26
C LEU B 122 27.89 7.63 19.75
N TYR B 123 28.93 6.80 19.84
CA TYR B 123 28.89 5.41 19.33
C TYR B 123 28.01 4.52 20.20
N ALA B 124 28.07 4.74 21.52
CA ALA B 124 27.21 4.09 22.49
C ALA B 124 25.76 4.32 22.15
N PHE B 125 25.41 5.59 21.97
CA PHE B 125 24.07 5.98 21.57
C PHE B 125 23.65 5.48 20.17
N ASN B 126 24.49 5.69 19.16
CA ASN B 126 24.20 5.14 17.84
C ASN B 126 23.85 3.67 17.90
N TYR B 127 24.59 2.93 18.71
CA TYR B 127 24.33 1.51 18.95
C TYR B 127 22.99 1.19 19.58
N GLY B 128 22.74 1.78 20.75
CA GLY B 128 21.54 1.49 21.52
C GLY B 128 20.24 2.01 20.94
N ASN B 129 20.25 3.27 20.49
CA ASN B 129 19.07 3.97 20.00
C ASN B 129 18.09 3.18 19.11
N PRO B 130 18.58 2.56 18.01
CA PRO B 130 17.65 1.77 17.22
C PRO B 130 17.13 0.51 17.93
N LYS B 131 17.85 0.00 18.95
CA LYS B 131 17.37 -1.14 19.74
C LYS B 131 16.18 -0.72 20.61
N TYR B 132 16.32 0.45 21.23
CA TYR B 132 15.25 1.07 22.01
C TYR B 132 14.03 1.42 21.18
N LEU B 133 14.24 1.74 19.91
CA LEU B 133 13.13 1.99 18.98
C LEU B 133 12.35 0.70 18.73
N LEU B 134 13.04 -0.41 18.53
CA LEU B 134 12.43 -1.72 18.32
C LEU B 134 11.67 -2.19 19.55
N LEU B 135 12.25 -1.95 20.73
CA LEU B 135 11.61 -2.28 22.00
C LEU B 135 10.33 -1.47 22.27
N ILE B 136 10.42 -0.16 22.10
CA ILE B 136 9.25 0.71 22.28
C ILE B 136 8.19 0.54 21.19
N THR B 137 8.62 0.21 19.96
CA THR B 137 7.67 -0.10 18.89
C THR B 137 6.87 -1.38 19.19
N ALA B 138 7.57 -2.43 19.63
CA ALA B 138 6.96 -3.67 20.10
C ALA B 138 5.99 -3.40 21.24
N LEU B 139 6.39 -2.58 22.20
CA LEU B 139 5.52 -2.24 23.33
C LEU B 139 4.29 -1.47 22.84
N SER B 140 4.50 -0.58 21.87
CA SER B 140 3.45 0.27 21.33
C SER B 140 2.39 -0.49 20.59
N GLU B 141 2.84 -1.28 19.62
CA GLU B 141 1.96 -2.10 18.79
C GLU B 141 1.17 -3.13 19.60
N SER B 142 1.84 -3.86 20.49
CA SER B 142 1.11 -4.80 21.35
C SER B 142 0.10 -4.06 22.26
N MSE B 143 0.46 -2.86 22.73
CA MSE B 143 -0.47 -2.04 23.54
C MSE B 143 -1.69 -1.59 22.72
O MSE B 143 -2.75 -1.31 23.27
CB MSE B 143 0.25 -0.81 24.13
CG MSE B 143 -0.65 0.16 24.87
SE MSE B 143 -1.20 -0.43 26.67
CE MSE B 143 0.58 -0.66 27.38
N GLN B 144 -1.52 -1.54 21.40
CA GLN B 144 -2.62 -1.14 20.50
C GLN B 144 -3.31 -2.35 19.84
N MSE B 145 -3.12 -3.52 20.46
CA MSE B 145 -3.71 -4.81 20.04
C MSE B 145 -3.54 -5.10 18.55
O MSE B 145 -4.48 -5.37 17.79
CB MSE B 145 -5.14 -4.92 20.51
CG MSE B 145 -5.26 -4.83 22.02
SE MSE B 145 -7.09 -4.46 22.60
CE MSE B 145 -7.92 -6.22 22.30
N ARG B 146 -2.29 -5.02 18.14
CA ARG B 146 -1.88 -5.28 16.78
C ARG B 146 -0.73 -6.27 16.95
N PRO B 147 -0.50 -7.17 15.97
CA PRO B 147 0.38 -8.33 16.23
C PRO B 147 1.88 -7.98 16.35
N VAL B 148 2.56 -8.64 17.28
CA VAL B 148 3.99 -8.43 17.47
C VAL B 148 4.64 -9.81 17.54
N GLY B 149 5.70 -10.03 16.75
CA GLY B 149 6.41 -11.31 16.79
C GLY B 149 5.65 -12.50 16.22
N GLY B 150 6.12 -13.71 16.56
CA GLY B 150 5.51 -14.96 16.09
C GLY B 150 5.74 -15.24 14.61
N ALA B 151 6.90 -14.86 14.10
CA ALA B 151 7.20 -15.08 12.69
C ALA B 151 8.01 -16.36 12.50
N GLU B 152 8.14 -16.79 11.23
CA GLU B 152 9.04 -17.89 10.85
C GLU B 152 10.46 -17.33 10.76
N VAL B 153 11.36 -17.82 11.61
CA VAL B 153 12.72 -17.29 11.69
C VAL B 153 13.77 -18.40 11.69
N SER B 154 14.79 -18.23 10.85
CA SER B 154 15.88 -19.20 10.72
C SER B 154 16.61 -19.43 12.05
N SER B 155 16.95 -20.69 12.31
CA SER B 155 17.67 -21.09 13.54
C SER B 155 18.88 -20.19 13.86
N GLU B 156 19.58 -19.77 12.81
CA GLU B 156 20.68 -18.81 12.89
C GLU B 156 20.27 -17.47 13.54
N LEU B 157 19.09 -16.96 13.15
CA LEU B 157 18.58 -15.68 13.65
C LEU B 157 17.74 -15.75 14.93
N ARG B 158 17.37 -16.95 15.37
CA ARG B 158 16.71 -17.10 16.68
C ARG B 158 17.80 -17.24 17.75
N ALA B 159 19.04 -17.36 17.29
CA ALA B 159 20.21 -17.51 18.14
C ALA B 159 20.47 -16.21 18.88
N SER B 160 20.41 -16.27 20.21
CA SER B 160 20.65 -15.09 21.04
C SER B 160 22.08 -14.59 20.88
N ILE B 161 22.35 -13.38 21.35
CA ILE B 161 23.72 -12.83 21.28
C ILE B 161 24.28 -12.82 22.72
N PRO B 162 25.62 -12.66 22.87
CA PRO B 162 26.13 -12.71 24.25
C PRO B 162 25.65 -11.53 25.09
N LYS B 163 25.31 -11.81 26.34
CA LYS B 163 24.83 -10.78 27.26
C LYS B 163 26.01 -10.00 27.86
N GLY B 164 25.75 -8.76 28.27
CA GLY B 164 26.79 -7.92 28.89
C GLY B 164 27.40 -6.92 27.93
N HIS B 165 28.13 -5.95 28.49
CA HIS B 165 28.69 -4.84 27.70
C HIS B 165 29.98 -5.21 26.94
N PRO B 166 30.08 -4.80 25.66
CA PRO B 166 31.30 -5.06 24.89
C PRO B 166 32.51 -4.25 25.40
N LYS B 167 33.68 -4.48 24.83
CA LYS B 167 34.85 -3.64 25.07
C LYS B 167 34.77 -2.37 24.23
N GLY B 168 35.39 -1.30 24.72
CA GLY B 168 35.32 0.01 24.08
C GLY B 168 34.06 0.74 24.49
N MSE B 169 33.48 0.30 25.60
CA MSE B 169 32.19 0.79 26.05
C MSE B 169 32.02 0.80 27.58
O MSE B 169 32.14 -0.25 28.23
CB MSE B 169 31.05 -0.02 25.42
CG MSE B 169 29.71 0.68 25.53
SE MSE B 169 28.18 -0.53 25.54
CE MSE B 169 27.68 -0.47 23.66
N ASP B 170 31.74 1.98 28.12
CA ASP B 170 31.44 2.16 29.54
C ASP B 170 30.16 1.42 29.92
N PRO B 171 30.12 0.82 31.12
CA PRO B 171 28.90 0.10 31.53
C PRO B 171 27.71 1.03 31.94
N LEU B 172 28.01 2.31 32.22
CA LEU B 172 26.99 3.28 32.57
C LEU B 172 27.48 4.67 32.24
N LEU B 173 26.75 5.38 31.38
CA LEU B 173 27.15 6.75 31.01
C LEU B 173 26.73 7.74 32.09
N PRO B 174 27.55 8.76 32.35
CA PRO B 174 27.09 9.92 33.13
C PRO B 174 26.08 10.80 32.35
N LEU B 175 24.92 11.02 32.95
CA LEU B 175 23.83 11.76 32.36
C LEU B 175 23.55 12.93 33.28
N VAL B 176 23.59 14.15 32.73
CA VAL B 176 23.36 15.34 33.53
C VAL B 176 21.90 15.35 33.92
N ASP B 177 21.66 15.69 35.17
CA ASP B 177 20.32 15.78 35.71
C ASP B 177 19.86 17.23 35.62
N ALA B 178 18.88 17.47 34.76
CA ALA B 178 18.29 18.79 34.50
C ALA B 178 17.76 19.53 35.75
N THR B 179 17.18 18.80 36.70
CA THR B 179 16.61 19.38 37.94
C THR B 179 17.65 20.04 38.85
N LYS B 180 18.89 19.60 38.74
CA LYS B 180 19.99 20.11 39.54
C LYS B 180 20.91 21.06 38.78
N ALA B 181 20.69 21.21 37.47
CA ALA B 181 21.64 21.92 36.57
C ALA B 181 21.64 23.46 36.61
N SER B 182 22.72 24.05 36.14
CA SER B 182 22.84 25.51 36.04
C SER B 182 21.82 26.05 35.04
N THR B 183 21.47 27.33 35.15
CA THR B 183 20.69 28.02 34.12
C THR B 183 21.23 27.68 32.71
N GLU B 184 22.57 27.63 32.60
CA GLU B 184 23.24 27.33 31.32
C GLU B 184 22.90 25.95 30.77
N VAL B 185 23.11 24.89 31.57
CA VAL B 185 22.76 23.52 31.18
C VAL B 185 21.24 23.39 30.98
N GLN B 186 20.44 24.00 31.86
CA GLN B 186 18.98 23.93 31.76
C GLN B 186 18.53 24.53 30.45
N GLY B 187 19.16 25.65 30.07
CA GLY B 187 18.84 26.36 28.83
C GLY B 187 19.21 25.59 27.58
N LEU B 188 20.41 25.01 27.58
CA LEU B 188 20.89 24.23 26.43
C LEU B 188 20.05 22.98 26.18
N LEU B 189 19.60 22.34 27.25
CA LEU B 189 18.83 21.10 27.11
C LEU B 189 17.39 21.35 26.64
N LYS B 190 16.79 22.45 27.11
CA LYS B 190 15.50 22.91 26.62
C LYS B 190 15.55 23.31 25.14
N ARG B 191 16.58 24.04 24.75
CA ARG B 191 16.76 24.52 23.38
C ARG B 191 16.81 23.37 22.37
N VAL B 192 17.67 22.39 22.66
CA VAL B 192 17.75 21.17 21.85
C VAL B 192 16.46 20.34 21.92
N ALA B 193 15.77 20.34 23.07
CA ALA B 193 14.47 19.64 23.13
C ALA B 193 13.43 20.35 22.28
N ASP B 194 13.34 21.67 22.41
CA ASP B 194 12.46 22.52 21.59
C ASP B 194 12.75 22.52 20.10
N LEU B 195 14.04 22.42 19.75
CA LEU B 195 14.45 22.29 18.36
C LEU B 195 13.72 21.13 17.66
N HIS B 196 13.61 19.99 18.36
CA HIS B 196 13.02 18.80 17.76
C HIS B 196 11.51 18.76 18.02
N TYR B 197 11.02 19.80 18.71
CA TYR B 197 9.71 19.80 19.34
C TYR B 197 9.50 18.49 20.12
N HIS B 198 10.28 18.39 21.19
CA HIS B 198 10.27 17.24 22.07
C HIS B 198 9.76 17.72 23.43
N HIS B 199 9.32 16.77 24.27
CA HIS B 199 8.70 17.10 25.55
C HIS B 199 9.76 17.29 26.65
N GLY B 200 10.98 16.88 26.33
CA GLY B 200 12.12 16.94 27.21
C GLY B 200 13.32 16.44 26.41
N PRO B 201 14.55 16.68 26.89
CA PRO B 201 15.77 16.30 26.17
C PRO B 201 16.11 14.81 26.28
N ALA B 202 16.69 14.26 25.20
CA ALA B 202 17.19 12.90 25.13
C ALA B 202 18.35 12.70 26.11
N SER B 203 18.56 11.46 26.56
CA SER B 203 19.75 11.09 27.31
C SER B 203 21.01 11.44 26.54
N ASP B 204 20.93 11.30 25.21
CA ASP B 204 22.03 11.61 24.30
C ASP B 204 22.57 12.96 24.62
N PHE B 205 21.63 13.88 24.87
CA PHE B 205 21.94 15.28 25.11
C PHE B 205 22.31 15.55 26.55
N GLN B 206 21.70 14.81 27.48
CA GLN B 206 22.13 14.78 28.89
C GLN B 206 23.60 14.35 29.04
N ALA B 207 24.00 13.35 28.24
CA ALA B 207 25.40 12.88 28.18
C ALA B 207 26.36 13.89 27.53
N LEU B 208 25.94 14.53 26.43
CA LEU B 208 26.78 15.54 25.77
C LEU B 208 26.82 16.84 26.59
N ALA B 209 25.84 17.00 27.47
CA ALA B 209 25.75 18.15 28.40
C ALA B 209 26.95 18.22 29.39
N ASN B 210 27.66 17.09 29.54
CA ASN B 210 28.93 17.01 30.26
C ASN B 210 29.98 17.91 29.65
N TRP B 211 29.90 18.14 28.35
CA TRP B 211 30.71 19.16 27.72
C TRP B 211 29.81 20.27 27.16
N PRO B 212 29.36 21.21 28.01
CA PRO B 212 28.37 22.17 27.49
C PRO B 212 28.66 22.72 26.07
N LYS B 213 29.92 23.06 25.76
CA LYS B 213 30.32 23.57 24.45
C LYS B 213 29.96 22.62 23.29
N VAL B 214 30.13 21.32 23.51
CA VAL B 214 29.83 20.31 22.50
C VAL B 214 28.33 20.31 22.22
N LEU B 215 27.54 20.20 23.28
CA LEU B 215 26.07 20.25 23.18
C LEU B 215 25.60 21.48 22.41
N GLN B 216 26.28 22.63 22.57
CA GLN B 216 25.85 23.86 21.92
C GLN B 216 26.20 23.89 20.44
N ILE B 217 27.45 23.55 20.12
CA ILE B 217 27.89 23.35 18.75
C ILE B 217 26.95 22.36 18.05
N VAL B 218 26.69 21.19 18.64
CA VAL B 218 25.85 20.21 17.95
C VAL B 218 24.41 20.66 17.77
N THR B 219 23.81 21.33 18.76
CA THR B 219 22.47 21.90 18.65
C THR B 219 22.35 23.07 17.67
N ASP B 220 23.17 24.11 17.86
CA ASP B 220 23.12 25.31 17.02
C ASP B 220 23.74 25.17 15.61
N GLU B 221 24.83 24.42 15.48
CA GLU B 221 25.53 24.39 14.20
C GLU B 221 25.21 23.17 13.35
N VAL B 222 25.10 21.99 13.98
CA VAL B 222 24.85 20.74 13.25
C VAL B 222 23.36 20.44 13.01
N LEU B 223 22.57 20.41 14.09
CA LEU B 223 21.19 19.95 14.04
C LEU B 223 20.21 21.06 13.72
N ALA B 224 20.55 22.29 14.10
CA ALA B 224 19.72 23.45 13.81
C ALA B 224 19.23 23.60 12.33
N PRO B 225 20.11 23.40 11.32
CA PRO B 225 19.56 23.45 9.94
C PRO B 225 19.05 22.11 9.36
N VAL B 226 18.88 21.11 10.21
CA VAL B 226 18.59 19.75 9.77
C VAL B 226 17.33 19.19 10.46
N ALA B 227 17.16 19.48 11.73
CA ALA B 227 16.06 18.90 12.49
C ALA B 227 14.75 19.55 12.07
N ARG B 228 13.72 18.74 11.89
CA ARG B 228 12.37 19.22 11.50
C ARG B 228 12.24 19.73 10.07
N THR B 229 13.27 19.53 9.27
CA THR B 229 13.13 19.77 7.87
C THR B 229 12.30 18.64 7.25
N GLU B 230 11.69 18.89 6.09
CA GLU B 230 10.98 17.88 5.34
C GLU B 230 11.74 16.56 5.22
N GLN B 231 13.04 16.65 4.96
CA GLN B 231 13.89 15.45 4.78
C GLN B 231 13.97 14.62 6.07
N TYR B 232 14.29 15.29 7.18
CA TYR B 232 14.29 14.76 8.53
C TYR B 232 12.98 14.05 8.96
N ASP B 233 11.87 14.75 8.72
CA ASP B 233 10.55 14.24 9.04
C ASP B 233 10.26 12.97 8.24
N ALA B 234 10.57 13.00 6.95
CA ALA B 234 10.40 11.80 6.09
C ALA B 234 11.27 10.61 6.49
N LYS B 235 12.52 10.89 6.87
CA LYS B 235 13.43 9.91 7.45
C LYS B 235 12.93 9.38 8.80
N SER B 236 12.39 10.27 9.64
CA SER B 236 11.79 9.81 10.89
C SER B 236 10.57 8.91 10.64
N ARG B 237 9.65 9.29 9.75
CA ARG B 237 8.54 8.36 9.43
C ARG B 237 9.02 7.03 8.79
N GLU B 238 10.11 7.08 8.02
CA GLU B 238 10.74 5.85 7.50
C GLU B 238 11.06 4.86 8.63
N LEU B 239 11.69 5.35 9.71
CA LEU B 239 12.19 4.49 10.78
C LEU B 239 11.09 3.95 11.67
N VAL B 240 10.14 4.83 12.01
CA VAL B 240 8.94 4.47 12.73
C VAL B 240 8.23 3.34 11.98
N THR B 241 8.07 3.51 10.66
CA THR B 241 7.38 2.53 9.80
C THR B 241 8.20 1.26 9.59
N ARG B 242 9.52 1.38 9.49
CA ARG B 242 10.35 0.20 9.34
C ARG B 242 10.41 -0.60 10.64
N ALA B 243 10.69 0.08 11.75
CA ALA B 243 10.68 -0.54 13.08
C ALA B 243 9.42 -1.37 13.32
N ARG B 244 8.30 -0.84 12.84
CA ARG B 244 6.99 -1.48 12.92
C ARG B 244 6.98 -2.83 12.21
N GLU B 245 7.45 -2.84 10.96
CA GLU B 245 7.52 -4.03 10.13
C GLU B 245 8.49 -5.04 10.68
N LEU B 246 9.62 -4.58 11.19
CA LEU B 246 10.63 -5.46 11.81
C LEU B 246 10.10 -6.16 13.06
N VAL B 247 9.43 -5.40 13.91
CA VAL B 247 8.75 -5.92 15.11
C VAL B 247 7.72 -7.03 14.78
N ARG B 248 6.95 -6.87 13.70
CA ARG B 248 6.03 -7.90 13.21
C ARG B 248 6.73 -9.23 12.89
N GLY B 249 7.96 -9.14 12.37
CA GLY B 249 8.79 -10.30 12.04
C GLY B 249 9.63 -10.88 13.16
N LEU B 250 9.45 -10.37 14.37
CA LEU B 250 10.17 -10.85 15.55
C LEU B 250 9.96 -12.34 15.82
N PRO B 251 11.00 -13.04 16.33
CA PRO B 251 10.87 -14.44 16.73
C PRO B 251 10.28 -14.55 18.13
N GLY B 252 9.37 -15.49 18.33
CA GLY B 252 8.67 -15.63 19.62
C GLY B 252 7.79 -14.43 19.98
N SER B 253 7.52 -14.26 21.26
CA SER B 253 6.62 -13.19 21.74
C SER B 253 7.42 -11.94 22.08
N ALA B 254 6.72 -10.80 22.08
CA ALA B 254 7.24 -9.52 22.55
C ALA B 254 6.08 -8.59 22.96
N GLY B 255 6.34 -7.69 23.90
CA GLY B 255 5.33 -6.76 24.38
C GLY B 255 4.22 -7.37 25.22
N VAL B 256 3.26 -6.53 25.57
CA VAL B 256 2.07 -6.96 26.31
C VAL B 256 0.87 -6.31 25.67
N GLN B 257 -0.03 -7.15 25.16
CA GLN B 257 -1.29 -6.69 24.60
C GLN B 257 -2.10 -5.95 25.66
N ARG B 258 -2.83 -4.93 25.25
CA ARG B 258 -3.69 -4.14 26.17
C ARG B 258 -4.64 -5.02 27.02
N SER B 259 -5.08 -6.14 26.45
CA SER B 259 -5.94 -7.14 27.10
C SER B 259 -5.41 -7.73 28.39
N GLU B 260 -4.08 -7.78 28.52
CA GLU B 260 -3.38 -8.48 29.59
C GLU B 260 -3.00 -7.54 30.75
N LEU B 261 -3.50 -6.31 30.68
CA LEU B 261 -3.08 -5.25 31.58
C LEU B 261 -4.24 -4.62 32.36
N MSE B 262 -5.44 -5.13 32.16
CA MSE B 262 -6.65 -4.52 32.70
C MSE B 262 -6.84 -4.71 34.21
O MSE B 262 -7.50 -3.89 34.86
CB MSE B 262 -7.89 -5.04 31.96
CG MSE B 262 -7.68 -5.34 30.49
SE MSE B 262 -9.14 -6.47 29.83
CE MSE B 262 -8.79 -8.12 30.88
N SER B 263 -6.27 -5.78 34.74
CA SER B 263 -6.33 -6.08 36.19
C SER B 263 -5.15 -5.48 36.97
N MSE B 264 -4.37 -4.66 36.27
CA MSE B 264 -3.12 -4.12 36.77
C MSE B 264 -3.15 -2.59 36.70
O MSE B 264 -2.78 -1.90 37.65
CB MSE B 264 -1.99 -4.65 35.89
CG MSE B 264 -0.62 -4.52 36.51
SE MSE B 264 0.77 -4.84 35.18
CE MSE B 264 0.88 -3.08 34.39
N LEU B 265 -3.60 -2.08 35.56
CA LEU B 265 -3.65 -0.66 35.34
C LEU B 265 -5.08 -0.21 35.16
N THR B 266 -5.33 1.01 35.64
CA THR B 266 -6.60 1.72 35.45
C THR B 266 -6.79 2.17 33.98
N PRO B 267 -8.05 2.45 33.57
CA PRO B 267 -8.37 3.05 32.25
C PRO B 267 -7.55 4.28 31.86
N ASN B 268 -7.30 5.13 32.86
CA ASN B 268 -6.51 6.32 32.63
C ASN B 268 -5.00 6.04 32.42
N GLU B 269 -4.48 5.07 33.17
CA GLU B 269 -3.07 4.65 33.04
C GLU B 269 -2.83 3.95 31.72
N LEU B 270 -3.83 3.17 31.28
CA LEU B 270 -3.81 2.54 29.94
C LEU B 270 -3.77 3.57 28.80
N ALA B 271 -4.64 4.58 28.88
CA ALA B 271 -4.68 5.70 27.92
C ALA B 271 -3.38 6.53 27.97
N GLY B 272 -2.97 6.92 29.16
CA GLY B 272 -1.69 7.61 29.36
C GLY B 272 -0.51 6.81 28.83
N LEU B 273 -0.57 5.49 29.00
CA LEU B 273 0.51 4.61 28.58
C LEU B 273 0.53 4.37 27.05
N THR B 274 -0.65 4.18 26.47
CA THR B 274 -0.80 4.18 25.03
C THR B 274 -0.13 5.43 24.45
N GLY B 275 -0.58 6.60 24.90
CA GLY B 275 -0.07 7.88 24.41
C GLY B 275 1.41 8.10 24.64
N VAL B 276 1.93 7.64 25.79
CA VAL B 276 3.37 7.72 26.07
C VAL B 276 4.23 6.89 25.13
N LEU B 277 3.77 5.68 24.84
CA LEU B 277 4.49 4.79 23.92
C LEU B 277 4.48 5.31 22.47
N PHE B 278 3.32 5.82 22.02
CA PHE B 278 3.15 6.36 20.68
C PHE B 278 4.13 7.53 20.46
N MSE B 279 4.25 8.36 21.48
CA MSE B 279 5.17 9.49 21.45
C MSE B 279 6.65 9.12 21.39
O MSE B 279 7.41 9.76 20.66
CB MSE B 279 4.90 10.37 22.65
CG MSE B 279 5.93 11.46 22.83
SE MSE B 279 5.39 12.71 24.21
CE MSE B 279 5.87 11.71 25.83
N TYR B 280 7.07 8.12 22.17
CA TYR B 280 8.47 7.67 22.20
C TYR B 280 8.91 6.90 20.95
N GLN B 281 7.94 6.35 20.21
CA GLN B 281 8.22 5.80 18.89
C GLN B 281 8.84 6.86 17.98
N ARG B 282 8.24 8.07 17.98
CA ARG B 282 8.70 9.17 17.14
C ARG B 282 9.94 9.86 17.71
N PHE B 283 10.01 9.93 19.04
CA PHE B 283 11.12 10.56 19.77
C PHE B 283 12.44 9.86 19.48
N ILE B 284 12.44 8.54 19.60
CA ILE B 284 13.65 7.72 19.40
C ILE B 284 14.07 7.60 17.93
N ALA B 285 13.11 7.46 17.01
CA ALA B 285 13.41 7.63 15.58
C ALA B 285 14.10 8.97 15.30
N ASP B 286 13.56 10.05 15.88
CA ASP B 286 14.16 11.38 15.72
C ASP B 286 15.60 11.46 16.22
N ILE B 287 15.81 10.97 17.43
CA ILE B 287 17.10 11.13 18.11
C ILE B 287 18.10 10.24 17.40
N THR B 288 17.66 9.04 17.02
CA THR B 288 18.51 8.13 16.24
C THR B 288 19.09 8.86 15.03
N ILE B 289 18.23 9.46 14.21
CA ILE B 289 18.68 10.28 13.06
C ILE B 289 19.61 11.42 13.43
N SER B 290 19.23 12.23 14.45
CA SER B 290 19.98 13.42 14.89
C SER B 290 21.42 13.14 15.36
N ILE B 291 21.55 12.20 16.28
CA ILE B 291 22.83 11.76 16.84
C ILE B 291 23.70 11.08 15.78
N ILE B 292 23.09 10.25 14.93
CA ILE B 292 23.82 9.57 13.83
C ILE B 292 24.29 10.60 12.85
N HIS B 293 23.49 11.68 12.69
CA HIS B 293 23.88 12.80 11.83
C HIS B 293 25.08 13.56 12.39
N ILE B 294 25.01 13.94 13.66
CA ILE B 294 26.14 14.52 14.40
C ILE B 294 27.40 13.68 14.20
N THR B 295 27.26 12.35 14.36
CA THR B 295 28.35 11.38 14.24
C THR B 295 28.92 11.34 12.83
N GLU B 296 28.06 11.47 11.82
CA GLU B 296 28.53 11.51 10.46
C GLU B 296 29.42 12.71 10.18
N CYS B 297 29.07 13.87 10.74
CA CYS B 297 29.88 15.09 10.59
C CYS B 297 31.25 14.93 11.27
N LEU B 298 31.32 14.09 12.29
CA LEU B 298 32.58 13.79 12.94
C LEU B 298 33.43 12.82 12.11
N ASP B 299 32.88 11.64 11.79
CA ASP B 299 33.66 10.50 11.34
C ASP B 299 33.29 9.93 9.95
N GLY B 300 32.26 10.51 9.31
CA GLY B 300 31.80 10.03 8.01
C GLY B 300 30.66 9.01 8.04
N ALA B 301 30.05 8.81 6.88
CA ALA B 301 28.88 7.94 6.76
C ALA B 301 29.09 6.50 7.23
N GLU B 302 30.31 5.99 7.11
CA GLU B 302 30.63 4.58 7.36
C GLU B 302 30.70 4.30 8.88
N ALA B 303 31.45 5.14 9.60
CA ALA B 303 31.52 5.08 11.05
C ALA B 303 30.16 5.34 11.76
N ALA B 304 29.33 6.19 11.15
CA ALA B 304 28.01 6.58 11.67
C ALA B 304 26.88 5.57 11.43
N SER B 305 26.84 4.99 10.24
CA SER B 305 25.79 4.04 9.90
C SER B 305 26.04 2.62 10.42
N LYS B 306 27.29 2.18 10.49
CA LYS B 306 27.60 0.79 10.84
C LYS B 306 27.64 0.55 12.34
N SER B 307 27.42 -0.68 12.76
CA SER B 307 27.47 -1.04 14.17
C SER B 307 28.85 -0.75 14.79
N PRO B 308 28.89 0.09 15.84
CA PRO B 308 30.15 0.34 16.51
C PRO B 308 30.62 -0.86 17.34
N PHE B 309 29.70 -1.76 17.70
CA PHE B 309 30.02 -2.94 18.53
C PHE B 309 29.48 -4.20 17.86
N PRO B 310 30.14 -4.63 16.77
CA PRO B 310 29.69 -5.74 15.92
C PRO B 310 29.84 -7.04 16.66
N ILE B 311 28.84 -7.90 16.54
CA ILE B 311 28.81 -9.09 17.37
C ILE B 311 28.49 -10.38 16.59
N THR C 17 -9.61 -24.44 -35.51
CA THR C 17 -8.92 -23.73 -36.64
C THR C 17 -9.61 -22.42 -37.06
N ASN C 18 -10.88 -22.27 -36.67
CA ASN C 18 -11.68 -21.07 -36.94
C ASN C 18 -11.63 -20.06 -35.78
N PRO C 19 -11.65 -18.75 -36.08
CA PRO C 19 -11.24 -17.74 -35.10
C PRO C 19 -12.17 -17.55 -33.88
N ALA C 20 -13.41 -18.01 -33.98
CA ALA C 20 -14.33 -18.03 -32.84
C ALA C 20 -14.08 -19.20 -31.86
N TYR C 21 -13.29 -20.20 -32.28
CA TYR C 21 -12.85 -21.30 -31.42
C TYR C 21 -11.49 -21.07 -30.73
N PHE C 22 -11.42 -21.49 -29.45
CA PHE C 22 -10.18 -21.46 -28.68
C PHE C 22 -9.94 -22.75 -27.87
N PRO C 23 -8.72 -23.33 -27.96
CA PRO C 23 -8.42 -24.59 -27.25
C PRO C 23 -8.91 -24.59 -25.77
N GLN C 24 -9.72 -25.58 -25.44
CA GLN C 24 -10.34 -25.75 -24.12
C GLN C 24 -10.92 -27.15 -24.10
N LEU C 25 -11.43 -27.55 -22.96
CA LEU C 25 -11.96 -28.88 -22.78
C LEU C 25 -13.41 -28.71 -22.32
N SER C 26 -14.34 -29.06 -23.20
CA SER C 26 -15.72 -28.72 -23.01
C SER C 26 -16.37 -29.51 -21.90
N GLN C 27 -17.53 -29.01 -21.48
CA GLN C 27 -18.31 -29.55 -20.38
C GLN C 27 -18.87 -30.93 -20.71
N LEU C 28 -19.12 -31.18 -21.99
CA LEU C 28 -19.62 -32.47 -22.48
C LEU C 28 -18.51 -33.54 -22.58
N ASP C 29 -17.33 -33.11 -23.03
CA ASP C 29 -16.20 -34.02 -23.28
C ASP C 29 -15.44 -34.44 -22.03
N VAL C 30 -15.51 -33.59 -21.01
CA VAL C 30 -14.78 -33.77 -19.75
C VAL C 30 -15.08 -35.15 -19.13
N SER C 31 -14.06 -35.84 -18.64
CA SER C 31 -14.24 -37.11 -17.92
C SER C 31 -13.23 -37.25 -16.80
N GLY C 32 -13.49 -38.20 -15.91
CA GLY C 32 -12.55 -38.60 -14.87
C GLY C 32 -12.64 -37.64 -13.71
N GLU C 33 -11.49 -37.38 -13.11
CA GLU C 33 -11.41 -36.45 -12.01
C GLU C 33 -11.85 -35.06 -12.49
N MSE C 34 -11.39 -34.68 -13.69
CA MSE C 34 -11.74 -33.43 -14.34
C MSE C 34 -13.27 -33.21 -14.36
O MSE C 34 -13.73 -32.13 -13.99
CB MSE C 34 -11.17 -33.42 -15.76
CG MSE C 34 -11.01 -32.04 -16.38
SE MSE C 34 -10.01 -30.80 -15.22
CE MSE C 34 -8.18 -31.29 -15.75
N GLU C 35 -14.02 -34.23 -14.77
CA GLU C 35 -15.49 -34.21 -14.71
C GLU C 35 -16.04 -33.90 -13.32
N SER C 36 -15.46 -34.56 -12.31
CA SER C 36 -15.84 -34.33 -10.92
C SER C 36 -15.53 -32.91 -10.45
N THR C 37 -14.36 -32.41 -10.84
CA THR C 37 -13.95 -31.05 -10.59
C THR C 37 -14.92 -30.03 -11.21
N TYR C 38 -15.29 -30.22 -12.48
CA TYR C 38 -16.33 -29.41 -13.14
C TYR C 38 -17.65 -29.36 -12.37
N GLU C 39 -18.14 -30.51 -11.93
CA GLU C 39 -19.38 -30.59 -11.15
C GLU C 39 -19.26 -29.83 -9.84
N ASP C 40 -18.25 -30.20 -9.04
CA ASP C 40 -18.01 -29.54 -7.75
C ASP C 40 -17.95 -28.02 -7.88
N ILE C 41 -17.25 -27.52 -8.89
CA ILE C 41 -17.24 -26.08 -9.21
C ILE C 41 -18.64 -25.50 -9.41
N ARG C 42 -19.46 -26.14 -10.24
CA ARG C 42 -20.81 -25.64 -10.48
C ARG C 42 -21.66 -25.66 -9.21
N LEU C 43 -21.49 -26.70 -8.39
CA LEU C 43 -22.23 -26.87 -7.14
C LEU C 43 -21.79 -25.87 -6.08
N THR C 44 -20.49 -25.67 -5.97
CA THR C 44 -19.88 -24.91 -4.89
C THR C 44 -19.95 -23.41 -5.12
N LEU C 45 -19.86 -23.02 -6.39
CA LEU C 45 -19.97 -21.61 -6.72
C LEU C 45 -21.45 -21.23 -6.90
N ARG C 46 -22.30 -22.26 -7.09
CA ARG C 46 -23.72 -22.11 -7.34
C ARG C 46 -23.97 -21.50 -8.74
N VAL C 47 -23.38 -22.10 -9.76
CA VAL C 47 -23.38 -21.54 -11.13
C VAL C 47 -23.67 -22.61 -12.19
N PRO C 48 -24.43 -22.26 -13.25
CA PRO C 48 -24.78 -23.23 -14.30
C PRO C 48 -23.74 -23.41 -15.45
N TRP C 49 -22.49 -23.03 -15.21
CA TRP C 49 -21.40 -23.25 -16.16
C TRP C 49 -20.04 -23.31 -15.44
N VAL C 50 -19.11 -24.05 -16.03
CA VAL C 50 -17.71 -24.00 -15.63
C VAL C 50 -17.08 -23.00 -16.57
N ALA C 51 -16.47 -21.94 -16.01
CA ALA C 51 -15.95 -20.83 -16.79
C ALA C 51 -15.01 -21.32 -17.91
N PHE C 52 -15.07 -20.62 -19.05
CA PHE C 52 -14.12 -20.70 -20.19
C PHE C 52 -12.62 -20.70 -19.72
N GLY C 53 -12.25 -19.73 -18.87
CA GLY C 53 -10.91 -19.71 -18.28
C GLY C 53 -10.56 -20.98 -17.53
N CYS C 54 -11.55 -21.55 -16.85
CA CYS C 54 -11.43 -22.84 -16.20
C CYS C 54 -11.31 -23.99 -17.18
N ARG C 55 -12.09 -23.92 -18.26
CA ARG C 55 -12.09 -24.93 -19.31
C ARG C 55 -10.78 -24.94 -20.09
N VAL C 56 -10.12 -23.77 -20.18
CA VAL C 56 -8.75 -23.67 -20.69
C VAL C 56 -7.77 -24.20 -19.64
N LEU C 57 -7.92 -23.82 -18.37
CA LEU C 57 -7.00 -24.30 -17.32
C LEU C 57 -6.94 -25.83 -17.22
N ALA C 58 -8.01 -26.47 -17.71
CA ALA C 58 -8.22 -27.91 -17.70
C ALA C 58 -7.37 -28.64 -18.75
N THR C 59 -6.70 -27.86 -19.60
CA THR C 59 -5.87 -28.42 -20.64
C THR C 59 -4.48 -28.67 -20.08
N PHE C 60 -4.19 -28.11 -18.91
CA PHE C 60 -2.87 -28.32 -18.28
C PHE C 60 -2.91 -29.59 -17.41
N PRO C 61 -1.93 -30.52 -17.59
CA PRO C 61 -2.02 -31.81 -16.92
C PRO C 61 -2.04 -31.65 -15.41
N GLY C 62 -3.06 -32.23 -14.76
CA GLY C 62 -3.16 -32.25 -13.31
C GLY C 62 -3.63 -31.00 -12.58
N TYR C 63 -3.52 -29.84 -13.22
CA TYR C 63 -3.63 -28.52 -12.53
C TYR C 63 -5.00 -28.13 -11.94
N LEU C 64 -6.06 -28.10 -12.76
CA LEU C 64 -7.38 -27.65 -12.29
C LEU C 64 -7.95 -28.47 -11.10
N PRO C 65 -7.92 -29.83 -11.18
CA PRO C 65 -8.36 -30.61 -10.02
C PRO C 65 -7.69 -30.23 -8.71
N LEU C 66 -6.38 -30.00 -8.74
CA LEU C 66 -5.61 -29.67 -7.55
C LEU C 66 -5.82 -28.23 -7.12
N ALA C 67 -5.88 -27.33 -8.11
CA ALA C 67 -6.05 -25.90 -7.84
C ALA C 67 -7.42 -25.65 -7.23
N TRP C 68 -8.45 -26.35 -7.71
CA TRP C 68 -9.78 -26.21 -7.20
C TRP C 68 -9.89 -26.77 -5.77
N ARG C 69 -9.50 -28.04 -5.58
CA ARG C 69 -9.36 -28.63 -4.24
C ARG C 69 -8.80 -27.68 -3.16
N ARG C 70 -7.71 -26.98 -3.49
CA ARG C 70 -7.04 -26.09 -2.53
C ARG C 70 -7.72 -24.74 -2.37
N SER C 71 -8.75 -24.50 -3.16
CA SER C 71 -9.41 -23.19 -3.16
C SER C 71 -10.90 -23.25 -2.76
N ALA C 72 -11.49 -24.45 -2.80
CA ALA C 72 -12.94 -24.66 -2.69
C ALA C 72 -13.56 -24.20 -1.36
N GLU C 73 -12.84 -24.47 -0.27
CA GLU C 73 -13.27 -24.13 1.08
C GLU C 73 -13.35 -22.63 1.30
N ALA C 74 -12.36 -21.92 0.78
CA ALA C 74 -12.30 -20.47 0.82
C ALA C 74 -13.43 -19.81 0.03
N LEU C 75 -13.88 -20.45 -1.05
CA LEU C 75 -14.80 -19.79 -1.96
C LEU C 75 -16.29 -20.11 -1.69
N ILE C 76 -16.56 -20.84 -0.61
CA ILE C 76 -17.92 -21.06 -0.10
C ILE C 76 -18.22 -20.29 1.17
N THR C 77 -17.26 -19.49 1.65
CA THR C 77 -17.45 -18.75 2.88
C THR C 77 -18.30 -17.52 2.62
N ARG C 78 -18.96 -17.01 3.67
CA ARG C 78 -19.70 -15.78 3.54
C ARG C 78 -18.74 -14.68 3.06
N TYR C 79 -17.50 -14.71 3.54
CA TYR C 79 -16.48 -13.73 3.11
C TYR C 79 -16.44 -13.62 1.58
N ALA C 80 -16.22 -14.76 0.92
CA ALA C 80 -16.01 -14.84 -0.54
C ALA C 80 -17.24 -14.45 -1.34
N GLU C 81 -18.41 -14.89 -0.86
CA GLU C 81 -19.72 -14.46 -1.38
C GLU C 81 -19.87 -12.95 -1.31
N GLN C 82 -19.55 -12.38 -0.15
CA GLN C 82 -19.66 -10.92 0.05
C GLN C 82 -18.68 -10.15 -0.85
N ALA C 83 -17.49 -10.73 -1.00
CA ALA C 83 -16.46 -10.20 -1.88
C ALA C 83 -16.90 -10.15 -3.34
N ALA C 84 -17.61 -11.19 -3.78
CA ALA C 84 -18.23 -11.24 -5.14
C ALA C 84 -19.34 -10.23 -5.26
N ASP C 85 -20.07 -10.03 -4.16
CA ASP C 85 -21.15 -9.04 -4.05
C ASP C 85 -20.62 -7.63 -4.18
N GLU C 86 -19.45 -7.37 -3.58
CA GLU C 86 -18.79 -6.08 -3.73
C GLU C 86 -18.47 -5.82 -5.19
N LEU C 87 -17.81 -6.78 -5.82
CA LEU C 87 -17.34 -6.66 -7.20
C LEU C 87 -18.50 -6.43 -8.17
N ARG C 88 -19.61 -7.10 -7.92
CA ARG C 88 -20.76 -7.00 -8.81
C ARG C 88 -21.37 -5.59 -8.71
N GLU C 89 -21.37 -5.05 -7.48
CA GLU C 89 -21.90 -3.73 -7.16
C GLU C 89 -21.05 -2.61 -7.79
N ARG C 90 -19.75 -2.74 -7.66
CA ARG C 90 -18.76 -1.87 -8.31
C ARG C 90 -18.62 -1.97 -9.85
N SER C 91 -19.25 -2.97 -10.48
CA SER C 91 -19.23 -3.22 -11.96
C SER C 91 -19.95 -2.21 -12.88
N LEU C 92 -20.79 -1.38 -12.31
CA LEU C 92 -21.64 -0.48 -13.09
C LEU C 92 -20.86 0.72 -13.58
N LEU C 93 -21.22 1.20 -14.76
CA LEU C 93 -20.61 2.38 -15.33
C LEU C 93 -21.62 3.54 -15.19
N ASN C 94 -21.15 4.74 -14.89
CA ASN C 94 -22.04 5.91 -14.93
C ASN C 94 -21.92 6.56 -16.29
N ILE C 95 -22.80 6.11 -17.19
CA ILE C 95 -22.71 6.41 -18.60
C ILE C 95 -24.04 6.98 -19.08
N GLY C 96 -25.12 6.44 -18.53
CA GLY C 96 -26.51 6.72 -18.93
C GLY C 96 -26.90 8.17 -18.97
N PRO C 97 -28.14 8.47 -19.44
CA PRO C 97 -29.32 7.57 -19.62
C PRO C 97 -29.16 6.53 -20.72
N LEU C 98 -29.68 5.33 -20.45
CA LEU C 98 -29.46 4.20 -21.32
C LEU C 98 -30.66 3.88 -22.17
N PRO C 99 -30.42 3.42 -23.39
CA PRO C 99 -31.46 2.83 -24.25
C PRO C 99 -32.23 1.71 -23.54
N ASN C 100 -33.55 1.69 -23.70
CA ASN C 100 -34.38 0.68 -23.08
C ASN C 100 -34.30 -0.62 -23.88
N LEU C 101 -33.49 -1.56 -23.40
CA LEU C 101 -33.22 -2.82 -24.12
C LEU C 101 -34.45 -3.73 -24.24
N LYS C 102 -35.34 -3.64 -23.26
CA LYS C 102 -36.61 -4.36 -23.25
C LYS C 102 -37.56 -3.94 -24.39
N GLU C 103 -37.69 -2.63 -24.62
CA GLU C 103 -38.41 -2.10 -25.77
C GLU C 103 -37.70 -2.44 -27.06
N ARG C 104 -36.37 -2.49 -27.01
CA ARG C 104 -35.58 -2.84 -28.20
C ARG C 104 -35.87 -4.26 -28.68
N LEU C 105 -36.00 -5.17 -27.73
CA LEU C 105 -36.24 -6.58 -28.04
C LEU C 105 -37.68 -6.86 -28.48
N TYR C 106 -38.67 -6.26 -27.80
CA TYR C 106 -40.07 -6.25 -28.27
C TYR C 106 -40.14 -5.85 -29.73
N ALA C 107 -39.45 -4.76 -30.07
CA ALA C 107 -39.34 -4.28 -31.45
C ALA C 107 -38.64 -5.25 -32.42
N ALA C 108 -37.88 -6.21 -31.90
CA ALA C 108 -37.07 -7.09 -32.74
C ALA C 108 -37.62 -8.51 -32.91
N GLY C 109 -38.65 -8.85 -32.16
CA GLY C 109 -38.94 -10.26 -31.87
C GLY C 109 -40.06 -10.07 -30.92
N PHE C 110 -39.83 -10.06 -29.60
CA PHE C 110 -39.28 -11.10 -28.76
C PHE C 110 -40.45 -10.85 -27.79
N ASP C 111 -40.98 -11.88 -27.14
CA ASP C 111 -42.07 -11.66 -26.18
C ASP C 111 -41.55 -11.73 -24.74
N ASP C 112 -42.44 -11.42 -23.80
CA ASP C 112 -42.10 -11.47 -22.39
C ASP C 112 -41.48 -12.81 -21.99
N GLY C 113 -42.03 -13.90 -22.50
CA GLY C 113 -41.50 -15.23 -22.21
C GLY C 113 -40.05 -15.34 -22.62
N GLU C 114 -39.72 -14.86 -23.81
CA GLU C 114 -38.37 -14.99 -24.38
C GLU C 114 -37.39 -14.06 -23.69
N ILE C 115 -37.86 -12.88 -23.32
CA ILE C 115 -37.07 -11.90 -22.60
C ILE C 115 -36.74 -12.41 -21.19
N GLU C 116 -37.62 -13.23 -20.62
CA GLU C 116 -37.38 -13.86 -19.31
C GLU C 116 -36.31 -14.96 -19.46
N LYS C 117 -36.40 -15.72 -20.54
CA LYS C 117 -35.31 -16.65 -20.91
C LYS C 117 -33.92 -15.98 -21.00
N VAL C 118 -33.84 -14.86 -21.73
CA VAL C 118 -32.63 -14.04 -21.83
C VAL C 118 -32.19 -13.51 -20.46
N ARG C 119 -33.13 -12.98 -19.67
CA ARG C 119 -32.84 -12.46 -18.32
C ARG C 119 -32.26 -13.52 -17.39
N ARG C 120 -32.85 -14.71 -17.37
CA ARG C 120 -32.37 -15.84 -16.57
C ARG C 120 -30.89 -16.15 -16.84
N VAL C 121 -30.49 -16.09 -18.11
CA VAL C 121 -29.14 -16.30 -18.54
C VAL C 121 -28.25 -15.12 -18.13
N LEU C 122 -28.76 -13.91 -18.28
CA LEU C 122 -28.02 -12.72 -17.84
C LEU C 122 -27.71 -12.78 -16.35
N TYR C 123 -28.71 -13.12 -15.54
CA TYR C 123 -28.61 -13.15 -14.08
C TYR C 123 -27.60 -14.17 -13.57
N ALA C 124 -27.66 -15.40 -14.06
CA ALA C 124 -26.69 -16.45 -13.74
C ALA C 124 -25.25 -15.96 -13.93
N PHE C 125 -25.03 -15.38 -15.10
CA PHE C 125 -23.73 -14.82 -15.46
C PHE C 125 -23.35 -13.64 -14.57
N ASN C 126 -24.26 -12.72 -14.34
CA ASN C 126 -24.00 -11.68 -13.36
C ASN C 126 -23.64 -12.26 -11.99
N TYR C 127 -24.30 -13.34 -11.61
CA TYR C 127 -24.00 -13.99 -10.33
C TYR C 127 -22.61 -14.64 -10.24
N GLY C 128 -22.26 -15.47 -11.24
CA GLY C 128 -21.02 -16.22 -11.19
C GLY C 128 -19.75 -15.54 -11.66
N ASN C 129 -19.87 -14.54 -12.54
CA ASN C 129 -18.70 -13.88 -13.15
C ASN C 129 -17.76 -13.26 -12.12
N PRO C 130 -18.28 -12.47 -11.16
CA PRO C 130 -17.42 -11.96 -10.08
C PRO C 130 -16.80 -13.05 -9.19
N LYS C 131 -17.48 -14.18 -9.05
CA LYS C 131 -16.95 -15.36 -8.33
C LYS C 131 -15.81 -16.06 -9.08
N TYR C 132 -16.01 -16.27 -10.38
CA TYR C 132 -14.90 -16.69 -11.25
C TYR C 132 -13.72 -15.72 -11.21
N LEU C 133 -14.01 -14.42 -11.16
CA LEU C 133 -12.95 -13.40 -11.06
C LEU C 133 -12.03 -13.64 -9.87
N LEU C 134 -12.63 -13.88 -8.70
CA LEU C 134 -11.93 -14.16 -7.46
C LEU C 134 -11.15 -15.48 -7.44
N LEU C 135 -11.68 -16.49 -8.10
CA LEU C 135 -10.97 -17.75 -8.27
C LEU C 135 -9.75 -17.63 -9.17
N ILE C 136 -9.90 -16.99 -10.31
CA ILE C 136 -8.78 -16.87 -11.25
C ILE C 136 -7.71 -15.98 -10.64
N THR C 137 -8.14 -14.98 -9.86
CA THR C 137 -7.24 -14.08 -9.19
C THR C 137 -6.49 -14.78 -8.06
N ALA C 138 -7.19 -15.61 -7.28
CA ALA C 138 -6.53 -16.43 -6.28
C ALA C 138 -5.49 -17.33 -6.96
N LEU C 139 -5.91 -18.00 -8.03
CA LEU C 139 -5.00 -18.89 -8.74
C LEU C 139 -3.78 -18.16 -9.29
N SER C 140 -4.00 -16.99 -9.89
CA SER C 140 -2.96 -16.21 -10.57
C SER C 140 -1.95 -15.60 -9.59
N GLU C 141 -2.45 -15.06 -8.48
CA GLU C 141 -1.56 -14.51 -7.46
C GLU C 141 -0.63 -15.57 -6.87
N SER C 142 -1.22 -16.71 -6.48
CA SER C 142 -0.46 -17.85 -5.93
C SER C 142 0.54 -18.36 -6.95
N MSE C 143 0.08 -18.48 -8.20
CA MSE C 143 0.98 -18.82 -9.31
C MSE C 143 2.19 -17.89 -9.41
O MSE C 143 3.26 -18.31 -9.83
CB MSE C 143 0.21 -18.77 -10.63
CG MSE C 143 1.02 -19.16 -11.84
SE MSE C 143 1.58 -21.03 -11.74
CE MSE C 143 -0.21 -21.81 -11.77
N GLN C 144 1.99 -16.63 -9.05
CA GLN C 144 3.01 -15.61 -9.19
C GLN C 144 3.77 -15.39 -7.87
N MSE C 145 3.57 -16.33 -6.95
CA MSE C 145 4.20 -16.36 -5.64
C MSE C 145 3.97 -15.10 -4.79
O MSE C 145 4.89 -14.49 -4.25
CB MSE C 145 5.68 -16.69 -5.79
CG MSE C 145 5.91 -18.03 -6.45
SE MSE C 145 7.80 -18.37 -6.61
CE MSE C 145 8.23 -18.74 -4.72
N ARG C 146 2.70 -14.74 -4.70
CA ARG C 146 2.26 -13.71 -3.77
C ARG C 146 1.23 -14.30 -2.82
N PRO C 147 1.00 -13.64 -1.66
CA PRO C 147 0.12 -14.26 -0.68
C PRO C 147 -1.35 -14.25 -1.12
N VAL C 148 -2.00 -15.39 -0.88
CA VAL C 148 -3.44 -15.56 -1.06
C VAL C 148 -3.98 -16.07 0.28
N GLY C 149 -5.10 -15.53 0.75
CA GLY C 149 -5.73 -16.05 1.98
C GLY C 149 -4.88 -15.98 3.24
N GLY C 150 -5.22 -16.82 4.22
CA GLY C 150 -4.50 -16.91 5.48
C GLY C 150 -4.78 -15.72 6.40
N ALA C 151 -5.89 -15.03 6.14
CA ALA C 151 -6.22 -13.79 6.83
C ALA C 151 -7.08 -14.01 8.06
N GLU C 152 -7.11 -13.00 8.93
CA GLU C 152 -8.00 -13.02 10.09
C GLU C 152 -9.38 -12.54 9.68
N VAL C 153 -10.35 -13.43 9.82
CA VAL C 153 -11.73 -13.10 9.46
C VAL C 153 -12.65 -13.69 10.54
N SER C 154 -13.83 -13.09 10.68
CA SER C 154 -14.82 -13.45 11.69
C SER C 154 -15.38 -14.87 11.52
N SER C 155 -16.00 -15.39 12.58
CA SER C 155 -16.73 -16.65 12.55
C SER C 155 -17.91 -16.59 11.56
N GLU C 156 -18.61 -15.46 11.56
CA GLU C 156 -19.73 -15.20 10.65
C GLU C 156 -19.30 -15.32 9.16
N LEU C 157 -18.22 -14.63 8.80
CA LEU C 157 -17.73 -14.60 7.42
C LEU C 157 -17.02 -15.88 7.01
N ARG C 158 -16.55 -16.63 8.00
CA ARG C 158 -15.82 -17.88 7.76
C ARG C 158 -16.82 -19.02 7.53
N ALA C 159 -18.08 -18.77 7.90
CA ALA C 159 -19.12 -19.77 7.77
C ALA C 159 -19.35 -20.07 6.29
N SER C 160 -19.80 -21.29 6.00
CA SER C 160 -20.07 -21.70 4.64
C SER C 160 -21.46 -21.31 4.14
N ILE C 161 -21.60 -21.23 2.83
CA ILE C 161 -22.89 -21.06 2.19
C ILE C 161 -23.40 -22.46 1.77
N PRO C 162 -24.73 -22.60 1.58
CA PRO C 162 -25.25 -23.86 1.04
C PRO C 162 -24.72 -24.16 -0.38
N LYS C 163 -24.30 -25.41 -0.57
CA LYS C 163 -23.85 -25.94 -1.85
C LYS C 163 -25.06 -26.37 -2.68
N GLY C 164 -24.94 -26.35 -4.00
CA GLY C 164 -26.08 -26.63 -4.90
C GLY C 164 -26.66 -25.37 -5.52
N HIS C 165 -27.42 -25.52 -6.60
CA HIS C 165 -28.03 -24.39 -7.31
C HIS C 165 -29.35 -23.86 -6.70
N PRO C 166 -29.47 -22.50 -6.57
CA PRO C 166 -30.67 -21.78 -6.12
C PRO C 166 -31.97 -22.01 -6.91
N LYS C 167 -33.00 -21.22 -6.56
CA LYS C 167 -34.37 -21.35 -7.05
C LYS C 167 -34.56 -21.03 -8.54
N GLY C 168 -34.21 -19.82 -8.96
CA GLY C 168 -34.50 -19.37 -10.33
C GLY C 168 -33.35 -19.58 -11.31
N MSE C 169 -32.71 -20.75 -11.20
CA MSE C 169 -31.47 -21.06 -11.92
C MSE C 169 -31.38 -22.53 -12.28
O MSE C 169 -31.54 -23.40 -11.41
CB MSE C 169 -30.27 -20.68 -11.06
CG MSE C 169 -28.94 -20.74 -11.78
SE MSE C 169 -27.45 -20.83 -10.52
CE MSE C 169 -27.20 -18.95 -10.09
N ASP C 170 -31.11 -22.82 -13.56
CA ASP C 170 -30.88 -24.19 -14.01
C ASP C 170 -29.55 -24.72 -13.50
N PRO C 171 -29.40 -26.06 -13.45
CA PRO C 171 -28.10 -26.61 -13.05
C PRO C 171 -26.99 -26.41 -14.12
N LEU C 172 -27.39 -26.18 -15.38
CA LEU C 172 -26.46 -26.10 -16.53
C LEU C 172 -27.05 -25.34 -17.70
N LEU C 173 -26.26 -24.41 -18.26
CA LEU C 173 -26.68 -23.60 -19.41
C LEU C 173 -26.21 -24.17 -20.75
N PRO C 174 -27.08 -24.06 -21.79
CA PRO C 174 -26.72 -24.43 -23.14
C PRO C 174 -25.81 -23.38 -23.81
N LEU C 175 -24.60 -23.79 -24.11
CA LEU C 175 -23.64 -22.93 -24.74
C LEU C 175 -23.45 -23.38 -26.19
N VAL C 176 -23.53 -22.44 -27.13
CA VAL C 176 -23.26 -22.74 -28.52
C VAL C 176 -21.75 -23.01 -28.72
N ASP C 177 -21.46 -24.16 -29.29
CA ASP C 177 -20.08 -24.52 -29.64
C ASP C 177 -19.75 -23.88 -30.98
N ALA C 178 -18.73 -23.01 -30.99
CA ALA C 178 -18.36 -22.28 -32.20
C ALA C 178 -17.69 -23.17 -33.27
N THR C 179 -17.06 -24.28 -32.86
CA THR C 179 -16.49 -25.24 -33.83
C THR C 179 -17.55 -25.86 -34.74
N LYS C 180 -18.77 -26.04 -34.22
CA LYS C 180 -19.86 -26.64 -35.00
C LYS C 180 -20.78 -25.60 -35.66
N ALA C 181 -20.53 -24.32 -35.41
CA ALA C 181 -21.51 -23.26 -35.67
C ALA C 181 -21.59 -22.79 -37.12
N SER C 182 -22.73 -22.23 -37.47
CA SER C 182 -22.94 -21.60 -38.78
C SER C 182 -21.97 -20.43 -38.97
N THR C 183 -21.80 -20.02 -40.23
CA THR C 183 -21.10 -18.79 -40.61
C THR C 183 -21.58 -17.59 -39.78
N GLU C 184 -22.91 -17.48 -39.65
CA GLU C 184 -23.60 -16.45 -38.85
C GLU C 184 -23.10 -16.40 -37.41
N VAL C 185 -23.25 -17.52 -36.72
CA VAL C 185 -22.93 -17.61 -35.29
C VAL C 185 -21.44 -17.40 -35.08
N GLN C 186 -20.62 -18.07 -35.89
CA GLN C 186 -19.17 -17.85 -35.89
C GLN C 186 -18.81 -16.37 -36.07
N GLY C 187 -19.48 -15.67 -36.98
CA GLY C 187 -19.25 -14.24 -37.21
C GLY C 187 -19.60 -13.34 -36.02
N LEU C 188 -20.76 -13.59 -35.41
CA LEU C 188 -21.22 -12.88 -34.19
C LEU C 188 -20.31 -13.12 -32.99
N LEU C 189 -19.85 -14.36 -32.84
CA LEU C 189 -18.97 -14.72 -31.72
C LEU C 189 -17.56 -14.13 -31.93
N LYS C 190 -17.01 -14.27 -33.14
CA LYS C 190 -15.76 -13.61 -33.49
C LYS C 190 -15.82 -12.08 -33.34
N ARG C 191 -16.95 -11.50 -33.79
CA ARG C 191 -17.20 -10.06 -33.71
C ARG C 191 -17.23 -9.54 -32.26
N VAL C 192 -17.98 -10.22 -31.42
CA VAL C 192 -18.07 -9.82 -30.01
C VAL C 192 -16.74 -10.02 -29.21
N ALA C 193 -15.94 -11.03 -29.58
CA ALA C 193 -14.61 -11.23 -28.97
C ALA C 193 -13.63 -10.14 -29.39
N ASP C 194 -13.55 -9.88 -30.70
CA ASP C 194 -12.77 -8.80 -31.26
C ASP C 194 -13.15 -7.39 -30.78
N LEU C 195 -14.43 -7.12 -30.59
CA LEU C 195 -14.81 -5.85 -29.97
C LEU C 195 -14.09 -5.62 -28.62
N HIS C 196 -13.87 -6.68 -27.85
CA HIS C 196 -13.24 -6.57 -26.53
C HIS C 196 -11.73 -6.71 -26.63
N TYR C 197 -11.25 -7.04 -27.83
CA TYR C 197 -9.89 -7.49 -28.06
C TYR C 197 -9.61 -8.65 -27.11
N HIS C 198 -10.54 -9.61 -27.15
CA HIS C 198 -10.39 -10.85 -26.44
C HIS C 198 -9.91 -11.95 -27.38
N HIS C 199 -9.37 -13.02 -26.79
CA HIS C 199 -8.80 -14.14 -27.55
C HIS C 199 -9.87 -15.13 -28.04
N GLY C 200 -11.12 -14.92 -27.60
CA GLY C 200 -12.23 -15.82 -27.89
C GLY C 200 -13.48 -15.34 -27.16
N PRO C 201 -14.67 -15.80 -27.57
CA PRO C 201 -15.89 -15.33 -26.92
C PRO C 201 -16.10 -15.97 -25.54
N ALA C 202 -16.72 -15.18 -24.65
CA ALA C 202 -17.06 -15.62 -23.33
C ALA C 202 -18.22 -16.62 -23.42
N SER C 203 -18.34 -17.50 -22.43
CA SER C 203 -19.48 -18.38 -22.33
C SER C 203 -20.76 -17.56 -22.42
N ASP C 204 -20.73 -16.36 -21.81
CA ASP C 204 -21.85 -15.40 -21.77
C ASP C 204 -22.48 -15.23 -23.12
N PHE C 205 -21.59 -15.11 -24.09
CA PHE C 205 -21.92 -14.89 -25.48
C PHE C 205 -22.27 -16.18 -26.21
N GLN C 206 -21.64 -17.29 -25.82
CA GLN C 206 -22.02 -18.64 -26.25
C GLN C 206 -23.48 -18.97 -25.88
N ALA C 207 -23.90 -18.54 -24.68
CA ALA C 207 -25.29 -18.66 -24.21
C ALA C 207 -26.25 -17.71 -24.94
N LEU C 208 -25.84 -16.45 -25.15
CA LEU C 208 -26.67 -15.47 -25.87
C LEU C 208 -26.83 -15.79 -27.34
N ALA C 209 -25.87 -16.52 -27.90
CA ALA C 209 -25.91 -17.00 -29.29
C ALA C 209 -27.08 -17.97 -29.56
N ASN C 210 -27.75 -18.43 -28.50
CA ASN C 210 -28.96 -19.23 -28.70
C ASN C 210 -30.10 -18.44 -29.34
N TRP C 211 -30.14 -17.12 -29.10
CA TRP C 211 -30.98 -16.20 -29.87
C TRP C 211 -30.01 -15.29 -30.61
N PRO C 212 -29.60 -15.69 -31.83
CA PRO C 212 -28.60 -14.88 -32.52
C PRO C 212 -28.91 -13.38 -32.62
N LYS C 213 -30.19 -13.04 -32.75
CA LYS C 213 -30.63 -11.63 -32.80
C LYS C 213 -30.25 -10.83 -31.53
N VAL C 214 -30.42 -11.47 -30.38
CA VAL C 214 -30.10 -10.85 -29.09
C VAL C 214 -28.60 -10.55 -29.02
N LEU C 215 -27.78 -11.52 -29.43
CA LEU C 215 -26.32 -11.36 -29.41
C LEU C 215 -25.87 -10.19 -30.25
N GLN C 216 -26.51 -10.04 -31.40
CA GLN C 216 -26.13 -9.03 -32.37
C GLN C 216 -26.47 -7.63 -31.87
N ILE C 217 -27.64 -7.48 -31.26
CA ILE C 217 -28.09 -6.20 -30.72
C ILE C 217 -27.17 -5.79 -29.60
N VAL C 218 -26.88 -6.70 -28.68
CA VAL C 218 -26.10 -6.35 -27.49
C VAL C 218 -24.66 -6.04 -27.85
N THR C 219 -24.13 -6.72 -28.89
CA THR C 219 -22.81 -6.39 -29.45
C THR C 219 -22.82 -5.06 -30.17
N ASP C 220 -23.68 -4.92 -31.18
CA ASP C 220 -23.66 -3.75 -32.08
C ASP C 220 -24.22 -2.47 -31.46
N GLU C 221 -25.26 -2.58 -30.62
CA GLU C 221 -25.94 -1.41 -30.12
C GLU C 221 -25.57 -1.12 -28.66
N VAL C 222 -25.47 -2.16 -27.83
CA VAL C 222 -25.23 -1.94 -26.38
C VAL C 222 -23.76 -1.72 -26.04
N LEU C 223 -22.91 -2.65 -26.49
CA LEU C 223 -21.51 -2.71 -26.07
C LEU C 223 -20.54 -1.99 -27.00
N ALA C 224 -20.88 -1.92 -28.28
CA ALA C 224 -20.03 -1.27 -29.28
C ALA C 224 -19.62 0.18 -28.93
N PRO C 225 -20.55 1.02 -28.40
CA PRO C 225 -20.18 2.34 -27.83
C PRO C 225 -19.58 2.40 -26.43
N VAL C 226 -19.59 1.29 -25.67
CA VAL C 226 -18.95 1.30 -24.34
C VAL C 226 -17.69 0.43 -24.18
N ALA C 227 -17.66 -0.76 -24.81
CA ALA C 227 -16.55 -1.68 -24.61
C ALA C 227 -15.25 -1.05 -25.06
N ARG C 228 -14.17 -1.30 -24.30
CA ARG C 228 -12.84 -0.76 -24.59
C ARG C 228 -12.70 0.75 -24.65
N THR C 229 -13.66 1.49 -24.08
CA THR C 229 -13.49 2.94 -23.91
C THR C 229 -12.58 3.24 -22.70
N GLU C 230 -12.28 4.51 -22.45
CA GLU C 230 -11.45 4.88 -21.31
C GLU C 230 -12.10 4.49 -19.97
N GLN C 231 -13.40 4.79 -19.85
CA GLN C 231 -14.20 4.47 -18.68
C GLN C 231 -14.31 2.97 -18.41
N TYR C 232 -14.77 2.22 -19.41
CA TYR C 232 -14.74 0.76 -19.43
C TYR C 232 -13.41 0.17 -18.93
N ASP C 233 -12.30 0.66 -19.46
CA ASP C 233 -10.99 0.13 -19.10
C ASP C 233 -10.57 0.50 -17.67
N ALA C 234 -10.93 1.71 -17.24
CA ALA C 234 -10.67 2.12 -15.88
C ALA C 234 -11.44 1.20 -14.95
N LYS C 235 -12.66 0.85 -15.35
CA LYS C 235 -13.53 -0.05 -14.59
C LYS C 235 -12.99 -1.48 -14.54
N SER C 236 -12.51 -2.00 -15.65
CA SER C 236 -11.87 -3.31 -15.63
C SER C 236 -10.61 -3.34 -14.69
N ARG C 237 -9.75 -2.32 -14.80
CA ARG C 237 -8.56 -2.24 -13.94
C ARG C 237 -9.00 -2.23 -12.47
N GLU C 238 -10.04 -1.45 -12.18
CA GLU C 238 -10.63 -1.34 -10.85
C GLU C 238 -11.03 -2.72 -10.27
N LEU C 239 -11.64 -3.56 -11.10
CA LEU C 239 -12.04 -4.93 -10.70
C LEU C 239 -10.89 -5.94 -10.62
N VAL C 240 -9.92 -5.84 -11.53
CA VAL C 240 -8.71 -6.68 -11.48
C VAL C 240 -7.93 -6.42 -10.19
N THR C 241 -7.65 -5.13 -9.94
CA THR C 241 -7.02 -4.62 -8.72
C THR C 241 -7.74 -4.97 -7.41
N ARG C 242 -9.07 -4.81 -7.37
CA ARG C 242 -9.83 -5.06 -6.14
C ARG C 242 -9.91 -6.54 -5.82
N ALA C 243 -10.20 -7.34 -6.85
CA ALA C 243 -10.19 -8.81 -6.75
C ALA C 243 -8.86 -9.30 -6.12
N ARG C 244 -7.76 -8.68 -6.51
CA ARG C 244 -6.43 -9.03 -6.01
C ARG C 244 -6.37 -8.78 -4.49
N GLU C 245 -6.78 -7.59 -4.06
CA GLU C 245 -6.94 -7.24 -2.65
C GLU C 245 -7.88 -8.17 -1.91
N LEU C 246 -9.01 -8.51 -2.53
CA LEU C 246 -9.98 -9.42 -1.92
C LEU C 246 -9.46 -10.85 -1.69
N VAL C 247 -8.68 -11.41 -2.63
CA VAL C 247 -8.10 -12.75 -2.41
C VAL C 247 -6.99 -12.71 -1.37
N ARG C 248 -6.39 -11.54 -1.19
CA ARG C 248 -5.41 -11.40 -0.11
C ARG C 248 -6.07 -11.56 1.27
N GLY C 249 -7.33 -11.13 1.38
CA GLY C 249 -8.05 -11.19 2.65
C GLY C 249 -8.92 -12.41 2.90
N LEU C 250 -8.85 -13.40 2.02
CA LEU C 250 -9.59 -14.67 2.19
C LEU C 250 -9.29 -15.41 3.50
N PRO C 251 -10.27 -16.18 4.03
CA PRO C 251 -9.93 -17.04 5.15
C PRO C 251 -9.29 -18.34 4.66
N GLY C 252 -8.31 -18.83 5.43
CA GLY C 252 -7.64 -20.09 5.13
C GLY C 252 -6.76 -19.94 3.92
N SER C 253 -6.42 -21.06 3.29
CA SER C 253 -5.60 -21.01 2.11
C SER C 253 -6.42 -21.23 0.85
N ALA C 254 -6.00 -20.58 -0.24
CA ALA C 254 -6.61 -20.74 -1.54
C ALA C 254 -5.49 -20.63 -2.57
N GLY C 255 -5.72 -21.24 -3.73
CA GLY C 255 -4.71 -21.29 -4.78
C GLY C 255 -3.54 -22.19 -4.49
N VAL C 256 -2.59 -22.20 -5.40
CA VAL C 256 -1.38 -23.02 -5.24
C VAL C 256 -0.13 -22.33 -5.83
N GLN C 257 0.88 -22.18 -4.97
CA GLN C 257 2.14 -21.52 -5.27
C GLN C 257 2.88 -22.23 -6.39
N ARG C 258 3.51 -21.44 -7.26
CA ARG C 258 4.30 -21.98 -8.36
C ARG C 258 5.32 -23.05 -7.88
N SER C 259 5.84 -22.83 -6.67
CA SER C 259 6.82 -23.71 -6.03
C SER C 259 6.28 -25.11 -5.65
N GLU C 260 4.96 -25.25 -5.57
CA GLU C 260 4.28 -26.54 -5.31
C GLU C 260 3.95 -27.35 -6.60
N LEU C 261 4.35 -26.83 -7.75
CA LEU C 261 3.86 -27.37 -9.03
C LEU C 261 4.92 -27.95 -9.97
N MSE C 262 6.19 -27.91 -9.57
CA MSE C 262 7.29 -28.20 -10.51
C MSE C 262 7.57 -29.69 -10.75
O MSE C 262 8.39 -30.02 -11.61
CB MSE C 262 8.57 -27.50 -10.08
CG MSE C 262 8.34 -26.26 -9.27
SE MSE C 262 9.47 -26.30 -7.68
CE MSE C 262 9.36 -28.22 -7.23
N SER C 263 6.90 -30.55 -10.01
CA SER C 263 7.01 -32.00 -10.25
C SER C 263 5.77 -32.52 -10.97
N MSE C 264 4.98 -31.58 -11.48
CA MSE C 264 3.72 -31.88 -12.16
C MSE C 264 3.72 -31.15 -13.48
O MSE C 264 3.28 -31.69 -14.51
CB MSE C 264 2.56 -31.40 -11.29
CG MSE C 264 1.19 -31.77 -11.79
SE MSE C 264 -0.18 -30.84 -10.73
CE MSE C 264 -0.09 -29.06 -11.49
N LEU C 265 4.23 -29.92 -13.46
CA LEU C 265 4.29 -29.10 -14.67
C LEU C 265 5.71 -28.84 -15.11
N THR C 266 5.92 -28.80 -16.43
CA THR C 266 7.20 -28.40 -16.98
C THR C 266 7.44 -26.89 -16.79
N PRO C 267 8.69 -26.42 -17.01
CA PRO C 267 8.93 -24.96 -17.14
C PRO C 267 8.06 -24.25 -18.19
N ASN C 268 7.91 -24.83 -19.38
CA ASN C 268 7.06 -24.23 -20.39
C ASN C 268 5.58 -24.20 -19.99
N GLU C 269 5.11 -25.23 -19.30
CA GLU C 269 3.74 -25.29 -18.84
C GLU C 269 3.44 -24.24 -17.77
N LEU C 270 4.43 -24.01 -16.90
CA LEU C 270 4.33 -23.02 -15.84
C LEU C 270 4.25 -21.59 -16.40
N ALA C 271 5.01 -21.36 -17.49
CA ALA C 271 4.99 -20.09 -18.24
C ALA C 271 3.62 -19.84 -18.89
N GLY C 272 3.16 -20.78 -19.70
CA GLY C 272 1.83 -20.73 -20.33
C GLY C 272 0.74 -20.61 -19.30
N LEU C 273 0.86 -21.36 -18.22
CA LEU C 273 -0.11 -21.30 -17.12
C LEU C 273 -0.20 -19.91 -16.46
N THR C 274 0.93 -19.32 -16.15
CA THR C 274 1.00 -17.95 -15.66
C THR C 274 0.29 -16.96 -16.59
N GLY C 275 0.67 -16.97 -17.87
CA GLY C 275 0.06 -16.07 -18.83
C GLY C 275 -1.43 -16.29 -19.03
N VAL C 276 -1.86 -17.55 -19.06
CA VAL C 276 -3.29 -17.84 -19.16
C VAL C 276 -4.07 -17.22 -18.00
N LEU C 277 -3.57 -17.44 -16.79
CA LEU C 277 -4.15 -16.88 -15.56
C LEU C 277 -4.19 -15.35 -15.55
N PHE C 278 -3.05 -14.73 -15.88
CA PHE C 278 -2.95 -13.29 -16.05
C PHE C 278 -3.99 -12.75 -17.04
N MSE C 279 -4.09 -13.39 -18.19
CA MSE C 279 -5.11 -13.01 -19.15
C MSE C 279 -6.54 -13.13 -18.63
O MSE C 279 -7.36 -12.23 -18.85
CB MSE C 279 -4.96 -13.85 -20.38
CG MSE C 279 -5.94 -13.50 -21.45
SE MSE C 279 -5.37 -14.39 -23.08
CE MSE C 279 -5.73 -16.29 -22.59
N TYR C 280 -6.85 -14.24 -17.97
CA TYR C 280 -8.21 -14.45 -17.53
C TYR C 280 -8.70 -13.50 -16.45
N GLN C 281 -7.79 -12.89 -15.69
CA GLN C 281 -8.16 -11.81 -14.77
C GLN C 281 -8.85 -10.64 -15.47
N ARG C 282 -8.27 -10.23 -16.59
CA ARG C 282 -8.79 -9.13 -17.40
C ARG C 282 -9.99 -9.57 -18.21
N PHE C 283 -9.92 -10.75 -18.80
CA PHE C 283 -11.06 -11.31 -19.51
C PHE C 283 -12.29 -11.26 -18.64
N ILE C 284 -12.23 -11.91 -17.48
CA ILE C 284 -13.38 -12.04 -16.59
C ILE C 284 -13.89 -10.70 -16.03
N ALA C 285 -12.98 -9.84 -15.56
CA ALA C 285 -13.34 -8.47 -15.19
C ALA C 285 -14.08 -7.71 -16.30
N ASP C 286 -13.51 -7.66 -17.49
CA ASP C 286 -14.19 -7.17 -18.72
C ASP C 286 -15.63 -7.68 -18.93
N ILE C 287 -15.78 -8.99 -19.01
CA ILE C 287 -17.05 -9.60 -19.30
C ILE C 287 -18.06 -9.30 -18.21
N THR C 288 -17.58 -9.15 -16.99
CA THR C 288 -18.44 -8.85 -15.85
C THR C 288 -19.10 -7.51 -16.09
N ILE C 289 -18.30 -6.50 -16.44
CA ILE C 289 -18.78 -5.16 -16.72
C ILE C 289 -19.75 -5.17 -17.89
N SER C 290 -19.34 -5.80 -18.99
CA SER C 290 -20.10 -5.88 -20.23
C SER C 290 -21.55 -6.38 -20.04
N ILE C 291 -21.65 -7.58 -19.47
CA ILE C 291 -22.88 -8.30 -19.31
C ILE C 291 -23.77 -7.68 -18.22
N ILE C 292 -23.14 -7.18 -17.15
CA ILE C 292 -23.81 -6.31 -16.17
C ILE C 292 -24.37 -5.01 -16.80
N HIS C 293 -23.65 -4.47 -17.78
CA HIS C 293 -24.13 -3.29 -18.54
C HIS C 293 -25.32 -3.64 -19.41
N ILE C 294 -25.22 -4.72 -20.19
CA ILE C 294 -26.39 -5.26 -20.90
C ILE C 294 -27.64 -5.38 -19.99
N THR C 295 -27.42 -5.90 -18.78
CA THR C 295 -28.50 -6.14 -17.81
C THR C 295 -29.11 -4.83 -17.23
N GLU C 296 -28.26 -3.84 -16.98
CA GLU C 296 -28.70 -2.51 -16.55
C GLU C 296 -29.64 -1.87 -17.58
N CYS C 297 -29.26 -1.97 -18.85
CA CYS C 297 -30.07 -1.49 -19.97
C CYS C 297 -31.43 -2.15 -20.01
N LEU C 298 -31.47 -3.44 -19.64
CA LEU C 298 -32.70 -4.23 -19.63
C LEU C 298 -33.58 -3.94 -18.39
N ASP C 299 -32.97 -3.90 -17.21
CA ASP C 299 -33.72 -3.93 -15.94
C ASP C 299 -33.37 -2.81 -14.95
N GLY C 300 -32.43 -1.94 -15.31
CA GLY C 300 -32.00 -0.86 -14.43
C GLY C 300 -30.86 -1.19 -13.49
N ALA C 301 -30.29 -0.15 -12.90
CA ALA C 301 -29.09 -0.24 -12.06
C ALA C 301 -29.21 -1.19 -10.86
N GLU C 302 -30.33 -1.11 -10.14
CA GLU C 302 -30.63 -1.95 -8.98
C GLU C 302 -30.57 -3.45 -9.26
N ALA C 303 -31.31 -3.87 -10.28
CA ALA C 303 -31.36 -5.29 -10.67
C ALA C 303 -30.03 -5.78 -11.24
N ALA C 304 -29.27 -4.87 -11.85
CA ALA C 304 -27.98 -5.20 -12.41
C ALA C 304 -26.92 -5.36 -11.32
N SER C 305 -26.97 -4.48 -10.32
CA SER C 305 -25.91 -4.44 -9.31
C SER C 305 -26.11 -5.35 -8.10
N LYS C 306 -27.35 -5.56 -7.66
CA LYS C 306 -27.59 -6.45 -6.51
C LYS C 306 -27.54 -7.92 -6.93
N SER C 307 -27.21 -8.79 -5.98
CA SER C 307 -27.10 -10.24 -6.25
C SER C 307 -28.45 -10.80 -6.66
N PRO C 308 -28.49 -11.57 -7.76
CA PRO C 308 -29.75 -12.19 -8.20
C PRO C 308 -30.15 -13.45 -7.42
N PHE C 309 -29.18 -14.07 -6.72
CA PHE C 309 -29.46 -15.26 -5.90
C PHE C 309 -28.92 -15.07 -4.46
N PRO C 310 -29.59 -14.20 -3.68
CA PRO C 310 -29.03 -13.83 -2.38
C PRO C 310 -28.96 -15.03 -1.41
N ILE C 311 -27.84 -15.10 -0.71
CA ILE C 311 -27.65 -16.01 0.43
C ILE C 311 -26.95 -15.25 1.56
N HIS D 2 17.41 -31.03 -18.77
CA HIS D 2 17.96 -29.96 -17.87
C HIS D 2 18.85 -28.96 -18.61
N HIS D 3 18.60 -27.67 -18.37
CA HIS D 3 19.38 -26.55 -18.89
C HIS D 3 20.15 -25.94 -17.72
N HIS D 4 19.62 -26.16 -16.52
CA HIS D 4 20.15 -25.55 -15.29
C HIS D 4 21.03 -26.52 -14.51
N HIS D 5 22.28 -26.12 -14.28
CA HIS D 5 23.28 -27.05 -13.77
C HIS D 5 23.85 -26.66 -12.41
N SER D 6 22.95 -26.68 -11.44
CA SER D 6 23.24 -26.59 -10.01
C SER D 6 24.27 -27.65 -9.62
N SER D 7 25.19 -27.26 -8.73
CA SER D 7 26.07 -28.19 -8.02
C SER D 7 25.31 -29.03 -6.99
N GLY D 8 26.01 -29.99 -6.40
CA GLY D 8 25.46 -30.86 -5.37
C GLY D 8 25.41 -30.20 -4.00
N LEU D 9 25.79 -28.93 -3.97
CA LEU D 9 25.66 -28.09 -2.77
C LEU D 9 24.19 -27.75 -2.51
N VAL D 10 23.32 -28.02 -3.49
CA VAL D 10 21.93 -27.59 -3.46
C VAL D 10 21.10 -28.75 -4.06
N PRO D 11 19.81 -28.91 -3.65
CA PRO D 11 18.98 -29.90 -4.37
C PRO D 11 18.74 -29.52 -5.82
N ARG D 12 18.65 -30.52 -6.70
CA ARG D 12 18.53 -30.33 -8.14
C ARG D 12 17.62 -29.19 -8.70
N GLY D 13 16.31 -29.31 -8.58
CA GLY D 13 15.43 -28.27 -9.16
C GLY D 13 15.22 -27.01 -8.30
N SER D 14 16.22 -26.68 -7.48
CA SER D 14 16.10 -25.64 -6.43
C SER D 14 15.83 -24.25 -6.98
N HIS D 15 16.36 -23.97 -8.17
CA HIS D 15 16.20 -22.66 -8.83
C HIS D 15 14.74 -22.29 -9.14
N MSE D 16 13.88 -23.30 -9.20
CA MSE D 16 12.47 -23.11 -9.49
C MSE D 16 11.67 -22.66 -8.25
O MSE D 16 10.51 -22.27 -8.36
CB MSE D 16 11.88 -24.39 -10.10
CG MSE D 16 10.76 -24.16 -11.09
SE MSE D 16 11.26 -23.29 -12.81
CE MSE D 16 12.45 -24.66 -13.56
N THR D 17 12.32 -22.70 -7.09
CA THR D 17 11.77 -22.17 -5.82
C THR D 17 12.17 -20.71 -5.61
N ASN D 18 13.03 -20.23 -6.48
CA ASN D 18 13.56 -18.89 -6.41
C ASN D 18 12.51 -17.93 -6.97
N PRO D 19 11.94 -17.05 -6.12
CA PRO D 19 10.80 -16.26 -6.58
C PRO D 19 11.18 -15.24 -7.65
N ALA D 20 12.49 -15.00 -7.78
CA ALA D 20 13.04 -14.00 -8.71
C ALA D 20 13.43 -14.66 -10.03
N TYR D 21 13.42 -15.99 -10.06
CA TYR D 21 13.59 -16.70 -11.32
C TYR D 21 12.24 -17.09 -11.95
N PHE D 22 12.14 -16.90 -13.27
CA PHE D 22 10.97 -17.31 -13.98
C PHE D 22 11.42 -18.16 -15.16
N PRO D 23 10.70 -19.26 -15.48
CA PRO D 23 11.11 -20.13 -16.60
C PRO D 23 11.28 -19.39 -17.94
N GLN D 24 12.48 -19.50 -18.50
CA GLN D 24 12.92 -18.78 -19.71
C GLN D 24 14.14 -19.50 -20.28
N LEU D 25 14.52 -19.19 -21.51
CA LEU D 25 15.74 -19.76 -22.09
C LEU D 25 16.79 -18.68 -22.21
N SER D 26 17.86 -18.83 -21.44
CA SER D 26 18.82 -17.74 -21.33
C SER D 26 19.67 -17.58 -22.59
N GLN D 27 20.22 -16.40 -22.74
CA GLN D 27 21.07 -16.06 -23.88
C GLN D 27 22.33 -16.90 -23.91
N LEU D 28 22.76 -17.37 -22.73
CA LEU D 28 23.93 -18.23 -22.58
C LEU D 28 23.64 -19.69 -22.87
N ASP D 29 22.42 -20.13 -22.57
CA ASP D 29 22.10 -21.57 -22.61
C ASP D 29 21.63 -22.02 -23.97
N VAL D 30 21.23 -21.02 -24.74
CA VAL D 30 20.63 -21.17 -26.06
C VAL D 30 21.67 -21.71 -27.06
N SER D 31 21.23 -22.62 -27.93
CA SER D 31 22.10 -23.17 -28.98
C SER D 31 21.26 -23.60 -30.18
N GLY D 32 21.93 -23.96 -31.27
CA GLY D 32 21.26 -24.40 -32.49
C GLY D 32 20.52 -23.26 -33.16
N GLU D 33 19.46 -23.61 -33.89
CA GLU D 33 18.57 -22.66 -34.53
C GLU D 33 18.23 -21.46 -33.62
N MSE D 34 17.95 -21.74 -32.36
CA MSE D 34 17.56 -20.75 -31.38
C MSE D 34 18.67 -19.74 -31.11
O MSE D 34 18.42 -18.54 -31.00
CB MSE D 34 17.10 -21.44 -30.10
CG MSE D 34 16.34 -20.53 -29.17
SE MSE D 34 14.56 -20.11 -29.84
CE MSE D 34 13.74 -21.86 -29.55
N GLU D 35 19.90 -20.22 -31.03
CA GLU D 35 21.05 -19.33 -30.85
C GLU D 35 21.23 -18.32 -31.98
N SER D 36 20.98 -18.73 -33.22
CA SER D 36 21.10 -17.79 -34.33
C SER D 36 19.91 -16.83 -34.42
N THR D 37 18.74 -17.32 -34.01
CA THR D 37 17.52 -16.50 -33.75
C THR D 37 17.74 -15.37 -32.75
N TYR D 38 18.18 -15.69 -31.54
CA TYR D 38 18.61 -14.69 -30.54
C TYR D 38 19.57 -13.63 -31.10
N GLU D 39 20.67 -14.05 -31.72
CA GLU D 39 21.63 -13.11 -32.30
C GLU D 39 20.99 -12.22 -33.35
N ASP D 40 20.22 -12.83 -34.25
CA ASP D 40 19.53 -12.11 -35.30
C ASP D 40 18.53 -11.07 -34.75
N ILE D 41 17.87 -11.41 -33.64
CA ILE D 41 16.93 -10.50 -32.96
C ILE D 41 17.68 -9.28 -32.45
N ARG D 42 18.86 -9.50 -31.90
CA ARG D 42 19.69 -8.42 -31.37
C ARG D 42 20.24 -7.53 -32.48
N LEU D 43 20.68 -8.15 -33.58
CA LEU D 43 21.26 -7.42 -34.71
C LEU D 43 20.24 -6.59 -35.47
N THR D 44 19.10 -7.21 -35.73
CA THR D 44 17.99 -6.61 -36.44
C THR D 44 17.36 -5.48 -35.65
N LEU D 45 17.08 -5.72 -34.36
CA LEU D 45 16.47 -4.68 -33.52
C LEU D 45 17.49 -3.64 -33.03
N ARG D 46 18.78 -3.95 -33.16
CA ARG D 46 19.90 -3.09 -32.67
C ARG D 46 19.83 -2.99 -31.16
N VAL D 47 19.74 -4.14 -30.50
CA VAL D 47 19.54 -4.18 -29.06
C VAL D 47 20.56 -5.15 -28.43
N PRO D 48 21.08 -4.78 -27.25
CA PRO D 48 22.07 -5.64 -26.57
C PRO D 48 21.48 -6.74 -25.65
N TRP D 49 20.20 -7.06 -25.78
CA TRP D 49 19.58 -8.17 -25.07
C TRP D 49 18.39 -8.72 -25.87
N VAL D 50 18.17 -10.04 -25.75
CA VAL D 50 16.91 -10.68 -26.13
C VAL D 50 15.87 -10.46 -25.00
N ALA D 51 14.72 -9.86 -25.34
CA ALA D 51 13.69 -9.55 -24.36
C ALA D 51 13.36 -10.79 -23.58
N PHE D 52 13.07 -10.58 -22.30
CA PHE D 52 12.65 -11.61 -21.38
C PHE D 52 11.43 -12.31 -21.99
N GLY D 53 10.56 -11.54 -22.63
CA GLY D 53 9.36 -12.10 -23.24
C GLY D 53 9.71 -13.12 -24.30
N CYS D 54 10.75 -12.82 -25.06
CA CYS D 54 11.25 -13.71 -26.09
C CYS D 54 11.90 -14.97 -25.53
N ARG D 55 12.54 -14.85 -24.37
CA ARG D 55 13.18 -16.00 -23.70
C ARG D 55 12.18 -17.04 -23.15
N VAL D 56 11.02 -16.55 -22.70
CA VAL D 56 9.86 -17.39 -22.36
C VAL D 56 9.18 -18.04 -23.57
N LEU D 57 8.97 -17.27 -24.64
CA LEU D 57 8.46 -17.82 -25.91
C LEU D 57 9.40 -18.87 -26.50
N ALA D 58 10.68 -18.76 -26.16
CA ALA D 58 11.70 -19.72 -26.55
C ALA D 58 11.51 -21.10 -25.91
N THR D 59 10.65 -21.20 -24.89
CA THR D 59 10.34 -22.51 -24.26
C THR D 59 9.23 -23.31 -24.96
N PHE D 60 8.46 -22.64 -25.82
CA PHE D 60 7.45 -23.27 -26.68
C PHE D 60 8.14 -23.76 -27.95
N PRO D 61 8.21 -25.10 -28.16
CA PRO D 61 8.96 -25.70 -29.28
C PRO D 61 8.59 -25.14 -30.66
N GLY D 62 9.61 -24.76 -31.42
CA GLY D 62 9.49 -24.30 -32.80
C GLY D 62 8.92 -22.91 -33.02
N TYR D 63 8.29 -22.34 -32.00
CA TYR D 63 7.52 -21.11 -32.16
C TYR D 63 8.34 -19.87 -32.48
N LEU D 64 9.21 -19.48 -31.53
CA LEU D 64 10.00 -18.24 -31.66
C LEU D 64 10.78 -18.09 -33.00
N PRO D 65 11.56 -19.11 -33.42
CA PRO D 65 12.26 -18.94 -34.70
C PRO D 65 11.33 -18.59 -35.89
N LEU D 66 10.32 -19.44 -36.14
CA LEU D 66 9.24 -19.14 -37.07
C LEU D 66 8.64 -17.74 -36.87
N ALA D 67 8.14 -17.47 -35.67
CA ALA D 67 7.55 -16.16 -35.36
C ALA D 67 8.49 -15.04 -35.74
N TRP D 68 9.75 -15.19 -35.33
CA TRP D 68 10.78 -14.23 -35.68
C TRP D 68 10.98 -14.08 -37.21
N ARG D 69 11.20 -15.19 -37.93
CA ARG D 69 11.43 -15.13 -39.41
C ARG D 69 10.30 -14.39 -40.11
N ARG D 70 9.08 -14.55 -39.59
CA ARG D 70 7.90 -13.92 -40.18
C ARG D 70 7.71 -12.43 -39.81
N SER D 71 8.39 -11.97 -38.75
CA SER D 71 8.25 -10.58 -38.28
C SER D 71 9.48 -9.68 -38.53
N ALA D 72 10.64 -10.30 -38.76
CA ALA D 72 11.92 -9.59 -38.90
C ALA D 72 11.97 -8.45 -39.93
N GLU D 73 11.47 -8.74 -41.14
CA GLU D 73 11.47 -7.75 -42.22
C GLU D 73 10.60 -6.52 -41.91
N ALA D 74 9.42 -6.74 -41.34
CA ALA D 74 8.56 -5.66 -40.90
C ALA D 74 9.23 -4.78 -39.84
N LEU D 75 10.04 -5.38 -38.98
CA LEU D 75 10.64 -4.68 -37.84
C LEU D 75 12.01 -4.03 -38.10
N ILE D 76 12.56 -4.15 -39.31
CA ILE D 76 13.69 -3.28 -39.72
C ILE D 76 13.28 -2.09 -40.58
N THR D 77 12.01 -2.00 -40.93
CA THR D 77 11.56 -0.87 -41.71
C THR D 77 11.57 0.43 -40.89
N ARG D 78 11.75 1.55 -41.58
CA ARG D 78 11.65 2.88 -41.00
C ARG D 78 10.29 3.08 -40.29
N TYR D 79 9.22 2.47 -40.80
CA TYR D 79 7.90 2.52 -40.14
C TYR D 79 7.99 2.02 -38.69
N ALA D 80 8.59 0.85 -38.51
CA ALA D 80 8.79 0.28 -37.18
C ALA D 80 9.63 1.18 -36.26
N GLU D 81 10.74 1.70 -36.79
CA GLU D 81 11.61 2.63 -36.02
C GLU D 81 10.84 3.89 -35.58
N GLN D 82 10.07 4.43 -36.52
CA GLN D 82 9.19 5.56 -36.28
C GLN D 82 8.13 5.23 -35.24
N ALA D 83 7.54 4.03 -35.37
CA ALA D 83 6.54 3.54 -34.42
C ALA D 83 7.11 3.41 -33.02
N ALA D 84 8.32 2.90 -32.89
CA ALA D 84 8.93 2.80 -31.57
C ALA D 84 9.21 4.16 -30.93
N ASP D 85 9.67 5.12 -31.76
CA ASP D 85 9.93 6.47 -31.26
C ASP D 85 8.67 7.15 -30.74
N GLU D 86 7.52 6.92 -31.39
CA GLU D 86 6.24 7.42 -30.87
C GLU D 86 5.96 6.88 -29.46
N LEU D 87 5.88 5.54 -29.36
CA LEU D 87 5.74 4.84 -28.07
C LEU D 87 6.73 5.33 -27.01
N ARG D 88 8.01 5.47 -27.38
CA ARG D 88 9.00 6.02 -26.47
C ARG D 88 8.62 7.43 -25.97
N GLU D 89 8.27 8.30 -26.89
CA GLU D 89 7.96 9.67 -26.52
C GLU D 89 6.69 9.78 -25.63
N ARG D 90 5.70 8.90 -25.87
CA ARG D 90 4.42 8.83 -25.16
C ARG D 90 4.55 8.41 -23.71
N SER D 91 5.65 7.73 -23.39
CA SER D 91 5.89 7.03 -22.12
C SER D 91 6.09 7.95 -20.93
N LEU D 92 6.47 9.19 -21.19
CA LEU D 92 6.70 10.11 -20.10
C LEU D 92 5.39 10.30 -19.37
N LEU D 93 5.47 10.21 -18.05
CA LEU D 93 4.34 10.50 -17.21
C LEU D 93 4.31 11.99 -16.97
N ASN D 94 3.20 12.49 -16.45
CA ASN D 94 3.15 13.90 -16.10
C ASN D 94 2.80 14.02 -14.65
N ILE D 95 3.83 13.94 -13.81
CA ILE D 95 3.66 13.78 -12.37
C ILE D 95 4.23 15.03 -11.68
N GLY D 96 4.05 15.14 -10.35
CA GLY D 96 4.61 16.26 -9.59
C GLY D 96 6.12 16.46 -9.79
N PRO D 97 6.78 17.14 -8.82
CA PRO D 97 8.23 17.32 -8.94
C PRO D 97 8.93 15.96 -8.86
N LEU D 98 10.10 15.83 -9.51
CA LEU D 98 10.82 14.55 -9.55
C LEU D 98 12.00 14.48 -8.57
N PRO D 99 12.27 13.29 -8.00
CA PRO D 99 13.51 13.15 -7.23
C PRO D 99 14.73 13.44 -8.09
N ASN D 100 15.71 14.17 -7.55
CA ASN D 100 16.96 14.38 -8.28
C ASN D 100 17.83 13.14 -8.10
N LEU D 101 17.86 12.30 -9.13
CA LEU D 101 18.50 10.98 -9.06
C LEU D 101 20.00 11.01 -9.31
N LYS D 102 20.49 12.03 -10.03
CA LYS D 102 21.93 12.32 -10.10
C LYS D 102 22.43 12.57 -8.69
N GLU D 103 21.94 13.65 -8.07
CA GLU D 103 22.29 14.01 -6.70
C GLU D 103 22.02 12.95 -5.64
N ARG D 104 21.00 12.13 -5.84
CA ARG D 104 20.73 10.99 -4.97
C ARG D 104 21.78 9.86 -5.11
N LEU D 105 22.20 9.56 -6.34
CA LEU D 105 23.22 8.53 -6.57
C LEU D 105 24.61 8.99 -6.09
N TYR D 106 24.93 10.27 -6.24
CA TYR D 106 26.05 10.90 -5.54
C TYR D 106 26.07 10.51 -4.06
N ALA D 107 25.00 10.87 -3.36
CA ALA D 107 24.85 10.61 -1.93
C ALA D 107 24.94 9.12 -1.60
N ALA D 108 24.53 8.27 -2.53
CA ALA D 108 24.69 6.83 -2.34
C ALA D 108 26.17 6.43 -2.31
N GLY D 109 27.00 7.13 -3.07
CA GLY D 109 28.44 6.85 -3.13
C GLY D 109 29.01 6.61 -4.52
N PHE D 110 28.31 7.15 -5.53
CA PHE D 110 28.66 6.95 -6.95
C PHE D 110 29.30 8.18 -7.57
N ASP D 111 30.34 7.97 -8.38
CA ASP D 111 30.90 9.06 -9.17
C ASP D 111 30.28 9.08 -10.59
N ASP D 112 30.57 10.13 -11.35
CA ASP D 112 30.00 10.35 -12.69
C ASP D 112 30.29 9.27 -13.71
N GLY D 113 31.45 8.63 -13.55
CA GLY D 113 31.84 7.53 -14.40
C GLY D 113 30.91 6.35 -14.20
N GLU D 114 30.45 6.18 -12.95
CA GLU D 114 29.58 5.06 -12.55
C GLU D 114 28.11 5.33 -12.88
N ILE D 115 27.70 6.59 -12.78
CA ILE D 115 26.39 7.04 -13.20
C ILE D 115 26.25 6.96 -14.74
N GLU D 116 27.38 7.05 -15.45
CA GLU D 116 27.41 6.89 -16.91
C GLU D 116 27.13 5.43 -17.30
N LYS D 117 27.60 4.48 -16.48
CA LYS D 117 27.32 3.07 -16.70
C LYS D 117 25.84 2.75 -16.43
N VAL D 118 25.26 3.36 -15.40
CA VAL D 118 23.81 3.24 -15.15
C VAL D 118 23.05 3.81 -16.35
N ARG D 119 23.40 5.05 -16.74
CA ARG D 119 22.87 5.77 -17.92
C ARG D 119 22.85 4.97 -19.21
N ARG D 120 23.99 4.37 -19.55
CA ARG D 120 24.13 3.55 -20.76
C ARG D 120 23.19 2.36 -20.76
N VAL D 121 23.03 1.71 -19.59
CA VAL D 121 22.14 0.59 -19.38
C VAL D 121 20.70 1.06 -19.59
N LEU D 122 20.34 2.12 -18.87
CA LEU D 122 19.05 2.79 -19.01
C LEU D 122 18.72 3.10 -20.47
N TYR D 123 19.66 3.72 -21.17
CA TYR D 123 19.50 4.14 -22.57
C TYR D 123 19.40 2.98 -23.57
N ALA D 124 20.18 1.92 -23.35
CA ALA D 124 20.06 0.71 -24.18
C ALA D 124 18.64 0.16 -24.09
N PHE D 125 18.11 0.16 -22.86
CA PHE D 125 16.79 -0.35 -22.59
C PHE D 125 15.68 0.58 -23.10
N ASN D 126 15.82 1.89 -22.86
CA ASN D 126 14.92 2.88 -23.47
C ASN D 126 14.80 2.75 -24.98
N TYR D 127 15.93 2.54 -25.65
CA TYR D 127 15.92 2.27 -27.09
C TYR D 127 15.09 1.05 -27.47
N GLY D 128 15.36 -0.09 -26.82
CA GLY D 128 14.79 -1.36 -27.29
C GLY D 128 13.42 -1.74 -26.78
N ASN D 129 13.07 -1.23 -25.61
CA ASN D 129 11.80 -1.56 -24.97
C ASN D 129 10.58 -1.40 -25.90
N PRO D 130 10.45 -0.22 -26.57
CA PRO D 130 9.29 0.01 -27.44
C PRO D 130 9.32 -0.86 -28.71
N LYS D 131 10.54 -1.19 -29.17
CA LYS D 131 10.68 -2.13 -30.28
C LYS D 131 10.12 -3.50 -29.92
N TYR D 132 10.40 -3.97 -28.71
CA TYR D 132 9.83 -5.25 -28.24
C TYR D 132 8.32 -5.20 -27.96
N LEU D 133 7.82 -4.04 -27.57
CA LEU D 133 6.38 -3.86 -27.39
C LEU D 133 5.65 -4.10 -28.74
N LEU D 134 6.25 -3.61 -29.83
CA LEU D 134 5.73 -3.82 -31.19
C LEU D 134 5.84 -5.26 -31.70
N LEU D 135 7.04 -5.85 -31.63
CA LEU D 135 7.19 -7.30 -31.91
C LEU D 135 6.17 -8.17 -31.16
N ILE D 136 6.12 -8.01 -29.83
CA ILE D 136 5.19 -8.75 -28.99
C ILE D 136 3.73 -8.53 -29.35
N THR D 137 3.36 -7.27 -29.64
CA THR D 137 2.01 -6.91 -30.08
C THR D 137 1.72 -7.54 -31.45
N ALA D 138 2.68 -7.48 -32.37
CA ALA D 138 2.53 -8.14 -33.69
C ALA D 138 2.29 -9.61 -33.48
N LEU D 139 3.13 -10.22 -32.64
CA LEU D 139 2.96 -11.63 -32.33
C LEU D 139 1.62 -11.92 -31.62
N SER D 140 1.23 -11.07 -30.67
CA SER D 140 0.04 -11.32 -29.88
C SER D 140 -1.27 -11.12 -30.71
N GLU D 141 -1.34 -10.07 -31.52
CA GLU D 141 -2.49 -9.86 -32.40
C GLU D 141 -2.75 -10.99 -33.43
N SER D 142 -1.70 -11.47 -34.07
CA SER D 142 -1.81 -12.56 -35.04
C SER D 142 -2.17 -13.91 -34.35
N MSE D 143 -1.51 -14.19 -33.23
CA MSE D 143 -1.91 -15.29 -32.35
C MSE D 143 -3.42 -15.30 -32.15
O MSE D 143 -4.07 -16.34 -32.20
CB MSE D 143 -1.22 -15.18 -30.99
CG MSE D 143 -1.46 -16.36 -30.05
SE MSE D 143 -0.91 -18.06 -30.89
CE MSE D 143 0.90 -17.53 -31.37
N GLN D 144 -3.98 -14.11 -31.94
CA GLN D 144 -5.39 -13.96 -31.64
C GLN D 144 -6.28 -13.71 -32.84
N MSE D 145 -5.75 -14.05 -34.02
CA MSE D 145 -6.51 -14.08 -35.25
C MSE D 145 -7.01 -12.70 -35.66
O MSE D 145 -8.09 -12.55 -36.24
CB MSE D 145 -7.70 -15.04 -35.10
CG MSE D 145 -7.31 -16.41 -34.63
SE MSE D 145 -6.38 -17.25 -36.07
CE MSE D 145 -7.92 -18.08 -36.99
N ARG D 146 -6.21 -11.69 -35.37
CA ARG D 146 -6.50 -10.35 -35.89
C ARG D 146 -5.45 -9.91 -36.93
N PRO D 147 -5.85 -9.00 -37.84
CA PRO D 147 -4.91 -8.57 -38.88
C PRO D 147 -3.69 -7.81 -38.36
N VAL D 148 -2.54 -8.15 -38.94
CA VAL D 148 -1.26 -7.54 -38.64
C VAL D 148 -0.55 -7.18 -39.94
N GLY D 149 -0.41 -5.88 -40.21
CA GLY D 149 0.30 -5.40 -41.37
C GLY D 149 -0.58 -5.26 -42.61
N GLY D 150 0.00 -5.50 -43.79
CA GLY D 150 -0.70 -5.40 -45.08
C GLY D 150 -1.07 -3.97 -45.45
N ALA D 151 -0.48 -2.98 -44.81
CA ALA D 151 -0.88 -1.59 -45.01
C ALA D 151 -0.19 -0.98 -46.22
N GLU D 152 -0.87 0.02 -46.80
CA GLU D 152 -0.33 0.83 -47.91
C GLU D 152 0.47 1.98 -47.34
N VAL D 153 1.79 1.95 -47.56
CA VAL D 153 2.68 2.96 -46.99
C VAL D 153 3.73 3.47 -47.99
N SER D 154 4.22 4.67 -47.75
CA SER D 154 5.20 5.31 -48.62
C SER D 154 6.50 4.50 -48.75
N SER D 155 7.19 4.63 -49.87
CA SER D 155 8.49 3.98 -50.05
C SER D 155 9.48 4.27 -48.89
N GLU D 156 9.47 5.51 -48.40
CA GLU D 156 10.39 5.95 -47.33
C GLU D 156 10.17 5.25 -45.97
N LEU D 157 8.92 4.97 -45.62
CA LEU D 157 8.59 4.16 -44.44
C LEU D 157 8.82 2.66 -44.67
N ARG D 158 8.85 2.24 -45.92
CA ARG D 158 9.12 0.85 -46.24
C ARG D 158 10.61 0.54 -46.20
N ALA D 159 11.44 1.58 -46.34
CA ALA D 159 12.90 1.39 -46.37
C ALA D 159 13.43 0.78 -45.08
N SER D 160 14.49 -0.01 -45.21
CA SER D 160 15.11 -0.72 -44.09
C SER D 160 16.21 0.10 -43.45
N ILE D 161 16.14 0.21 -42.14
CA ILE D 161 17.27 0.69 -41.35
C ILE D 161 18.39 -0.41 -41.34
N PRO D 162 19.68 0.00 -41.16
CA PRO D 162 20.78 -0.99 -41.08
C PRO D 162 20.81 -1.90 -39.81
N LYS D 163 21.22 -3.16 -39.97
CA LYS D 163 21.42 -4.07 -38.84
C LYS D 163 22.75 -3.79 -38.14
N GLY D 164 22.87 -4.28 -36.91
CA GLY D 164 24.09 -4.09 -36.13
C GLY D 164 23.77 -3.21 -34.94
N HIS D 165 24.78 -2.93 -34.14
CA HIS D 165 24.59 -2.11 -32.97
C HIS D 165 25.29 -0.77 -33.22
N PRO D 166 24.69 0.34 -32.72
CA PRO D 166 25.32 1.65 -32.83
C PRO D 166 26.56 1.81 -31.95
N LYS D 167 27.38 2.81 -32.28
CA LYS D 167 28.69 3.06 -31.68
C LYS D 167 28.72 3.14 -30.14
N GLY D 168 27.76 3.85 -29.55
CA GLY D 168 27.72 4.02 -28.09
C GLY D 168 27.06 2.87 -27.33
N MSE D 169 27.08 1.67 -27.91
CA MSE D 169 26.35 0.55 -27.35
C MSE D 169 27.17 -0.73 -27.38
O MSE D 169 27.71 -1.12 -28.43
CB MSE D 169 25.03 0.35 -28.11
CG MSE D 169 24.16 -0.79 -27.60
SE MSE D 169 22.66 -1.21 -28.80
CE MSE D 169 21.39 0.17 -28.28
N ASP D 170 27.29 -1.39 -26.24
CA ASP D 170 27.90 -2.71 -26.21
C ASP D 170 26.95 -3.73 -26.86
N PRO D 171 27.50 -4.65 -27.68
CA PRO D 171 26.69 -5.66 -28.38
C PRO D 171 25.88 -6.61 -27.47
N LEU D 172 26.32 -6.81 -26.23
CA LEU D 172 25.65 -7.73 -25.32
C LEU D 172 25.78 -7.29 -23.86
N LEU D 173 24.66 -6.86 -23.29
CA LEU D 173 24.58 -6.33 -21.92
C LEU D 173 24.54 -7.45 -20.88
N PRO D 174 25.31 -7.32 -19.77
CA PRO D 174 25.27 -8.40 -18.78
C PRO D 174 24.08 -8.31 -17.83
N LEU D 175 23.32 -9.39 -17.75
CA LEU D 175 22.15 -9.48 -16.89
C LEU D 175 22.44 -10.37 -15.70
N VAL D 176 22.06 -9.92 -14.51
CA VAL D 176 22.23 -10.76 -13.34
C VAL D 176 21.31 -12.00 -13.41
N ASP D 177 21.92 -13.20 -13.35
CA ASP D 177 21.18 -14.47 -13.24
C ASP D 177 20.68 -14.63 -11.81
N ALA D 178 19.35 -14.65 -11.63
CA ALA D 178 18.76 -14.73 -10.28
C ALA D 178 18.96 -16.11 -9.61
N THR D 179 19.08 -17.19 -10.39
CA THR D 179 19.39 -18.51 -9.85
C THR D 179 20.84 -18.62 -9.35
N LYS D 180 21.64 -17.57 -9.56
CA LYS D 180 23.01 -17.52 -9.07
C LYS D 180 23.24 -16.33 -8.13
N ALA D 181 22.20 -15.53 -7.92
CA ALA D 181 22.36 -14.32 -7.13
C ALA D 181 22.13 -14.58 -5.64
N SER D 182 22.80 -13.78 -4.82
CA SER D 182 22.60 -13.73 -3.38
C SER D 182 21.13 -13.49 -3.02
N THR D 183 20.81 -13.80 -1.77
CA THR D 183 19.48 -13.65 -1.20
C THR D 183 19.02 -12.18 -1.18
N GLU D 184 19.97 -11.26 -0.97
CA GLU D 184 19.75 -9.83 -1.15
C GLU D 184 19.19 -9.48 -2.52
N VAL D 185 19.88 -9.93 -3.55
CA VAL D 185 19.56 -9.58 -4.94
C VAL D 185 18.27 -10.23 -5.37
N GLN D 186 18.04 -11.48 -4.98
CA GLN D 186 16.78 -12.14 -5.32
C GLN D 186 15.62 -11.40 -4.64
N GLY D 187 15.86 -10.93 -3.42
CA GLY D 187 14.92 -10.07 -2.73
C GLY D 187 14.56 -8.80 -3.48
N LEU D 188 15.56 -8.10 -4.00
CA LEU D 188 15.35 -6.81 -4.66
C LEU D 188 14.63 -6.95 -6.00
N LEU D 189 14.99 -8.03 -6.71
CA LEU D 189 14.41 -8.37 -8.00
C LEU D 189 12.94 -8.71 -7.88
N LYS D 190 12.63 -9.46 -6.82
CA LYS D 190 11.28 -9.90 -6.51
C LYS D 190 10.43 -8.76 -5.92
N ARG D 191 11.06 -7.87 -5.15
CA ARG D 191 10.42 -6.60 -4.70
C ARG D 191 9.96 -5.71 -5.85
N VAL D 192 10.85 -5.45 -6.81
CA VAL D 192 10.55 -4.56 -7.95
C VAL D 192 9.46 -5.17 -8.87
N ALA D 193 9.56 -6.49 -9.11
CA ALA D 193 8.55 -7.26 -9.85
C ALA D 193 7.19 -7.22 -9.17
N ASP D 194 7.14 -7.57 -7.89
CA ASP D 194 5.88 -7.48 -7.10
C ASP D 194 5.27 -6.09 -7.08
N LEU D 195 6.10 -5.04 -7.00
CA LEU D 195 5.64 -3.65 -7.03
C LEU D 195 4.77 -3.33 -8.26
N HIS D 196 5.13 -3.89 -9.41
CA HIS D 196 4.42 -3.75 -10.68
C HIS D 196 3.33 -4.82 -10.80
N TYR D 197 3.34 -5.75 -9.85
CA TYR D 197 2.50 -6.93 -9.90
C TYR D 197 2.82 -7.72 -11.19
N HIS D 198 4.11 -7.96 -11.37
CA HIS D 198 4.66 -8.76 -12.46
C HIS D 198 4.95 -10.18 -11.97
N HIS D 199 5.15 -11.07 -12.94
CA HIS D 199 5.34 -12.50 -12.71
C HIS D 199 6.84 -12.82 -12.50
N GLY D 200 7.69 -11.84 -12.83
CA GLY D 200 9.13 -12.01 -12.73
C GLY D 200 9.78 -10.70 -13.11
N PRO D 201 11.07 -10.52 -12.77
CA PRO D 201 11.80 -9.29 -13.09
C PRO D 201 12.10 -9.08 -14.57
N ALA D 202 11.95 -7.84 -15.00
CA ALA D 202 12.39 -7.37 -16.33
C ALA D 202 13.91 -7.51 -16.47
N SER D 203 14.40 -7.77 -17.67
CA SER D 203 15.83 -7.72 -17.95
C SER D 203 16.41 -6.40 -17.42
N ASP D 204 15.60 -5.34 -17.49
CA ASP D 204 16.03 -4.00 -17.04
C ASP D 204 16.51 -3.99 -15.60
N PHE D 205 15.74 -4.62 -14.72
CA PHE D 205 16.10 -4.80 -13.33
C PHE D 205 17.24 -5.82 -13.10
N GLN D 206 17.34 -6.84 -13.95
CA GLN D 206 18.52 -7.73 -13.96
C GLN D 206 19.81 -6.97 -14.25
N ALA D 207 19.74 -6.04 -15.19
CA ALA D 207 20.87 -5.26 -15.61
C ALA D 207 21.24 -4.27 -14.52
N LEU D 208 20.26 -3.55 -14.00
CA LEU D 208 20.48 -2.64 -12.87
C LEU D 208 20.99 -3.39 -11.63
N ALA D 209 20.64 -4.66 -11.52
CA ALA D 209 21.10 -5.51 -10.40
C ALA D 209 22.63 -5.66 -10.36
N ASN D 210 23.33 -5.23 -11.41
CA ASN D 210 24.80 -5.20 -11.40
C ASN D 210 25.27 -4.20 -10.30
N TRP D 211 24.41 -3.23 -9.99
CA TRP D 211 24.62 -2.26 -8.91
C TRP D 211 23.40 -2.30 -7.99
N PRO D 212 23.38 -3.23 -7.03
CA PRO D 212 22.26 -3.47 -6.10
C PRO D 212 21.75 -2.23 -5.36
N LYS D 213 22.62 -1.31 -5.00
CA LYS D 213 22.21 -0.09 -4.31
C LYS D 213 21.37 0.75 -5.29
N VAL D 214 21.82 0.81 -6.55
CA VAL D 214 21.09 1.50 -7.62
C VAL D 214 19.67 0.92 -7.85
N LEU D 215 19.55 -0.40 -7.84
CA LEU D 215 18.24 -1.06 -7.96
C LEU D 215 17.32 -0.72 -6.79
N GLN D 216 17.84 -0.94 -5.59
CA GLN D 216 17.16 -0.55 -4.36
C GLN D 216 16.62 0.89 -4.35
N ILE D 217 17.46 1.84 -4.77
CA ILE D 217 17.09 3.25 -4.80
C ILE D 217 15.97 3.53 -5.82
N VAL D 218 16.17 3.15 -7.07
CA VAL D 218 15.16 3.40 -8.11
C VAL D 218 13.84 2.68 -7.83
N THR D 219 13.89 1.55 -7.12
CA THR D 219 12.67 0.83 -6.73
C THR D 219 11.94 1.50 -5.57
N ASP D 220 12.64 1.72 -4.45
CA ASP D 220 12.01 2.25 -3.24
C ASP D 220 11.67 3.74 -3.34
N GLU D 221 12.52 4.49 -4.01
CA GLU D 221 12.44 5.96 -4.00
C GLU D 221 11.92 6.55 -5.29
N VAL D 222 12.25 5.94 -6.42
CA VAL D 222 11.76 6.43 -7.72
C VAL D 222 10.45 5.72 -8.12
N LEU D 223 10.44 4.39 -8.16
CA LEU D 223 9.27 3.67 -8.74
C LEU D 223 8.12 3.41 -7.79
N ALA D 224 8.39 3.23 -6.49
CA ALA D 224 7.29 2.96 -5.55
C ALA D 224 6.18 4.01 -5.56
N PRO D 225 6.53 5.31 -5.52
CA PRO D 225 5.44 6.31 -5.63
C PRO D 225 4.69 6.34 -6.95
N VAL D 226 5.25 5.77 -8.03
CA VAL D 226 4.59 5.86 -9.34
C VAL D 226 4.01 4.56 -9.89
N ALA D 227 4.74 3.45 -9.76
CA ALA D 227 4.30 2.17 -10.33
C ALA D 227 2.91 1.83 -9.83
N ARG D 228 2.08 1.29 -10.71
CA ARG D 228 0.70 0.89 -10.40
C ARG D 228 -0.29 1.98 -9.95
N THR D 229 0.08 3.26 -10.06
CA THR D 229 -0.88 4.32 -9.78
C THR D 229 -1.78 4.47 -10.98
N GLU D 230 -2.95 5.07 -10.76
CA GLU D 230 -3.95 5.25 -11.81
C GLU D 230 -3.39 5.91 -13.07
N GLN D 231 -2.55 6.94 -12.90
CA GLN D 231 -1.93 7.63 -14.04
C GLN D 231 -0.98 6.71 -14.78
N TYR D 232 -0.21 5.93 -14.01
CA TYR D 232 0.65 4.88 -14.53
C TYR D 232 -0.10 3.78 -15.31
N ASP D 233 -1.19 3.25 -14.75
CA ASP D 233 -1.98 2.25 -15.48
C ASP D 233 -2.58 2.78 -16.78
N ALA D 234 -3.07 4.02 -16.73
CA ALA D 234 -3.58 4.73 -17.89
C ALA D 234 -2.53 4.93 -18.97
N LYS D 235 -1.30 5.19 -18.55
CA LYS D 235 -0.19 5.32 -19.49
C LYS D 235 0.14 3.96 -20.14
N SER D 236 0.04 2.91 -19.35
CA SER D 236 0.25 1.55 -19.85
C SER D 236 -0.83 1.10 -20.86
N ARG D 237 -2.09 1.39 -20.58
CA ARG D 237 -3.18 1.15 -21.54
C ARG D 237 -2.94 1.95 -22.79
N GLU D 238 -2.35 3.13 -22.65
CA GLU D 238 -2.09 4.00 -23.79
C GLU D 238 -1.06 3.39 -24.74
N LEU D 239 0.05 2.89 -24.20
CA LEU D 239 1.10 2.25 -24.97
C LEU D 239 0.59 0.96 -25.60
N VAL D 240 -0.13 0.16 -24.82
CA VAL D 240 -0.73 -1.10 -25.29
C VAL D 240 -1.66 -0.89 -26.49
N THR D 241 -2.68 -0.06 -26.30
CA THR D 241 -3.58 0.37 -27.39
C THR D 241 -2.81 0.93 -28.58
N ARG D 242 -2.00 1.95 -28.34
CA ARG D 242 -1.21 2.55 -29.41
C ARG D 242 -0.33 1.56 -30.19
N ALA D 243 0.44 0.73 -29.47
CA ALA D 243 1.23 -0.35 -30.08
C ALA D 243 0.38 -1.24 -30.97
N ARG D 244 -0.87 -1.48 -30.57
CA ARG D 244 -1.83 -2.29 -31.34
C ARG D 244 -2.19 -1.68 -32.70
N GLU D 245 -2.53 -0.40 -32.72
CA GLU D 245 -2.79 0.34 -33.95
C GLU D 245 -1.60 0.35 -34.89
N LEU D 246 -0.44 0.70 -34.34
CA LEU D 246 0.79 0.76 -35.11
C LEU D 246 1.12 -0.57 -35.78
N VAL D 247 0.90 -1.68 -35.08
CA VAL D 247 1.14 -3.00 -35.65
C VAL D 247 0.11 -3.37 -36.75
N ARG D 248 -1.10 -2.81 -36.65
CA ARG D 248 -2.14 -2.94 -37.65
C ARG D 248 -1.72 -2.18 -38.91
N GLY D 249 -0.87 -1.16 -38.73
CA GLY D 249 -0.48 -0.30 -39.83
C GLY D 249 0.85 -0.63 -40.46
N LEU D 250 1.49 -1.70 -40.00
CA LEU D 250 2.78 -2.09 -40.53
C LEU D 250 2.71 -2.37 -42.04
N PRO D 251 3.80 -2.04 -42.78
CA PRO D 251 3.94 -2.59 -44.13
C PRO D 251 4.29 -4.09 -44.08
N GLY D 252 3.69 -4.88 -44.96
CA GLY D 252 3.99 -6.31 -45.07
C GLY D 252 3.26 -7.13 -44.03
N SER D 253 3.89 -8.23 -43.61
CA SER D 253 3.30 -9.09 -42.60
C SER D 253 4.26 -9.33 -41.44
N ALA D 254 3.66 -9.61 -40.28
CA ALA D 254 4.39 -9.94 -39.08
C ALA D 254 3.55 -10.93 -38.26
N GLY D 255 4.18 -11.58 -37.30
CA GLY D 255 3.48 -12.57 -36.51
C GLY D 255 3.20 -13.86 -37.26
N VAL D 256 2.43 -14.73 -36.60
CA VAL D 256 1.96 -16.03 -37.15
C VAL D 256 0.54 -16.22 -36.62
N GLN D 257 -0.41 -16.47 -37.51
CA GLN D 257 -1.81 -16.67 -37.12
C GLN D 257 -1.88 -18.03 -36.45
N ARG D 258 -2.71 -18.13 -35.41
CA ARG D 258 -2.82 -19.31 -34.57
C ARG D 258 -3.21 -20.60 -35.34
N SER D 259 -3.88 -20.42 -36.46
CA SER D 259 -4.32 -21.51 -37.33
C SER D 259 -3.16 -22.18 -38.07
N GLU D 260 -2.09 -21.42 -38.31
CA GLU D 260 -0.89 -21.95 -38.94
C GLU D 260 -0.03 -22.79 -37.98
N LEU D 261 -0.36 -22.78 -36.69
CA LEU D 261 0.49 -23.38 -35.68
C LEU D 261 -0.01 -24.73 -35.16
N MSE D 262 -1.24 -25.11 -35.52
CA MSE D 262 -1.93 -26.25 -34.90
C MSE D 262 -1.25 -27.60 -35.11
O MSE D 262 -1.42 -28.52 -34.30
CB MSE D 262 -3.39 -26.30 -35.31
CG MSE D 262 -3.98 -24.93 -35.57
SE MSE D 262 -5.67 -24.56 -34.65
CE MSE D 262 -5.00 -23.69 -33.02
N SER D 263 -0.50 -27.72 -36.20
CA SER D 263 0.33 -28.89 -36.46
C SER D 263 1.60 -28.89 -35.61
N MSE D 264 2.06 -27.68 -35.28
CA MSE D 264 3.32 -27.49 -34.56
C MSE D 264 3.21 -27.53 -33.02
O MSE D 264 4.16 -27.99 -32.35
CB MSE D 264 3.98 -26.19 -35.02
CG MSE D 264 5.40 -25.97 -34.50
SE MSE D 264 6.00 -24.13 -34.75
CE MSE D 264 4.92 -23.24 -33.40
N LEU D 265 2.12 -27.03 -32.48
CA LEU D 265 1.91 -26.98 -31.02
C LEU D 265 0.61 -27.63 -30.63
N THR D 266 0.51 -28.00 -29.35
CA THR D 266 -0.69 -28.61 -28.77
C THR D 266 -1.71 -27.55 -28.31
N PRO D 267 -3.00 -27.93 -28.20
CA PRO D 267 -4.03 -27.07 -27.61
C PRO D 267 -3.54 -26.34 -26.35
N ASN D 268 -2.89 -27.11 -25.49
CA ASN D 268 -2.23 -26.57 -24.34
C ASN D 268 -1.15 -25.53 -24.67
N GLU D 269 -0.19 -25.90 -25.51
CA GLU D 269 0.90 -24.98 -25.85
C GLU D 269 0.36 -23.70 -26.51
N LEU D 270 -0.77 -23.80 -27.22
CA LEU D 270 -1.41 -22.65 -27.90
C LEU D 270 -2.15 -21.71 -26.92
N ALA D 271 -2.80 -22.28 -25.92
CA ALA D 271 -3.46 -21.50 -24.86
C ALA D 271 -2.42 -20.80 -23.99
N GLY D 272 -1.31 -21.48 -23.71
CA GLY D 272 -0.22 -20.86 -22.92
C GLY D 272 0.48 -19.75 -23.68
N LEU D 273 0.66 -19.99 -24.97
CA LEU D 273 1.25 -19.03 -25.85
C LEU D 273 0.43 -17.73 -25.99
N THR D 274 -0.87 -17.91 -26.11
CA THR D 274 -1.83 -16.80 -26.17
C THR D 274 -1.76 -15.96 -24.89
N GLY D 275 -1.64 -16.65 -23.74
CA GLY D 275 -1.57 -16.06 -22.39
C GLY D 275 -0.29 -15.31 -22.12
N VAL D 276 0.85 -15.94 -22.45
CA VAL D 276 2.19 -15.32 -22.41
C VAL D 276 2.30 -14.01 -23.22
N LEU D 277 1.87 -14.05 -24.48
CA LEU D 277 1.86 -12.88 -25.38
C LEU D 277 0.94 -11.74 -24.90
N PHE D 278 -0.26 -12.08 -24.42
CA PHE D 278 -1.18 -11.12 -23.81
C PHE D 278 -0.52 -10.43 -22.62
N MSE D 279 0.10 -11.23 -21.78
CA MSE D 279 0.75 -10.75 -20.59
C MSE D 279 1.95 -9.84 -20.86
O MSE D 279 2.16 -8.85 -20.16
CB MSE D 279 1.20 -11.94 -19.78
CG MSE D 279 2.03 -11.53 -18.61
SE MSE D 279 2.10 -12.96 -17.34
CE MSE D 279 3.33 -14.18 -18.29
N TYR D 280 2.72 -10.19 -21.87
CA TYR D 280 3.90 -9.42 -22.17
C TYR D 280 3.60 -8.07 -22.85
N GLN D 281 2.51 -7.95 -23.61
CA GLN D 281 2.09 -6.62 -24.08
C GLN D 281 2.06 -5.63 -22.94
N ARG D 282 1.50 -6.06 -21.80
CA ARG D 282 1.32 -5.21 -20.63
C ARG D 282 2.62 -5.06 -19.87
N PHE D 283 3.27 -6.20 -19.59
CA PHE D 283 4.58 -6.26 -18.94
C PHE D 283 5.53 -5.25 -19.54
N ILE D 284 5.69 -5.29 -20.86
CA ILE D 284 6.60 -4.43 -21.63
C ILE D 284 6.15 -2.96 -21.67
N ALA D 285 4.85 -2.71 -21.76
CA ALA D 285 4.35 -1.32 -21.60
C ALA D 285 4.75 -0.76 -20.24
N ASP D 286 4.51 -1.54 -19.17
CA ASP D 286 4.85 -1.14 -17.80
C ASP D 286 6.30 -0.81 -17.68
N ILE D 287 7.18 -1.68 -18.17
CA ILE D 287 8.63 -1.49 -18.06
C ILE D 287 9.15 -0.37 -18.96
N THR D 288 8.60 -0.23 -20.16
CA THR D 288 8.92 0.91 -21.00
C THR D 288 8.67 2.16 -20.15
N ILE D 289 7.46 2.26 -19.59
CA ILE D 289 7.15 3.42 -18.73
C ILE D 289 8.12 3.57 -17.55
N SER D 290 8.38 2.49 -16.82
CA SER D 290 9.08 2.57 -15.53
C SER D 290 10.53 3.04 -15.67
N ILE D 291 11.18 2.60 -16.75
CA ILE D 291 12.61 2.83 -16.97
C ILE D 291 12.87 4.21 -17.61
N ILE D 292 11.93 4.65 -18.44
CA ILE D 292 11.92 6.02 -18.97
C ILE D 292 11.68 7.03 -17.83
N HIS D 293 10.98 6.62 -16.78
CA HIS D 293 10.76 7.47 -15.61
C HIS D 293 12.04 7.62 -14.77
N ILE D 294 12.74 6.51 -14.59
CA ILE D 294 14.02 6.52 -13.91
C ILE D 294 14.96 7.41 -14.70
N THR D 295 14.93 7.27 -16.02
CA THR D 295 15.74 8.11 -16.91
C THR D 295 15.39 9.60 -16.77
N GLU D 296 14.11 9.89 -16.59
CA GLU D 296 13.68 11.26 -16.50
C GLU D 296 14.19 11.90 -15.20
N CYS D 297 14.01 11.17 -14.11
CA CYS D 297 14.59 11.51 -12.82
C CYS D 297 16.09 11.80 -12.88
N LEU D 298 16.81 11.13 -13.78
CA LEU D 298 18.28 11.30 -13.91
C LEU D 298 18.66 12.45 -14.85
N ASP D 299 18.02 12.52 -16.00
CA ASP D 299 18.48 13.37 -17.09
C ASP D 299 17.43 14.33 -17.64
N GLY D 300 16.20 14.29 -17.11
CA GLY D 300 15.09 15.09 -17.66
C GLY D 300 14.35 14.50 -18.86
N ALA D 301 13.21 15.13 -19.17
CA ALA D 301 12.19 14.61 -20.09
C ALA D 301 12.69 14.41 -21.53
N GLU D 302 13.53 15.35 -21.94
CA GLU D 302 14.05 15.45 -23.29
C GLU D 302 14.97 14.26 -23.61
N ALA D 303 15.94 14.00 -22.74
CA ALA D 303 16.85 12.88 -22.91
C ALA D 303 16.15 11.53 -22.73
N ALA D 304 15.23 11.49 -21.76
CA ALA D 304 14.43 10.30 -21.48
C ALA D 304 13.51 9.82 -22.62
N SER D 305 13.04 10.74 -23.47
CA SER D 305 12.00 10.43 -24.50
C SER D 305 12.44 10.36 -25.97
N LYS D 306 13.53 11.03 -26.31
CA LYS D 306 14.11 10.90 -27.65
C LYS D 306 14.98 9.62 -27.74
N SER D 307 15.27 9.19 -28.96
CA SER D 307 15.94 7.92 -29.20
C SER D 307 17.40 8.06 -28.80
N PRO D 308 17.87 7.25 -27.83
CA PRO D 308 19.26 7.44 -27.44
C PRO D 308 20.25 7.04 -28.57
N PHE D 309 19.76 6.29 -29.58
CA PHE D 309 20.55 5.93 -30.77
C PHE D 309 19.75 6.13 -32.06
N PRO D 310 19.71 7.40 -32.55
CA PRO D 310 19.04 7.78 -33.80
C PRO D 310 19.62 7.06 -35.02
N ILE D 311 18.74 6.57 -35.88
CA ILE D 311 19.14 5.85 -37.09
C ILE D 311 18.14 6.11 -38.22
S SO4 E . -12.79 12.79 17.17
O1 SO4 E . -13.50 13.35 16.01
O2 SO4 E . -11.78 13.73 17.65
O3 SO4 E . -13.75 12.52 18.23
O4 SO4 E . -12.12 11.53 16.83
S SO4 F . 6.50 27.68 15.94
O1 SO4 F . 6.45 29.10 16.29
O2 SO4 F . 7.73 27.10 16.50
O3 SO4 F . 5.35 27.04 16.54
O4 SO4 F . 6.45 27.49 14.50
S SO4 G . -8.60 29.33 37.17
O1 SO4 G . -9.72 28.43 37.45
O2 SO4 G . -8.89 30.66 37.72
O3 SO4 G . -7.38 28.79 37.78
O4 SO4 G . -8.43 29.44 35.73
S SO4 H . -15.06 1.71 33.74
O1 SO4 H . -14.16 0.91 32.92
O2 SO4 H . -14.43 2.05 35.01
O3 SO4 H . -15.41 2.93 33.00
O4 SO4 H . -16.26 0.93 34.02
S SO4 I . 16.91 8.19 25.03
O1 SO4 I . 18.24 7.93 24.48
O2 SO4 I . 16.97 7.85 26.45
O3 SO4 I . 16.56 9.60 24.90
O4 SO4 I . 15.94 7.36 24.33
S SO4 J . 34.56 28.81 19.32
O1 SO4 J . 35.21 29.95 18.66
O2 SO4 J . 34.70 28.90 20.77
O3 SO4 J . 33.13 28.77 19.06
O4 SO4 J . 35.24 27.62 18.82
S SO4 K . 2.43 -3.70 9.00
O1 SO4 K . 1.15 -4.05 8.38
O2 SO4 K . 3.19 -2.78 8.13
O3 SO4 K . 2.17 -3.02 10.26
O4 SO4 K . 3.23 -4.89 9.23
S SO4 L . -16.62 -17.22 -18.95
O1 SO4 L . -16.35 -16.71 -20.29
O2 SO4 L . -15.55 -16.83 -18.03
O3 SO4 L . -17.82 -16.66 -18.37
O4 SO4 L . -16.70 -18.66 -19.09
S SO4 M . -34.99 -5.10 -35.97
O1 SO4 M . -35.22 -4.07 -36.99
O2 SO4 M . -33.59 -5.06 -35.59
O3 SO4 M . -35.84 -4.77 -34.84
O4 SO4 M . -35.35 -6.44 -36.41
S SO4 N . -15.75 -13.59 15.91
O1 SO4 N . -15.62 -12.66 17.03
O2 SO4 N . -17.17 -13.74 15.60
O3 SO4 N . -15.03 -13.05 14.75
O4 SO4 N . -15.19 -14.88 16.25
S SO4 O . -1.98 -5.98 -2.26
O1 SO4 O . -2.63 -4.77 -1.75
O2 SO4 O . -0.61 -6.09 -1.72
O3 SO4 O . -2.77 -7.14 -1.89
O4 SO4 O . -1.95 -5.90 -3.70
S SO4 P . 12.55 -7.26 -20.95
O1 SO4 P . 11.44 -7.39 -21.89
O2 SO4 P . 13.50 -8.32 -21.19
O3 SO4 P . 13.21 -5.96 -21.11
O4 SO4 P . 12.01 -7.40 -19.59
S SO4 Q . 8.34 -20.23 -43.62
O1 SO4 Q . 7.35 -20.32 -44.70
O2 SO4 Q . 9.65 -20.58 -44.14
O3 SO4 Q . 8.37 -18.86 -43.10
O4 SO4 Q . 7.95 -21.17 -42.56
S SO4 R . -7.31 -1.35 -34.08
O1 SO4 R . -6.40 -1.59 -35.21
O2 SO4 R . -6.53 -1.64 -32.88
O3 SO4 R . -7.77 0.04 -34.07
O4 SO4 R . -8.49 -2.23 -34.15
S SO4 S . 26.55 4.73 -35.82
O1 SO4 S . 25.14 4.54 -36.10
O2 SO4 S . 26.69 4.95 -34.39
O3 SO4 S . 27.32 3.53 -36.22
O4 SO4 S . 27.06 5.91 -36.53
S SO4 T . 15.66 -26.34 -16.70
O1 SO4 T . 14.74 -26.52 -15.58
O2 SO4 T . 15.24 -27.14 -17.85
O3 SO4 T . 15.71 -24.92 -17.09
O4 SO4 T . 16.98 -26.81 -16.30
#